data_1X5G
#
_entry.id   1X5G
#
_entity_poly.entity_id   1
_entity_poly.type   'polypeptide(L)'
_entity_poly.pdbx_seq_one_letter_code
;GSSGSSGRVETQPEVQLPGPAPNLRAYAASPTSITVTWETPVSGNGEIQNYKLYYMEKGTDKEQDVDVSSHSYTINGLKK
YTEYSFRVVAYNKHGPGVSTPDVAVRTLSDSGPSSG
;
_entity_poly.pdbx_strand_id   A
#
# COMPACT_ATOMS: atom_id res chain seq x y z
N GLY A 1 13.75 -3.24 4.76
CA GLY A 1 12.68 -2.79 5.63
C GLY A 1 13.19 -1.95 6.79
N SER A 2 13.43 -0.66 6.54
CA SER A 2 13.93 0.24 7.57
C SER A 2 12.79 1.01 8.21
N SER A 3 12.30 0.52 9.34
CA SER A 3 11.21 1.16 10.05
C SER A 3 11.73 2.11 11.11
N GLY A 4 11.01 3.21 11.33
CA GLY A 4 11.42 4.20 12.33
C GLY A 4 10.64 5.48 12.22
N SER A 5 10.38 5.92 10.99
CA SER A 5 9.63 7.16 10.76
C SER A 5 8.55 7.35 11.83
N SER A 6 8.76 8.32 12.71
CA SER A 6 7.80 8.60 13.77
C SER A 6 7.27 10.03 13.67
N GLY A 7 6.30 10.35 14.52
CA GLY A 7 5.72 11.68 14.50
C GLY A 7 5.88 12.40 15.84
N ARG A 8 6.18 13.69 15.78
CA ARG A 8 6.37 14.48 17.00
C ARG A 8 5.04 15.09 17.45
N VAL A 9 4.19 14.26 18.04
CA VAL A 9 2.89 14.71 18.52
C VAL A 9 2.65 14.29 19.96
N GLU A 10 2.46 15.26 20.85
CA GLU A 10 2.24 14.99 22.25
C GLU A 10 0.77 14.68 22.52
N THR A 11 0.13 13.97 21.59
CA THR A 11 -1.27 13.62 21.72
C THR A 11 -1.54 12.23 21.14
N GLN A 12 -2.80 11.80 21.21
CA GLN A 12 -3.18 10.49 20.70
C GLN A 12 -4.47 10.57 19.89
N PRO A 13 -4.57 9.76 18.83
CA PRO A 13 -5.74 9.73 17.96
C PRO A 13 -6.96 9.13 18.65
N GLU A 14 -7.96 8.75 17.86
CA GLU A 14 -9.18 8.17 18.40
C GLU A 14 -8.86 6.99 19.32
N VAL A 15 -9.90 6.33 19.82
CA VAL A 15 -9.74 5.19 20.70
C VAL A 15 -10.36 3.93 20.11
N GLN A 16 -11.08 4.11 19.01
CA GLN A 16 -11.74 2.98 18.34
C GLN A 16 -11.40 2.97 16.85
N LEU A 17 -10.19 2.54 16.53
CA LEU A 17 -9.75 2.48 15.13
C LEU A 17 -9.34 1.06 14.75
N PRO A 18 -9.32 0.78 13.45
CA PRO A 18 -8.94 -0.53 12.92
C PRO A 18 -7.46 -0.84 13.10
N GLY A 19 -7.11 -2.11 13.02
CA GLY A 19 -5.72 -2.50 13.17
C GLY A 19 -5.03 -2.76 11.85
N PRO A 20 -3.72 -3.07 11.90
CA PRO A 20 -2.93 -3.34 10.70
C PRO A 20 -3.31 -4.66 10.04
N ALA A 21 -3.53 -4.63 8.73
CA ALA A 21 -3.90 -5.83 7.99
C ALA A 21 -2.74 -6.82 7.93
N PRO A 22 -2.92 -7.97 8.59
CA PRO A 22 -1.89 -9.03 8.62
C PRO A 22 -1.71 -9.71 7.27
N ASN A 23 -0.84 -10.70 7.23
CA ASN A 23 -0.57 -11.44 6.00
C ASN A 23 -0.45 -10.49 4.82
N LEU A 24 0.39 -9.47 4.97
CA LEU A 24 0.59 -8.48 3.92
C LEU A 24 1.74 -8.91 2.98
N ARG A 25 1.37 -9.41 1.82
CA ARG A 25 2.36 -9.86 0.84
C ARG A 25 2.29 -9.02 -0.43
N ALA A 26 3.39 -8.99 -1.18
CA ALA A 26 3.45 -8.23 -2.42
C ALA A 26 4.45 -8.84 -3.40
N TYR A 27 3.98 -9.10 -4.61
CA TYR A 27 4.83 -9.69 -5.64
C TYR A 27 4.54 -9.08 -7.00
N ALA A 28 5.60 -8.87 -7.79
CA ALA A 28 5.45 -8.28 -9.12
C ALA A 28 4.97 -9.33 -10.12
N ALA A 29 3.68 -9.29 -10.43
CA ALA A 29 3.09 -10.23 -11.37
C ALA A 29 3.56 -9.95 -12.80
N SER A 30 4.01 -8.73 -13.04
CA SER A 30 4.48 -8.32 -14.35
C SER A 30 5.44 -7.14 -14.26
N PRO A 31 6.23 -6.93 -15.31
CA PRO A 31 7.21 -5.83 -15.37
C PRO A 31 6.53 -4.47 -15.48
N THR A 32 5.21 -4.47 -15.59
CA THR A 32 4.45 -3.23 -15.70
C THR A 32 3.28 -3.21 -14.73
N SER A 33 3.16 -4.27 -13.93
CA SER A 33 2.09 -4.37 -12.95
C SER A 33 2.59 -5.00 -11.65
N ILE A 34 1.77 -4.95 -10.61
CA ILE A 34 2.13 -5.51 -9.32
C ILE A 34 0.89 -5.99 -8.56
N THR A 35 0.97 -7.19 -8.00
CA THR A 35 -0.14 -7.75 -7.25
C THR A 35 0.13 -7.70 -5.75
N VAL A 36 -0.85 -7.19 -5.00
CA VAL A 36 -0.72 -7.09 -3.55
C VAL A 36 -1.87 -7.82 -2.84
N THR A 37 -1.51 -8.69 -1.91
CA THR A 37 -2.50 -9.46 -1.16
C THR A 37 -2.35 -9.24 0.34
N TRP A 38 -3.45 -8.95 1.01
CA TRP A 38 -3.43 -8.72 2.45
C TRP A 38 -4.64 -9.37 3.12
N GLU A 39 -4.60 -9.46 4.45
CA GLU A 39 -5.69 -10.05 5.20
C GLU A 39 -6.33 -9.03 6.13
N THR A 40 -7.52 -9.37 6.64
CA THR A 40 -8.24 -8.48 7.54
C THR A 40 -7.78 -8.65 8.98
N PRO A 41 -7.65 -7.53 9.70
CA PRO A 41 -7.21 -7.54 11.10
C PRO A 41 -8.27 -8.11 12.03
N VAL A 42 -7.86 -9.02 12.91
CA VAL A 42 -8.76 -9.66 13.86
C VAL A 42 -9.33 -8.63 14.84
N SER A 43 -8.64 -7.49 14.95
CA SER A 43 -9.07 -6.44 15.86
C SER A 43 -9.68 -5.27 15.10
N GLY A 44 -10.82 -4.78 15.58
CA GLY A 44 -11.49 -3.67 14.92
C GLY A 44 -12.94 -3.56 15.30
N ASN A 45 -13.51 -2.37 15.13
CA ASN A 45 -14.91 -2.13 15.46
C ASN A 45 -15.79 -2.32 14.25
N GLY A 46 -16.79 -3.19 14.37
CA GLY A 46 -17.70 -3.44 13.26
C GLY A 46 -17.00 -4.04 12.06
N GLU A 47 -17.16 -3.41 10.90
CA GLU A 47 -16.53 -3.89 9.68
C GLU A 47 -15.87 -2.74 8.92
N ILE A 48 -14.84 -3.07 8.16
CA ILE A 48 -14.12 -2.07 7.38
C ILE A 48 -14.90 -1.67 6.13
N GLN A 49 -15.25 -0.40 6.04
CA GLN A 49 -16.00 0.12 4.90
C GLN A 49 -15.29 -0.21 3.59
N ASN A 50 -14.05 0.25 3.47
CA ASN A 50 -13.25 0.01 2.26
C ASN A 50 -11.77 -0.05 2.60
N TYR A 51 -11.02 -0.81 1.80
CA TYR A 51 -9.58 -0.95 2.01
C TYR A 51 -8.81 0.01 1.13
N LYS A 52 -8.00 0.86 1.75
CA LYS A 52 -7.19 1.82 1.01
C LYS A 52 -5.81 1.27 0.71
N LEU A 53 -5.51 1.09 -0.58
CA LEU A 53 -4.21 0.57 -1.00
C LEU A 53 -3.35 1.67 -1.61
N TYR A 54 -2.31 2.07 -0.87
CA TYR A 54 -1.41 3.11 -1.34
C TYR A 54 -0.30 2.53 -2.22
N TYR A 55 0.25 3.35 -3.09
CA TYR A 55 1.31 2.92 -4.00
C TYR A 55 2.09 4.11 -4.52
N MET A 56 3.43 4.01 -4.48
CA MET A 56 4.29 5.06 -4.95
C MET A 56 5.66 4.52 -5.36
N GLU A 57 6.39 5.30 -6.14
CA GLU A 57 7.72 4.89 -6.60
C GLU A 57 8.80 5.36 -5.64
N LYS A 58 9.72 4.46 -5.31
CA LYS A 58 10.81 4.79 -4.39
C LYS A 58 11.59 6.01 -4.89
N GLY A 59 11.30 7.17 -4.30
CA GLY A 59 11.98 8.38 -4.70
C GLY A 59 11.06 9.38 -5.37
N THR A 60 9.81 9.45 -4.88
CA THR A 60 8.82 10.37 -5.45
C THR A 60 8.22 11.25 -4.36
N ASP A 61 8.22 10.74 -3.12
CA ASP A 61 7.67 11.50 -2.00
C ASP A 61 6.24 11.95 -2.29
N LYS A 62 5.57 11.22 -3.18
CA LYS A 62 4.19 11.55 -3.55
C LYS A 62 3.31 10.30 -3.50
N GLU A 63 3.05 9.82 -2.29
CA GLU A 63 2.21 8.64 -2.11
C GLU A 63 0.80 8.88 -2.64
N GLN A 64 0.13 7.81 -3.05
CA GLN A 64 -1.22 7.91 -3.58
C GLN A 64 -2.18 6.99 -2.81
N ASP A 65 -3.41 6.92 -3.28
CA ASP A 65 -4.42 6.08 -2.64
C ASP A 65 -5.47 5.63 -3.65
N VAL A 66 -5.84 4.35 -3.60
CA VAL A 66 -6.84 3.80 -4.50
C VAL A 66 -7.92 3.06 -3.73
N ASP A 67 -9.17 3.27 -4.14
CA ASP A 67 -10.30 2.61 -3.49
C ASP A 67 -10.34 1.12 -3.82
N VAL A 68 -10.34 0.28 -2.78
CA VAL A 68 -10.37 -1.16 -2.97
C VAL A 68 -11.22 -1.83 -1.89
N SER A 69 -12.03 -2.79 -2.30
CA SER A 69 -12.89 -3.51 -1.37
C SER A 69 -12.67 -5.02 -1.47
N SER A 70 -11.42 -5.41 -1.65
CA SER A 70 -11.08 -6.83 -1.76
C SER A 70 -9.74 -7.12 -1.08
N HIS A 71 -9.43 -8.40 -0.93
CA HIS A 71 -8.18 -8.82 -0.30
C HIS A 71 -7.10 -9.08 -1.33
N SER A 72 -7.23 -8.46 -2.50
CA SER A 72 -6.27 -8.63 -3.58
C SER A 72 -6.51 -7.62 -4.69
N TYR A 73 -5.51 -6.79 -4.97
CA TYR A 73 -5.61 -5.77 -6.00
C TYR A 73 -4.35 -5.74 -6.87
N THR A 74 -4.53 -5.46 -8.15
CA THR A 74 -3.40 -5.41 -9.08
C THR A 74 -3.22 -4.00 -9.63
N ILE A 75 -2.02 -3.45 -9.48
CA ILE A 75 -1.72 -2.11 -9.97
C ILE A 75 -0.91 -2.17 -11.26
N ASN A 76 -1.55 -1.84 -12.37
CA ASN A 76 -0.90 -1.85 -13.67
C ASN A 76 -0.38 -0.46 -14.03
N GLY A 77 0.24 -0.35 -15.20
CA GLY A 77 0.78 0.93 -15.64
C GLY A 77 1.98 1.37 -14.83
N LEU A 78 2.96 0.48 -14.71
CA LEU A 78 4.18 0.79 -13.95
C LEU A 78 5.42 0.55 -14.80
N LYS A 79 6.55 1.07 -14.34
CA LYS A 79 7.82 0.91 -15.06
C LYS A 79 8.36 -0.51 -14.89
N LYS A 80 9.37 -0.84 -15.67
CA LYS A 80 9.98 -2.16 -15.61
C LYS A 80 11.28 -2.13 -14.79
N TYR A 81 11.39 -3.03 -13.83
CA TYR A 81 12.56 -3.11 -12.97
C TYR A 81 12.63 -1.91 -12.02
N THR A 82 11.46 -1.35 -11.74
CA THR A 82 11.37 -0.20 -10.84
C THR A 82 10.74 -0.59 -9.50
N GLU A 83 11.22 0.03 -8.42
CA GLU A 83 10.69 -0.25 -7.10
C GLU A 83 9.44 0.56 -6.82
N TYR A 84 8.56 0.02 -5.98
CA TYR A 84 7.32 0.69 -5.63
C TYR A 84 6.86 0.31 -4.23
N SER A 85 6.60 1.31 -3.40
CA SER A 85 6.15 1.08 -2.03
C SER A 85 4.64 0.82 -1.98
N PHE A 86 4.23 0.05 -0.99
CA PHE A 86 2.81 -0.28 -0.83
C PHE A 86 2.44 -0.39 0.64
N ARG A 87 1.27 0.13 1.00
CA ARG A 87 0.80 0.09 2.38
C ARG A 87 -0.72 0.05 2.43
N VAL A 88 -1.25 -0.78 3.33
CA VAL A 88 -2.69 -0.91 3.48
C VAL A 88 -3.19 -0.14 4.70
N VAL A 89 -4.37 0.46 4.59
CA VAL A 89 -4.95 1.22 5.69
C VAL A 89 -6.45 0.95 5.81
N ALA A 90 -6.91 0.75 7.03
CA ALA A 90 -8.32 0.48 7.28
C ALA A 90 -9.09 1.78 7.54
N TYR A 91 -10.13 2.01 6.75
CA TYR A 91 -10.94 3.21 6.89
C TYR A 91 -12.36 2.86 7.34
N ASN A 92 -12.70 3.27 8.56
CA ASN A 92 -14.02 3.00 9.11
C ASN A 92 -14.70 4.29 9.56
N LYS A 93 -15.97 4.20 9.92
CA LYS A 93 -16.72 5.35 10.38
C LYS A 93 -15.90 6.19 11.36
N HIS A 94 -15.22 5.53 12.27
CA HIS A 94 -14.39 6.20 13.26
C HIS A 94 -13.29 7.02 12.58
N GLY A 95 -12.32 6.33 11.97
CA GLY A 95 -11.24 7.00 11.29
C GLY A 95 -10.13 6.06 10.89
N PRO A 96 -9.15 6.57 10.13
CA PRO A 96 -8.01 5.78 9.67
C PRO A 96 -7.06 5.40 10.80
N GLY A 97 -7.10 4.14 11.21
CA GLY A 97 -6.25 3.68 12.29
C GLY A 97 -4.81 3.49 11.85
N VAL A 98 -4.01 2.82 12.68
CA VAL A 98 -2.61 2.58 12.35
C VAL A 98 -2.43 2.21 10.89
N SER A 99 -1.21 2.35 10.39
CA SER A 99 -0.91 2.03 9.00
C SER A 99 0.18 0.97 8.91
N THR A 100 -0.04 -0.03 8.06
CA THR A 100 0.92 -1.10 7.88
C THR A 100 2.26 -0.56 7.40
N PRO A 101 3.32 -1.38 7.58
CA PRO A 101 4.68 -1.00 7.18
C PRO A 101 4.84 -0.97 5.65
N ASP A 102 5.54 0.04 5.16
CA ASP A 102 5.77 0.19 3.73
C ASP A 102 6.28 -1.12 3.13
N VAL A 103 5.77 -1.46 1.95
CA VAL A 103 6.17 -2.68 1.26
C VAL A 103 6.75 -2.37 -0.12
N ALA A 104 8.05 -2.12 -0.17
CA ALA A 104 8.72 -1.82 -1.42
C ALA A 104 9.06 -3.09 -2.19
N VAL A 105 8.81 -3.08 -3.49
CA VAL A 105 9.09 -4.24 -4.34
C VAL A 105 9.47 -3.82 -5.75
N ARG A 106 10.47 -4.47 -6.31
CA ARG A 106 10.93 -4.16 -7.66
C ARG A 106 10.20 -5.01 -8.69
N THR A 107 9.80 -4.37 -9.80
CA THR A 107 9.09 -5.07 -10.86
C THR A 107 10.05 -5.88 -11.72
N LEU A 108 9.49 -6.78 -12.55
CA LEU A 108 10.30 -7.61 -13.42
C LEU A 108 10.95 -6.77 -14.52
N SER A 109 12.15 -7.17 -14.93
CA SER A 109 12.89 -6.46 -15.96
C SER A 109 12.70 -7.13 -17.32
N ASP A 110 12.19 -6.36 -18.28
CA ASP A 110 11.95 -6.88 -19.63
C ASP A 110 13.27 -7.13 -20.35
N SER A 111 14.27 -6.32 -20.04
CA SER A 111 15.59 -6.45 -20.67
C SER A 111 16.02 -7.92 -20.72
N GLY A 112 16.01 -8.58 -19.57
CA GLY A 112 16.40 -9.97 -19.51
C GLY A 112 16.46 -10.50 -18.09
N PRO A 113 16.65 -11.82 -17.95
CA PRO A 113 16.72 -12.47 -16.65
C PRO A 113 18.00 -12.10 -15.89
N SER A 114 18.80 -11.23 -16.47
CA SER A 114 20.04 -10.79 -15.85
C SER A 114 19.90 -10.73 -14.34
N SER A 115 20.52 -11.67 -13.65
CA SER A 115 20.47 -11.72 -12.18
C SER A 115 21.02 -10.45 -11.57
N GLY A 116 20.36 -9.95 -10.54
CA GLY A 116 20.81 -8.74 -9.87
C GLY A 116 21.48 -9.01 -8.55
N GLY A 1 16.43 4.35 -8.26
CA GLY A 1 17.85 4.48 -8.56
C GLY A 1 18.54 5.49 -7.65
N SER A 2 17.91 6.65 -7.50
CA SER A 2 18.47 7.71 -6.66
C SER A 2 18.35 7.36 -5.18
N SER A 3 19.33 7.78 -4.40
CA SER A 3 19.32 7.50 -2.97
C SER A 3 18.16 8.21 -2.28
N GLY A 4 17.17 7.44 -1.86
CA GLY A 4 16.02 8.01 -1.18
C GLY A 4 16.34 8.51 0.20
N SER A 5 15.32 8.62 1.04
CA SER A 5 15.50 9.11 2.41
C SER A 5 14.25 8.86 3.24
N SER A 6 14.42 8.81 4.56
CA SER A 6 13.29 8.58 5.47
C SER A 6 12.44 9.84 5.61
N GLY A 7 11.16 9.65 5.91
CA GLY A 7 10.25 10.77 6.06
C GLY A 7 10.20 11.27 7.49
N ARG A 8 8.99 11.34 8.04
CA ARG A 8 8.80 11.81 9.41
C ARG A 8 7.52 11.24 10.00
N VAL A 9 7.42 11.27 11.33
CA VAL A 9 6.24 10.75 12.02
C VAL A 9 5.48 11.87 12.73
N GLU A 10 4.17 11.88 12.57
CA GLU A 10 3.33 12.90 13.19
C GLU A 10 2.73 12.38 14.49
N THR A 11 1.90 13.21 15.12
CA THR A 11 1.26 12.85 16.38
C THR A 11 -0.23 12.63 16.18
N GLN A 12 -0.86 11.95 17.14
CA GLN A 12 -2.29 11.67 17.07
C GLN A 12 -2.77 11.01 18.36
N PRO A 13 -4.02 11.32 18.75
CA PRO A 13 -4.63 10.77 19.96
C PRO A 13 -4.94 9.28 19.83
N GLU A 14 -5.38 8.67 20.93
CA GLU A 14 -5.71 7.25 20.94
C GLU A 14 -7.19 7.04 20.68
N VAL A 15 -7.50 6.13 19.75
CA VAL A 15 -8.89 5.83 19.41
C VAL A 15 -9.07 4.33 19.16
N GLN A 16 -10.33 3.91 19.10
CA GLN A 16 -10.64 2.49 18.87
C GLN A 16 -10.55 2.16 17.37
N LEU A 17 -9.48 2.60 16.74
CA LEU A 17 -9.28 2.36 15.31
C LEU A 17 -8.76 0.94 15.08
N PRO A 18 -8.91 0.46 13.84
CA PRO A 18 -8.47 -0.89 13.45
C PRO A 18 -6.94 -1.01 13.43
N GLY A 19 -6.46 -2.23 13.26
CA GLY A 19 -5.02 -2.46 13.22
C GLY A 19 -4.50 -2.66 11.82
N PRO A 20 -3.17 -2.78 11.69
CA PRO A 20 -2.51 -2.97 10.39
C PRO A 20 -2.79 -4.35 9.80
N ALA A 21 -3.20 -4.37 8.53
CA ALA A 21 -3.50 -5.63 7.85
C ALA A 21 -2.32 -6.59 7.92
N PRO A 22 -2.51 -7.72 8.61
CA PRO A 22 -1.47 -8.74 8.77
C PRO A 22 -1.17 -9.47 7.47
N ASN A 23 -0.26 -10.44 7.53
CA ASN A 23 0.11 -11.22 6.35
C ASN A 23 0.24 -10.31 5.13
N LEU A 24 0.97 -9.21 5.28
CA LEU A 24 1.16 -8.27 4.18
C LEU A 24 2.17 -8.81 3.18
N ARG A 25 1.67 -9.32 2.06
CA ARG A 25 2.54 -9.86 1.02
C ARG A 25 2.16 -9.30 -0.35
N ALA A 26 3.16 -8.87 -1.10
CA ALA A 26 2.93 -8.31 -2.43
C ALA A 26 3.90 -8.91 -3.45
N TYR A 27 3.36 -9.31 -4.60
CA TYR A 27 4.17 -9.91 -5.66
C TYR A 27 3.86 -9.27 -7.01
N ALA A 28 4.90 -8.99 -7.78
CA ALA A 28 4.74 -8.39 -9.09
C ALA A 28 4.22 -9.40 -10.11
N ALA A 29 2.97 -9.23 -10.52
CA ALA A 29 2.36 -10.13 -11.49
C ALA A 29 2.94 -9.91 -12.88
N SER A 30 3.41 -8.71 -13.14
CA SER A 30 3.99 -8.37 -14.44
C SER A 30 5.03 -7.27 -14.31
N PRO A 31 5.89 -7.14 -15.32
CA PRO A 31 6.95 -6.13 -15.34
C PRO A 31 6.40 -4.72 -15.50
N THR A 32 5.09 -4.61 -15.59
CA THR A 32 4.44 -3.31 -15.74
C THR A 32 3.32 -3.13 -14.72
N SER A 33 3.09 -4.16 -13.91
CA SER A 33 2.04 -4.12 -12.90
C SER A 33 2.50 -4.82 -11.62
N ILE A 34 1.67 -4.75 -10.59
CA ILE A 34 1.99 -5.38 -9.31
C ILE A 34 0.72 -5.78 -8.56
N THR A 35 0.69 -7.01 -8.07
CA THR A 35 -0.46 -7.51 -7.34
C THR A 35 -0.19 -7.56 -5.84
N VAL A 36 -0.64 -6.55 -5.12
CA VAL A 36 -0.45 -6.48 -3.68
C VAL A 36 -1.56 -7.19 -2.93
N THR A 37 -1.20 -7.94 -1.90
CA THR A 37 -2.17 -8.68 -1.10
C THR A 37 -2.03 -8.36 0.38
N TRP A 38 -3.11 -8.56 1.13
CA TRP A 38 -3.09 -8.28 2.56
C TRP A 38 -4.27 -8.97 3.26
N GLU A 39 -4.15 -9.19 4.56
CA GLU A 39 -5.20 -9.83 5.34
C GLU A 39 -5.88 -8.83 6.26
N THR A 40 -7.05 -9.22 6.79
CA THR A 40 -7.79 -8.35 7.69
C THR A 40 -7.33 -8.52 9.12
N PRO A 41 -7.12 -7.39 9.81
CA PRO A 41 -6.66 -7.37 11.21
C PRO A 41 -7.73 -7.87 12.17
N VAL A 42 -7.51 -9.05 12.73
CA VAL A 42 -8.45 -9.65 13.67
C VAL A 42 -8.89 -8.63 14.72
N SER A 43 -7.94 -7.84 15.22
CA SER A 43 -8.23 -6.84 16.22
C SER A 43 -9.03 -5.68 15.63
N GLY A 44 -9.47 -4.77 16.49
CA GLY A 44 -10.23 -3.63 16.03
C GLY A 44 -11.63 -3.60 16.63
N ASN A 45 -12.49 -2.76 16.07
CA ASN A 45 -13.87 -2.63 16.54
C ASN A 45 -14.84 -2.55 15.38
N GLY A 46 -15.88 -3.38 15.41
CA GLY A 46 -16.86 -3.38 14.34
C GLY A 46 -16.36 -4.02 13.07
N GLU A 47 -16.85 -3.56 11.93
CA GLU A 47 -16.45 -4.09 10.64
C GLU A 47 -15.80 -3.01 9.78
N ILE A 48 -14.85 -3.41 8.95
CA ILE A 48 -14.16 -2.48 8.06
C ILE A 48 -15.08 -2.02 6.93
N GLN A 49 -15.05 -0.72 6.66
CA GLN A 49 -15.88 -0.15 5.59
C GLN A 49 -15.22 -0.34 4.23
N ASN A 50 -13.92 -0.05 4.15
CA ASN A 50 -13.19 -0.20 2.92
C ASN A 50 -11.68 -0.29 3.18
N TYR A 51 -10.93 -0.72 2.17
CA TYR A 51 -9.49 -0.85 2.31
C TYR A 51 -8.76 0.10 1.37
N LYS A 52 -8.00 1.02 1.94
CA LYS A 52 -7.25 1.99 1.16
C LYS A 52 -5.84 1.48 0.85
N LEU A 53 -5.55 1.32 -0.44
CA LEU A 53 -4.24 0.83 -0.87
C LEU A 53 -3.43 1.95 -1.51
N TYR A 54 -2.25 2.20 -0.97
CA TYR A 54 -1.38 3.25 -1.48
C TYR A 54 -0.23 2.64 -2.28
N TYR A 55 0.34 3.45 -3.19
CA TYR A 55 1.44 3.00 -4.03
C TYR A 55 2.23 4.19 -4.57
N MET A 56 3.55 4.09 -4.48
CA MET A 56 4.43 5.16 -4.96
C MET A 56 5.79 4.60 -5.37
N GLU A 57 6.52 5.37 -6.18
CA GLU A 57 7.83 4.96 -6.64
C GLU A 57 8.92 5.42 -5.69
N LYS A 58 9.84 4.51 -5.35
CA LYS A 58 10.93 4.83 -4.45
C LYS A 58 11.75 6.00 -4.98
N GLY A 59 11.47 7.19 -4.46
CA GLY A 59 12.19 8.38 -4.88
C GLY A 59 11.28 9.40 -5.56
N THR A 60 10.08 9.55 -5.03
CA THR A 60 9.11 10.49 -5.59
C THR A 60 8.60 11.45 -4.53
N ASP A 61 8.56 10.99 -3.28
CA ASP A 61 8.09 11.80 -2.17
C ASP A 61 6.61 12.12 -2.32
N LYS A 62 5.87 11.20 -2.93
CA LYS A 62 4.44 11.38 -3.14
C LYS A 62 3.72 10.04 -3.16
N GLU A 63 2.84 9.82 -2.18
CA GLU A 63 2.08 8.58 -2.09
C GLU A 63 0.70 8.75 -2.70
N GLN A 64 0.14 7.65 -3.19
CA GLN A 64 -1.18 7.67 -3.81
C GLN A 64 -2.16 6.81 -3.01
N ASP A 65 -3.40 6.75 -3.48
CA ASP A 65 -4.43 5.95 -2.81
C ASP A 65 -5.45 5.44 -3.81
N VAL A 66 -5.86 4.19 -3.66
CA VAL A 66 -6.83 3.58 -4.54
C VAL A 66 -7.91 2.83 -3.76
N ASP A 67 -9.12 2.79 -4.31
CA ASP A 67 -10.23 2.10 -3.66
C ASP A 67 -10.22 0.62 -3.99
N VAL A 68 -10.19 -0.22 -2.95
CA VAL A 68 -10.17 -1.67 -3.13
C VAL A 68 -11.23 -2.33 -2.26
N SER A 69 -12.03 -3.20 -2.88
CA SER A 69 -13.09 -3.90 -2.17
C SER A 69 -12.63 -5.30 -1.75
N SER A 70 -11.64 -5.82 -2.47
CA SER A 70 -11.10 -7.15 -2.18
C SER A 70 -9.79 -7.05 -1.41
N HIS A 71 -9.37 -8.17 -0.84
CA HIS A 71 -8.12 -8.22 -0.08
C HIS A 71 -6.91 -8.38 -1.01
N SER A 72 -7.14 -8.20 -2.31
CA SER A 72 -6.09 -8.33 -3.30
C SER A 72 -6.35 -7.43 -4.50
N TYR A 73 -5.44 -6.49 -4.74
CA TYR A 73 -5.57 -5.56 -5.85
C TYR A 73 -4.34 -5.61 -6.75
N THR A 74 -4.52 -5.19 -8.00
CA THR A 74 -3.43 -5.19 -8.96
C THR A 74 -3.26 -3.81 -9.60
N ILE A 75 -2.07 -3.24 -9.45
CA ILE A 75 -1.78 -1.92 -10.02
C ILE A 75 -1.02 -2.04 -11.33
N ASN A 76 -1.58 -1.48 -12.39
CA ASN A 76 -0.96 -1.52 -13.71
C ASN A 76 -0.42 -0.15 -14.11
N GLY A 77 0.53 -0.14 -15.03
CA GLY A 77 1.11 1.11 -15.48
C GLY A 77 2.37 1.49 -14.70
N LEU A 78 3.30 0.54 -14.62
CA LEU A 78 4.55 0.78 -13.90
C LEU A 78 5.75 0.45 -14.79
N LYS A 79 6.93 0.86 -14.34
CA LYS A 79 8.16 0.61 -15.08
C LYS A 79 8.70 -0.79 -14.80
N LYS A 80 9.56 -1.28 -15.69
CA LYS A 80 10.14 -2.62 -15.53
C LYS A 80 11.34 -2.56 -14.60
N TYR A 81 11.43 -3.53 -13.70
CA TYR A 81 12.55 -3.60 -12.75
C TYR A 81 12.62 -2.33 -11.91
N THR A 82 11.46 -1.86 -11.44
CA THR A 82 11.39 -0.66 -10.63
C THR A 82 10.73 -0.95 -9.28
N GLU A 83 11.31 -0.39 -8.22
CA GLU A 83 10.78 -0.60 -6.87
C GLU A 83 9.55 0.27 -6.65
N TYR A 84 8.63 -0.21 -5.81
CA TYR A 84 7.41 0.52 -5.50
C TYR A 84 6.94 0.23 -4.08
N SER A 85 6.71 1.28 -3.31
CA SER A 85 6.26 1.15 -1.93
C SER A 85 4.75 0.95 -1.88
N PHE A 86 4.31 0.04 -1.01
CA PHE A 86 2.89 -0.25 -0.86
C PHE A 86 2.52 -0.34 0.62
N ARG A 87 1.37 0.23 0.97
CA ARG A 87 0.89 0.22 2.35
C ARG A 87 -0.63 0.15 2.39
N VAL A 88 -1.15 -0.77 3.21
CA VAL A 88 -2.60 -0.94 3.35
C VAL A 88 -3.13 -0.18 4.57
N VAL A 89 -4.31 0.40 4.42
CA VAL A 89 -4.92 1.16 5.51
C VAL A 89 -6.39 0.78 5.68
N ALA A 90 -6.78 0.50 6.91
CA ALA A 90 -8.16 0.12 7.22
C ALA A 90 -9.02 1.35 7.46
N TYR A 91 -10.18 1.39 6.82
CA TYR A 91 -11.10 2.52 6.97
C TYR A 91 -12.46 2.04 7.47
N ASN A 92 -12.85 2.51 8.66
CA ASN A 92 -14.13 2.14 9.25
C ASN A 92 -14.84 3.36 9.81
N LYS A 93 -16.11 3.19 10.15
CA LYS A 93 -16.91 4.28 10.70
C LYS A 93 -16.09 5.12 11.68
N HIS A 94 -15.27 4.44 12.48
CA HIS A 94 -14.43 5.12 13.45
C HIS A 94 -13.47 6.08 12.77
N GLY A 95 -12.52 5.53 12.03
CA GLY A 95 -11.55 6.35 11.33
C GLY A 95 -10.38 5.54 10.81
N PRO A 96 -9.50 6.20 10.03
CA PRO A 96 -8.32 5.54 9.45
C PRO A 96 -7.27 5.21 10.51
N GLY A 97 -7.27 3.96 10.96
CA GLY A 97 -6.32 3.54 11.96
C GLY A 97 -4.89 3.57 11.46
N VAL A 98 -3.97 3.00 12.23
CA VAL A 98 -2.56 2.97 11.85
C VAL A 98 -2.39 2.54 10.40
N SER A 99 -1.16 2.58 9.93
CA SER A 99 -0.85 2.19 8.55
C SER A 99 0.27 1.14 8.52
N THR A 100 0.07 0.12 7.68
CA THR A 100 1.06 -0.94 7.56
C THR A 100 2.41 -0.38 7.13
N PRO A 101 3.48 -1.15 7.42
CA PRO A 101 4.86 -0.76 7.08
C PRO A 101 5.11 -0.79 5.58
N ASP A 102 5.72 0.28 5.07
CA ASP A 102 6.02 0.38 3.65
C ASP A 102 6.48 -0.97 3.09
N VAL A 103 5.92 -1.34 1.94
CA VAL A 103 6.26 -2.62 1.31
C VAL A 103 6.87 -2.39 -0.08
N ALA A 104 8.16 -2.10 -0.11
CA ALA A 104 8.87 -1.87 -1.36
C ALA A 104 9.18 -3.18 -2.07
N VAL A 105 8.73 -3.30 -3.32
CA VAL A 105 8.96 -4.50 -4.11
C VAL A 105 9.44 -4.16 -5.51
N ARG A 106 10.33 -4.98 -6.05
CA ARG A 106 10.87 -4.77 -7.39
C ARG A 106 10.05 -5.53 -8.43
N THR A 107 9.67 -4.84 -9.49
CA THR A 107 8.88 -5.45 -10.57
C THR A 107 9.75 -6.34 -11.44
N LEU A 108 9.12 -7.04 -12.38
CA LEU A 108 9.83 -7.94 -13.28
C LEU A 108 10.50 -7.15 -14.39
N SER A 109 11.62 -7.68 -14.91
CA SER A 109 12.36 -7.02 -15.98
C SER A 109 11.99 -7.62 -17.33
N ASP A 110 11.45 -6.79 -18.21
CA ASP A 110 11.06 -7.24 -19.55
C ASP A 110 12.24 -7.16 -20.52
N SER A 111 12.77 -5.95 -20.70
CA SER A 111 13.89 -5.73 -21.59
C SER A 111 15.20 -6.11 -20.92
N GLY A 112 16.02 -6.88 -21.64
CA GLY A 112 17.30 -7.30 -21.10
C GLY A 112 18.42 -6.34 -21.44
N PRO A 113 19.35 -6.15 -20.49
CA PRO A 113 20.50 -5.25 -20.67
C PRO A 113 21.49 -5.78 -21.70
N SER A 114 22.20 -4.86 -22.36
CA SER A 114 23.19 -5.24 -23.36
C SER A 114 24.58 -4.79 -22.95
N SER A 115 25.60 -5.39 -23.57
CA SER A 115 26.98 -5.05 -23.26
C SER A 115 27.90 -5.42 -24.42
N GLY A 116 28.88 -4.57 -24.69
CA GLY A 116 29.81 -4.81 -25.77
C GLY A 116 30.46 -3.54 -26.30
N GLY A 1 13.00 24.24 -10.66
CA GLY A 1 13.21 23.39 -9.50
C GLY A 1 13.27 21.92 -9.86
N SER A 2 14.29 21.23 -9.37
CA SER A 2 14.46 19.80 -9.65
C SER A 2 14.75 19.04 -8.38
N SER A 3 15.64 19.59 -7.54
CA SER A 3 16.02 18.95 -6.29
C SER A 3 14.78 18.55 -5.49
N GLY A 4 13.84 19.48 -5.35
CA GLY A 4 12.63 19.21 -4.60
C GLY A 4 12.57 19.96 -3.28
N SER A 5 11.58 19.63 -2.46
CA SER A 5 11.42 20.28 -1.17
C SER A 5 11.08 19.25 -0.09
N SER A 6 11.82 19.29 1.01
CA SER A 6 11.60 18.36 2.12
C SER A 6 10.31 18.68 2.86
N GLY A 7 9.81 17.73 3.63
CA GLY A 7 8.58 17.93 4.37
C GLY A 7 8.05 16.65 4.98
N ARG A 8 7.83 16.67 6.29
CA ARG A 8 7.32 15.49 6.99
C ARG A 8 6.15 15.86 7.90
N VAL A 9 4.95 15.44 7.51
CA VAL A 9 3.75 15.73 8.29
C VAL A 9 3.12 14.44 8.82
N GLU A 10 2.88 14.41 10.13
CA GLU A 10 2.28 13.24 10.76
C GLU A 10 1.31 13.66 11.86
N THR A 11 0.38 12.76 12.19
CA THR A 11 -0.62 13.04 13.22
C THR A 11 -1.08 11.75 13.89
N GLN A 12 -1.35 11.83 15.19
CA GLN A 12 -1.80 10.67 15.96
C GLN A 12 -3.30 10.47 15.80
N PRO A 13 -3.70 9.22 15.51
CA PRO A 13 -5.11 8.86 15.33
C PRO A 13 -5.89 8.92 16.64
N GLU A 14 -7.09 8.35 16.62
CA GLU A 14 -7.95 8.33 17.80
C GLU A 14 -8.23 6.89 18.25
N VAL A 15 -8.88 6.76 19.41
CA VAL A 15 -9.21 5.44 19.94
C VAL A 15 -10.40 4.84 19.19
N GLN A 16 -10.54 3.52 19.31
CA GLN A 16 -11.63 2.81 18.66
C GLN A 16 -11.37 2.69 17.16
N LEU A 17 -10.13 2.39 16.80
CA LEU A 17 -9.74 2.24 15.40
C LEU A 17 -9.27 0.81 15.10
N PRO A 18 -9.31 0.43 13.82
CA PRO A 18 -8.88 -0.90 13.39
C PRO A 18 -7.37 -1.09 13.50
N GLY A 19 -6.88 -2.22 12.98
CA GLY A 19 -5.46 -2.49 13.03
C GLY A 19 -4.87 -2.75 11.66
N PRO A 20 -3.54 -2.94 11.61
CA PRO A 20 -2.83 -3.21 10.36
C PRO A 20 -3.14 -4.58 9.79
N ALA A 21 -3.65 -4.61 8.56
CA ALA A 21 -3.99 -5.87 7.90
C ALA A 21 -2.80 -6.81 7.88
N PRO A 22 -2.97 -7.98 8.53
CA PRO A 22 -1.91 -8.99 8.60
C PRO A 22 -1.66 -9.67 7.25
N ASN A 23 -0.79 -10.67 7.25
CA ASN A 23 -0.46 -11.40 6.04
C ASN A 23 -0.35 -10.44 4.85
N LEU A 24 0.42 -9.37 5.02
CA LEU A 24 0.60 -8.38 3.98
C LEU A 24 1.69 -8.82 3.00
N ARG A 25 1.28 -9.33 1.85
CA ARG A 25 2.22 -9.79 0.83
C ARG A 25 2.13 -8.92 -0.42
N ALA A 26 3.26 -8.77 -1.10
CA ALA A 26 3.31 -7.96 -2.31
C ALA A 26 4.36 -8.50 -3.28
N TYR A 27 3.93 -8.75 -4.52
CA TYR A 27 4.83 -9.28 -5.55
C TYR A 27 4.50 -8.67 -6.91
N ALA A 28 5.52 -8.58 -7.77
CA ALA A 28 5.34 -8.04 -9.11
C ALA A 28 4.88 -9.11 -10.09
N ALA A 29 3.60 -9.06 -10.46
CA ALA A 29 3.04 -10.03 -11.39
C ALA A 29 3.47 -9.73 -12.82
N SER A 30 4.10 -8.58 -13.01
CA SER A 30 4.57 -8.18 -14.34
C SER A 30 5.47 -6.95 -14.25
N PRO A 31 6.26 -6.71 -15.30
CA PRO A 31 7.19 -5.58 -15.36
C PRO A 31 6.46 -4.24 -15.49
N THR A 32 5.13 -4.31 -15.57
CA THR A 32 4.32 -3.10 -15.70
C THR A 32 3.18 -3.10 -14.69
N SER A 33 3.06 -4.20 -13.94
CA SER A 33 2.01 -4.32 -12.94
C SER A 33 2.56 -4.89 -11.63
N ILE A 34 1.75 -4.87 -10.59
CA ILE A 34 2.15 -5.38 -9.28
C ILE A 34 0.95 -5.84 -8.47
N THR A 35 0.94 -7.12 -8.12
CA THR A 35 -0.16 -7.68 -7.33
C THR A 35 0.12 -7.58 -5.84
N VAL A 36 -0.88 -7.17 -5.07
CA VAL A 36 -0.75 -7.03 -3.64
C VAL A 36 -1.89 -7.72 -2.90
N THR A 37 -1.55 -8.68 -2.04
CA THR A 37 -2.55 -9.42 -1.28
C THR A 37 -2.35 -9.23 0.22
N TRP A 38 -3.45 -9.03 0.94
CA TRP A 38 -3.40 -8.83 2.38
C TRP A 38 -4.57 -9.53 3.07
N GLU A 39 -4.54 -9.56 4.40
CA GLU A 39 -5.59 -10.20 5.18
C GLU A 39 -6.29 -9.19 6.09
N THR A 40 -7.44 -9.57 6.61
CA THR A 40 -8.21 -8.70 7.49
C THR A 40 -7.75 -8.84 8.94
N PRO A 41 -7.50 -7.70 9.60
CA PRO A 41 -7.06 -7.67 10.99
C PRO A 41 -8.14 -8.12 11.96
N VAL A 42 -7.91 -9.24 12.64
CA VAL A 42 -8.86 -9.77 13.60
C VAL A 42 -9.17 -8.76 14.70
N SER A 43 -8.33 -7.74 14.80
CA SER A 43 -8.50 -6.70 15.82
C SER A 43 -9.16 -5.47 15.21
N GLY A 44 -10.12 -4.91 15.95
CA GLY A 44 -10.83 -3.73 15.47
C GLY A 44 -12.24 -3.63 16.00
N ASN A 45 -12.87 -2.49 15.81
CA ASN A 45 -14.23 -2.27 16.29
C ASN A 45 -15.21 -2.21 15.12
N GLY A 46 -16.25 -3.04 15.18
CA GLY A 46 -17.25 -3.07 14.13
C GLY A 46 -16.79 -3.87 12.93
N GLU A 47 -17.05 -3.35 11.73
CA GLU A 47 -16.66 -4.02 10.50
C GLU A 47 -16.04 -3.04 9.52
N ILE A 48 -14.96 -3.47 8.86
CA ILE A 48 -14.27 -2.64 7.89
C ILE A 48 -15.22 -2.14 6.81
N GLN A 49 -15.00 -0.91 6.36
CA GLN A 49 -15.84 -0.30 5.32
C GLN A 49 -15.15 -0.35 3.97
N ASN A 50 -13.87 0.03 3.95
CA ASN A 50 -13.10 0.04 2.71
C ASN A 50 -11.61 -0.09 3.01
N TYR A 51 -10.86 -0.63 2.04
CA TYR A 51 -9.43 -0.82 2.19
C TYR A 51 -8.66 0.20 1.36
N LYS A 52 -7.83 0.99 2.01
CA LYS A 52 -7.03 2.00 1.33
C LYS A 52 -5.66 1.44 0.92
N LEU A 53 -5.47 1.26 -0.38
CA LEU A 53 -4.21 0.73 -0.90
C LEU A 53 -3.36 1.84 -1.51
N TYR A 54 -2.16 2.01 -0.98
CA TYR A 54 -1.25 3.04 -1.47
C TYR A 54 -0.20 2.43 -2.39
N TYR A 55 0.37 3.27 -3.26
CA TYR A 55 1.40 2.82 -4.19
C TYR A 55 2.19 4.00 -4.74
N MET A 56 3.51 3.86 -4.78
CA MET A 56 4.39 4.91 -5.28
C MET A 56 5.72 4.34 -5.74
N GLU A 57 6.44 5.11 -6.54
CA GLU A 57 7.74 4.67 -7.06
C GLU A 57 8.87 5.11 -6.13
N LYS A 58 9.35 4.19 -5.31
CA LYS A 58 10.43 4.48 -4.38
C LYS A 58 11.40 5.50 -4.97
N GLY A 59 11.28 6.75 -4.53
CA GLY A 59 12.15 7.79 -5.03
C GLY A 59 11.39 9.00 -5.54
N THR A 60 10.06 8.93 -5.45
CA THR A 60 9.21 10.02 -5.92
C THR A 60 8.64 10.80 -4.73
N ASP A 61 8.48 10.13 -3.61
CA ASP A 61 7.95 10.76 -2.40
C ASP A 61 6.52 11.25 -2.63
N LYS A 62 5.84 10.63 -3.58
CA LYS A 62 4.46 10.99 -3.90
C LYS A 62 3.53 9.82 -3.71
N GLU A 63 3.28 9.45 -2.46
CA GLU A 63 2.40 8.34 -2.15
C GLU A 63 0.98 8.61 -2.64
N GLN A 64 0.29 7.55 -3.07
CA GLN A 64 -1.06 7.67 -3.57
C GLN A 64 -2.00 6.71 -2.84
N ASP A 65 -3.28 6.76 -3.21
CA ASP A 65 -4.28 5.89 -2.59
C ASP A 65 -5.36 5.51 -3.59
N VAL A 66 -5.79 4.25 -3.54
CA VAL A 66 -6.82 3.76 -4.44
C VAL A 66 -7.88 2.96 -3.69
N ASP A 67 -9.15 3.27 -3.94
CA ASP A 67 -10.24 2.58 -3.27
C ASP A 67 -10.36 1.15 -3.78
N VAL A 68 -10.26 0.20 -2.86
CA VAL A 68 -10.36 -1.22 -3.21
C VAL A 68 -11.53 -1.88 -2.50
N SER A 69 -12.03 -2.97 -3.07
CA SER A 69 -13.15 -3.70 -2.50
C SER A 69 -12.74 -5.12 -2.10
N SER A 70 -11.86 -5.71 -2.90
CA SER A 70 -11.38 -7.07 -2.63
C SER A 70 -10.15 -7.04 -1.73
N HIS A 71 -9.80 -8.20 -1.18
CA HIS A 71 -8.64 -8.30 -0.31
C HIS A 71 -7.34 -8.13 -1.10
N SER A 72 -7.41 -8.41 -2.40
CA SER A 72 -6.24 -8.29 -3.26
C SER A 72 -6.53 -7.37 -4.45
N TYR A 73 -5.55 -6.56 -4.82
CA TYR A 73 -5.70 -5.64 -5.93
C TYR A 73 -4.44 -5.60 -6.79
N THR A 74 -4.63 -5.49 -8.11
CA THR A 74 -3.51 -5.46 -9.04
C THR A 74 -3.40 -4.09 -9.70
N ILE A 75 -2.21 -3.49 -9.60
CA ILE A 75 -1.97 -2.18 -10.18
C ILE A 75 -1.24 -2.31 -11.51
N ASN A 76 -1.71 -1.56 -12.51
CA ASN A 76 -1.11 -1.58 -13.83
C ASN A 76 -0.56 -0.21 -14.20
N GLY A 77 0.39 -0.19 -15.15
CA GLY A 77 0.98 1.06 -15.58
C GLY A 77 2.18 1.46 -14.74
N LEU A 78 3.17 0.57 -14.68
CA LEU A 78 4.37 0.84 -13.89
C LEU A 78 5.63 0.60 -14.73
N LYS A 79 6.75 1.16 -14.28
CA LYS A 79 8.02 1.00 -14.99
C LYS A 79 8.57 -0.40 -14.82
N LYS A 80 9.67 -0.69 -15.51
CA LYS A 80 10.30 -2.00 -15.43
C LYS A 80 11.57 -1.94 -14.60
N TYR A 81 11.77 -2.95 -13.75
CA TYR A 81 12.94 -3.01 -12.89
C TYR A 81 13.01 -1.79 -11.98
N THR A 82 11.87 -1.43 -11.39
CA THR A 82 11.80 -0.29 -10.49
C THR A 82 11.11 -0.66 -9.19
N GLU A 83 11.59 -0.10 -8.08
CA GLU A 83 11.01 -0.36 -6.77
C GLU A 83 9.70 0.40 -6.60
N TYR A 84 8.81 -0.16 -5.77
CA TYR A 84 7.52 0.46 -5.52
C TYR A 84 7.04 0.16 -4.11
N SER A 85 6.71 1.20 -3.37
CA SER A 85 6.24 1.06 -1.99
C SER A 85 4.72 0.82 -1.95
N PHE A 86 4.28 0.02 -0.99
CA PHE A 86 2.87 -0.28 -0.84
C PHE A 86 2.48 -0.38 0.63
N ARG A 87 1.33 0.20 0.97
CA ARG A 87 0.85 0.18 2.35
C ARG A 87 -0.68 0.16 2.39
N VAL A 88 -1.24 -0.71 3.21
CA VAL A 88 -2.69 -0.83 3.35
C VAL A 88 -3.17 -0.17 4.63
N VAL A 89 -4.35 0.43 4.57
CA VAL A 89 -4.93 1.10 5.72
C VAL A 89 -6.43 0.78 5.85
N ALA A 90 -6.85 0.52 7.08
CA ALA A 90 -8.26 0.20 7.34
C ALA A 90 -9.07 1.46 7.57
N TYR A 91 -10.23 1.55 6.91
CA TYR A 91 -11.10 2.71 7.04
C TYR A 91 -12.49 2.29 7.52
N ASN A 92 -12.85 2.73 8.72
CA ASN A 92 -14.15 2.40 9.30
C ASN A 92 -14.89 3.66 9.72
N LYS A 93 -16.21 3.58 9.77
CA LYS A 93 -17.04 4.72 10.17
C LYS A 93 -16.35 5.54 11.25
N HIS A 94 -15.61 4.87 12.12
CA HIS A 94 -14.90 5.53 13.20
C HIS A 94 -13.78 6.42 12.65
N GLY A 95 -12.87 5.82 11.88
CA GLY A 95 -11.78 6.56 11.31
C GLY A 95 -10.61 5.68 10.93
N PRO A 96 -9.68 6.23 10.13
CA PRO A 96 -8.48 5.50 9.68
C PRO A 96 -7.50 5.22 10.82
N GLY A 97 -7.31 3.95 11.13
CA GLY A 97 -6.40 3.58 12.19
C GLY A 97 -4.94 3.73 11.79
N VAL A 98 -4.11 2.78 12.21
CA VAL A 98 -2.70 2.79 11.88
C VAL A 98 -2.46 2.52 10.41
N SER A 99 -1.20 2.45 10.00
CA SER A 99 -0.85 2.20 8.61
C SER A 99 0.28 1.18 8.52
N THR A 100 0.04 0.10 7.77
CA THR A 100 1.04 -0.94 7.60
C THR A 100 2.39 -0.36 7.20
N PRO A 101 3.46 -1.11 7.48
CA PRO A 101 4.83 -0.69 7.15
C PRO A 101 5.10 -0.71 5.65
N ASP A 102 5.65 0.39 5.14
CA ASP A 102 5.96 0.50 3.72
C ASP A 102 6.49 -0.83 3.17
N VAL A 103 5.92 -1.28 2.06
CA VAL A 103 6.33 -2.52 1.43
C VAL A 103 6.92 -2.28 0.05
N ALA A 104 8.22 -1.97 0.01
CA ALA A 104 8.90 -1.72 -1.25
C ALA A 104 9.18 -3.02 -1.99
N VAL A 105 8.86 -3.04 -3.28
CA VAL A 105 9.08 -4.22 -4.11
C VAL A 105 9.54 -3.83 -5.50
N ARG A 106 10.51 -4.58 -6.03
CA ARG A 106 11.05 -4.33 -7.36
C ARG A 106 10.30 -5.14 -8.42
N THR A 107 9.90 -4.48 -9.50
CA THR A 107 9.18 -5.15 -10.57
C THR A 107 10.13 -5.99 -11.43
N LEU A 108 9.57 -6.76 -12.35
CA LEU A 108 10.36 -7.60 -13.24
C LEU A 108 10.99 -6.78 -14.35
N SER A 109 12.20 -7.17 -14.77
CA SER A 109 12.90 -6.46 -15.83
C SER A 109 12.61 -7.09 -17.18
N ASP A 110 12.17 -6.27 -18.13
CA ASP A 110 11.86 -6.74 -19.47
C ASP A 110 13.13 -6.86 -20.32
N SER A 111 13.38 -8.07 -20.81
CA SER A 111 14.56 -8.32 -21.63
C SER A 111 14.28 -8.01 -23.10
N GLY A 112 13.13 -8.44 -23.57
CA GLY A 112 12.75 -8.21 -24.95
C GLY A 112 12.27 -9.46 -25.65
N PRO A 113 13.22 -10.22 -26.23
CA PRO A 113 12.90 -11.46 -26.95
C PRO A 113 12.45 -12.57 -26.00
N SER A 114 12.07 -13.71 -26.57
CA SER A 114 11.62 -14.85 -25.78
C SER A 114 11.78 -16.16 -26.56
N SER A 115 12.65 -17.03 -26.06
CA SER A 115 12.91 -18.30 -26.71
C SER A 115 13.34 -19.36 -25.68
N GLY A 116 12.92 -20.59 -25.90
CA GLY A 116 13.27 -21.67 -25.00
C GLY A 116 14.52 -22.42 -25.43
N GLY A 1 -18.48 26.19 -11.32
CA GLY A 1 -17.14 26.29 -10.75
C GLY A 1 -17.01 27.42 -9.75
N SER A 2 -16.15 27.23 -8.76
CA SER A 2 -15.95 28.23 -7.72
C SER A 2 -14.55 28.11 -7.11
N SER A 3 -14.21 29.04 -6.22
CA SER A 3 -12.92 29.04 -5.57
C SER A 3 -12.98 29.75 -4.23
N GLY A 4 -11.91 29.63 -3.44
CA GLY A 4 -11.86 30.27 -2.15
C GLY A 4 -10.77 29.70 -1.26
N SER A 5 -10.32 30.48 -0.28
CA SER A 5 -9.28 30.06 0.63
C SER A 5 -9.85 29.75 2.01
N SER A 6 -9.52 28.58 2.54
CA SER A 6 -10.01 28.17 3.85
C SER A 6 -8.93 27.38 4.61
N GLY A 7 -8.76 27.71 5.88
CA GLY A 7 -7.78 27.03 6.69
C GLY A 7 -7.87 25.52 6.58
N ARG A 8 -6.78 24.84 6.90
CA ARG A 8 -6.74 23.38 6.84
C ARG A 8 -7.86 22.77 7.68
N VAL A 9 -8.50 21.73 7.15
CA VAL A 9 -9.58 21.06 7.84
C VAL A 9 -9.10 19.77 8.51
N GLU A 10 -9.47 19.58 9.77
CA GLU A 10 -9.07 18.39 10.52
C GLU A 10 -10.23 17.87 11.36
N THR A 11 -10.21 16.56 11.62
CA THR A 11 -11.26 15.93 12.42
C THR A 11 -10.67 15.11 13.55
N GLN A 12 -10.96 15.49 14.79
CA GLN A 12 -10.46 14.78 15.96
C GLN A 12 -10.51 13.27 15.74
N PRO A 13 -9.53 12.56 16.33
CA PRO A 13 -9.44 11.11 16.21
C PRO A 13 -10.55 10.39 16.97
N GLU A 14 -10.60 9.08 16.85
CA GLU A 14 -11.61 8.28 17.53
C GLU A 14 -10.99 7.03 18.15
N VAL A 15 -11.76 6.33 18.97
CA VAL A 15 -11.29 5.12 19.63
C VAL A 15 -11.87 3.87 18.97
N GLN A 16 -11.43 2.70 19.43
CA GLN A 16 -11.89 1.44 18.88
C GLN A 16 -11.59 1.35 17.38
N LEU A 17 -10.42 1.85 16.99
CA LEU A 17 -10.01 1.82 15.59
C LEU A 17 -9.48 0.45 15.21
N PRO A 18 -9.44 0.18 13.89
CA PRO A 18 -8.96 -1.10 13.37
C PRO A 18 -7.45 -1.27 13.54
N GLY A 19 -6.91 -2.37 13.02
CA GLY A 19 -5.49 -2.62 13.12
C GLY A 19 -4.82 -2.79 11.77
N PRO A 20 -3.50 -2.99 11.78
CA PRO A 20 -2.72 -3.18 10.55
C PRO A 20 -3.01 -4.52 9.87
N ALA A 21 -3.32 -4.47 8.58
CA ALA A 21 -3.62 -5.69 7.83
C ALA A 21 -2.45 -6.67 7.87
N PRO A 22 -2.64 -7.78 8.58
CA PRO A 22 -1.62 -8.81 8.73
C PRO A 22 -1.37 -9.57 7.42
N ASN A 23 -0.48 -10.55 7.46
CA ASN A 23 -0.15 -11.35 6.29
C ASN A 23 0.01 -10.46 5.06
N LEU A 24 0.70 -9.34 5.23
CA LEU A 24 0.91 -8.40 4.13
C LEU A 24 2.00 -8.91 3.19
N ARG A 25 1.58 -9.39 2.02
CA ARG A 25 2.52 -9.91 1.03
C ARG A 25 2.20 -9.36 -0.36
N ALA A 26 3.22 -8.84 -1.04
CA ALA A 26 3.05 -8.29 -2.38
C ALA A 26 4.03 -8.90 -3.36
N TYR A 27 3.57 -9.17 -4.57
CA TYR A 27 4.42 -9.76 -5.60
C TYR A 27 4.09 -9.18 -6.98
N ALA A 28 5.12 -8.88 -7.74
CA ALA A 28 4.95 -8.32 -9.08
C ALA A 28 4.61 -9.42 -10.10
N ALA A 29 3.34 -9.46 -10.51
CA ALA A 29 2.90 -10.46 -11.48
C ALA A 29 3.47 -10.18 -12.86
N SER A 30 3.77 -8.91 -13.13
CA SER A 30 4.31 -8.51 -14.42
C SER A 30 5.26 -7.32 -14.26
N PRO A 31 6.14 -7.12 -15.26
CA PRO A 31 7.09 -6.03 -15.26
C PRO A 31 6.43 -4.66 -15.44
N THR A 32 5.13 -4.67 -15.66
CA THR A 32 4.37 -3.44 -15.85
C THR A 32 3.21 -3.35 -14.86
N SER A 33 2.99 -4.43 -14.12
CA SER A 33 1.91 -4.48 -13.14
C SER A 33 2.33 -5.27 -11.90
N ILE A 34 1.71 -4.95 -10.78
CA ILE A 34 2.01 -5.63 -9.53
C ILE A 34 0.74 -6.11 -8.83
N THR A 35 0.86 -7.19 -8.06
CA THR A 35 -0.28 -7.75 -7.35
C THR A 35 -0.06 -7.70 -5.83
N VAL A 36 -0.65 -6.70 -5.19
CA VAL A 36 -0.50 -6.54 -3.74
C VAL A 36 -1.62 -7.29 -3.01
N THR A 37 -1.23 -8.06 -2.00
CA THR A 37 -2.19 -8.83 -1.21
C THR A 37 -2.04 -8.53 0.28
N TRP A 38 -3.11 -8.74 1.03
CA TRP A 38 -3.10 -8.50 2.46
C TRP A 38 -4.27 -9.20 3.14
N GLU A 39 -4.20 -9.32 4.47
CA GLU A 39 -5.26 -9.97 5.24
C GLU A 39 -5.98 -8.96 6.13
N THR A 40 -7.13 -9.37 6.64
CA THR A 40 -7.93 -8.50 7.51
C THR A 40 -7.48 -8.62 8.96
N PRO A 41 -7.29 -7.47 9.61
CA PRO A 41 -6.86 -7.41 11.02
C PRO A 41 -7.95 -7.90 11.98
N VAL A 42 -7.64 -8.95 12.73
CA VAL A 42 -8.58 -9.51 13.69
C VAL A 42 -8.65 -8.66 14.95
N SER A 43 -7.59 -7.91 15.22
CA SER A 43 -7.53 -7.06 16.39
C SER A 43 -8.60 -5.98 16.34
N GLY A 44 -8.76 -5.37 15.17
CA GLY A 44 -9.76 -4.33 15.00
C GLY A 44 -11.13 -4.76 15.47
N ASN A 45 -12.02 -3.79 15.65
CA ASN A 45 -13.38 -4.07 16.11
C ASN A 45 -14.28 -4.41 14.93
N GLY A 46 -15.39 -5.09 15.22
CA GLY A 46 -16.32 -5.48 14.17
C GLY A 46 -15.62 -5.83 12.87
N GLU A 47 -16.11 -5.27 11.76
CA GLU A 47 -15.53 -5.54 10.46
C GLU A 47 -15.18 -4.24 9.75
N ILE A 48 -14.07 -4.25 9.01
CA ILE A 48 -13.63 -3.07 8.28
C ILE A 48 -14.59 -2.72 7.15
N GLN A 49 -14.89 -1.44 7.00
CA GLN A 49 -15.80 -0.98 5.95
C GLN A 49 -15.13 -1.05 4.58
N ASN A 50 -14.03 -0.35 4.42
CA ASN A 50 -13.29 -0.33 3.16
C ASN A 50 -11.79 -0.44 3.40
N TYR A 51 -11.04 -0.63 2.32
CA TYR A 51 -9.59 -0.76 2.41
C TYR A 51 -8.90 0.23 1.47
N LYS A 52 -7.91 0.93 2.00
CA LYS A 52 -7.17 1.91 1.20
C LYS A 52 -5.75 1.41 0.91
N LEU A 53 -5.37 1.41 -0.37
CA LEU A 53 -4.05 0.96 -0.77
C LEU A 53 -3.28 2.09 -1.45
N TYR A 54 -2.02 2.25 -1.07
CA TYR A 54 -1.17 3.29 -1.65
C TYR A 54 -0.08 2.67 -2.51
N TYR A 55 0.51 3.50 -3.38
CA TYR A 55 1.58 3.04 -4.26
C TYR A 55 2.40 4.22 -4.77
N MET A 56 3.72 4.13 -4.58
CA MET A 56 4.62 5.19 -5.03
C MET A 56 5.99 4.62 -5.38
N GLU A 57 6.76 5.38 -6.16
CA GLU A 57 8.09 4.95 -6.57
C GLU A 57 9.14 5.36 -5.54
N LYS A 58 10.01 4.41 -5.19
CA LYS A 58 11.06 4.67 -4.22
C LYS A 58 11.92 5.86 -4.63
N GLY A 59 11.63 7.03 -4.06
CA GLY A 59 12.37 8.23 -4.38
C GLY A 59 11.50 9.30 -5.00
N THR A 60 10.23 9.32 -4.62
CA THR A 60 9.29 10.30 -5.14
C THR A 60 8.72 11.17 -4.03
N ASP A 61 8.59 10.59 -2.84
CA ASP A 61 8.06 11.31 -1.70
C ASP A 61 6.61 11.73 -1.94
N LYS A 62 5.93 10.99 -2.81
CA LYS A 62 4.53 11.29 -3.13
C LYS A 62 3.77 10.01 -3.50
N GLU A 63 2.94 9.54 -2.58
CA GLU A 63 2.16 8.32 -2.81
C GLU A 63 0.71 8.67 -3.11
N GLN A 64 0.01 7.75 -3.77
CA GLN A 64 -1.39 7.95 -4.11
C GLN A 64 -2.29 6.99 -3.34
N ASP A 65 -3.58 7.05 -3.61
CA ASP A 65 -4.54 6.18 -2.94
C ASP A 65 -5.58 5.65 -3.93
N VAL A 66 -5.80 4.34 -3.91
CA VAL A 66 -6.76 3.71 -4.80
C VAL A 66 -7.83 2.96 -4.01
N ASP A 67 -9.09 3.26 -4.31
CA ASP A 67 -10.20 2.61 -3.62
C ASP A 67 -10.35 1.17 -4.08
N VAL A 68 -10.22 0.24 -3.13
CA VAL A 68 -10.34 -1.18 -3.43
C VAL A 68 -11.38 -1.85 -2.55
N SER A 69 -12.00 -2.91 -3.05
CA SER A 69 -13.01 -3.64 -2.30
C SER A 69 -12.51 -5.02 -1.90
N SER A 70 -11.73 -5.65 -2.79
CA SER A 70 -11.19 -6.97 -2.53
C SER A 70 -9.93 -6.89 -1.67
N HIS A 71 -9.43 -8.05 -1.26
CA HIS A 71 -8.22 -8.11 -0.43
C HIS A 71 -6.97 -8.07 -1.29
N SER A 72 -7.09 -8.53 -2.54
CA SER A 72 -5.96 -8.56 -3.46
C SER A 72 -6.23 -7.67 -4.67
N TYR A 73 -5.42 -6.64 -4.84
CA TYR A 73 -5.57 -5.71 -5.96
C TYR A 73 -4.41 -5.86 -6.94
N THR A 74 -4.66 -5.48 -8.20
CA THR A 74 -3.64 -5.56 -9.23
C THR A 74 -3.40 -4.20 -9.88
N ILE A 75 -2.24 -3.61 -9.60
CA ILE A 75 -1.91 -2.31 -10.17
C ILE A 75 -1.18 -2.46 -11.50
N ASN A 76 -1.69 -1.77 -12.52
CA ASN A 76 -1.09 -1.82 -13.85
C ASN A 76 -0.58 -0.45 -14.28
N GLY A 77 0.45 -0.44 -15.11
CA GLY A 77 1.02 0.80 -15.57
C GLY A 77 2.24 1.22 -14.78
N LEU A 78 3.21 0.32 -14.66
CA LEU A 78 4.43 0.60 -13.92
C LEU A 78 5.66 0.31 -14.77
N LYS A 79 6.80 0.87 -14.37
CA LYS A 79 8.05 0.66 -15.10
C LYS A 79 8.59 -0.74 -14.87
N LYS A 80 9.65 -1.08 -15.59
CA LYS A 80 10.26 -2.39 -15.46
C LYS A 80 11.49 -2.34 -14.55
N TYR A 81 11.62 -3.34 -13.69
CA TYR A 81 12.75 -3.41 -12.77
C TYR A 81 12.79 -2.17 -11.88
N THR A 82 11.62 -1.68 -11.50
CA THR A 82 11.52 -0.50 -10.65
C THR A 82 10.83 -0.83 -9.33
N GLU A 83 11.38 -0.28 -8.24
CA GLU A 83 10.82 -0.52 -6.91
C GLU A 83 9.65 0.41 -6.63
N TYR A 84 8.71 -0.05 -5.81
CA TYR A 84 7.53 0.74 -5.47
C TYR A 84 7.05 0.40 -4.07
N SER A 85 6.78 1.45 -3.29
CA SER A 85 6.30 1.28 -1.91
C SER A 85 4.80 1.04 -1.88
N PHE A 86 4.38 0.10 -1.04
CA PHE A 86 2.96 -0.23 -0.91
C PHE A 86 2.55 -0.32 0.55
N ARG A 87 1.40 0.25 0.88
CA ARG A 87 0.90 0.22 2.25
C ARG A 87 -0.63 0.11 2.27
N VAL A 88 -1.14 -0.63 3.24
CA VAL A 88 -2.59 -0.82 3.38
C VAL A 88 -3.13 -0.11 4.62
N VAL A 89 -4.23 0.61 4.46
CA VAL A 89 -4.84 1.33 5.56
C VAL A 89 -6.28 0.88 5.77
N ALA A 90 -6.67 0.78 7.04
CA ALA A 90 -8.04 0.37 7.38
C ALA A 90 -8.92 1.57 7.65
N TYR A 91 -10.15 1.52 7.15
CA TYR A 91 -11.10 2.61 7.34
C TYR A 91 -12.44 2.08 7.86
N ASN A 92 -12.85 2.59 9.02
CA ASN A 92 -14.11 2.18 9.63
C ASN A 92 -14.95 3.39 10.03
N LYS A 93 -16.19 3.14 10.45
CA LYS A 93 -17.09 4.21 10.86
C LYS A 93 -16.41 5.14 11.85
N HIS A 94 -15.66 4.56 12.79
CA HIS A 94 -14.96 5.34 13.79
C HIS A 94 -13.93 6.26 13.15
N GLY A 95 -12.97 5.66 12.44
CA GLY A 95 -11.94 6.44 11.78
C GLY A 95 -10.77 5.60 11.33
N PRO A 96 -9.87 6.20 10.55
CA PRO A 96 -8.68 5.51 10.03
C PRO A 96 -7.66 5.19 11.13
N GLY A 97 -7.48 3.91 11.40
CA GLY A 97 -6.54 3.50 12.43
C GLY A 97 -5.09 3.69 12.00
N VAL A 98 -4.24 2.73 12.35
CA VAL A 98 -2.83 2.79 12.00
C VAL A 98 -2.60 2.39 10.54
N SER A 99 -1.35 2.41 10.11
CA SER A 99 -1.00 2.05 8.75
C SER A 99 0.12 1.02 8.72
N THR A 100 -0.03 0.01 7.87
CA THR A 100 0.96 -1.06 7.75
C THR A 100 2.32 -0.49 7.32
N PRO A 101 3.38 -1.25 7.60
CA PRO A 101 4.75 -0.85 7.24
C PRO A 101 4.99 -0.89 5.74
N ASP A 102 5.56 0.20 5.21
CA ASP A 102 5.85 0.29 3.78
C ASP A 102 6.34 -1.05 3.24
N VAL A 103 5.77 -1.48 2.12
CA VAL A 103 6.17 -2.74 1.50
C VAL A 103 6.74 -2.51 0.10
N ALA A 104 8.01 -2.10 0.06
CA ALA A 104 8.68 -1.86 -1.21
C ALA A 104 8.96 -3.16 -1.95
N VAL A 105 8.70 -3.17 -3.25
CA VAL A 105 8.92 -4.35 -4.07
C VAL A 105 9.41 -3.96 -5.47
N ARG A 106 10.26 -4.81 -6.04
CA ARG A 106 10.80 -4.55 -7.37
C ARG A 106 10.10 -5.42 -8.41
N THR A 107 9.59 -4.79 -9.46
CA THR A 107 8.89 -5.50 -10.53
C THR A 107 9.86 -6.35 -11.34
N LEU A 108 9.33 -7.07 -12.33
CA LEU A 108 10.15 -7.92 -13.17
C LEU A 108 10.87 -7.10 -14.24
N SER A 109 11.99 -7.62 -14.73
CA SER A 109 12.78 -6.93 -15.75
C SER A 109 12.61 -7.61 -17.10
N ASP A 110 12.27 -6.82 -18.11
CA ASP A 110 12.08 -7.33 -19.47
C ASP A 110 13.43 -7.57 -20.14
N SER A 111 14.03 -8.72 -19.87
CA SER A 111 15.32 -9.07 -20.45
C SER A 111 15.13 -10.03 -21.63
N GLY A 112 16.21 -10.22 -22.39
CA GLY A 112 16.15 -11.12 -23.53
C GLY A 112 16.46 -10.41 -24.83
N PRO A 113 17.13 -11.12 -25.75
CA PRO A 113 17.51 -10.57 -27.07
C PRO A 113 16.30 -10.36 -27.96
N SER A 114 15.14 -10.85 -27.53
CA SER A 114 13.91 -10.72 -28.29
C SER A 114 12.69 -10.65 -27.37
N SER A 115 11.64 -10.00 -27.84
CA SER A 115 10.41 -9.85 -27.06
C SER A 115 10.08 -11.16 -26.34
N GLY A 116 9.39 -11.04 -25.21
CA GLY A 116 9.02 -12.21 -24.45
C GLY A 116 8.57 -11.88 -23.04
N GLY A 1 15.17 18.15 2.14
CA GLY A 1 14.37 19.08 1.39
C GLY A 1 12.99 19.27 1.99
N SER A 2 12.41 20.44 1.75
CA SER A 2 11.09 20.76 2.29
C SER A 2 10.42 21.87 1.47
N SER A 3 9.13 21.72 1.22
CA SER A 3 8.38 22.71 0.46
C SER A 3 6.99 22.93 1.06
N GLY A 4 6.80 24.08 1.69
CA GLY A 4 5.52 24.40 2.30
C GLY A 4 5.68 25.22 3.57
N SER A 5 4.55 25.47 4.24
CA SER A 5 4.56 26.25 5.46
C SER A 5 4.38 25.35 6.68
N SER A 6 4.95 25.75 7.81
CA SER A 6 4.86 24.98 9.04
C SER A 6 3.61 25.37 9.83
N GLY A 7 2.93 24.38 10.38
CA GLY A 7 1.73 24.64 11.15
C GLY A 7 0.74 23.49 11.09
N ARG A 8 0.75 22.65 12.12
CA ARG A 8 -0.16 21.51 12.18
C ARG A 8 -0.70 21.32 13.59
N VAL A 9 -1.87 20.68 13.69
CA VAL A 9 -2.50 20.44 14.98
C VAL A 9 -2.22 19.01 15.46
N GLU A 10 -2.58 18.75 16.72
CA GLU A 10 -2.37 17.43 17.30
C GLU A 10 -3.70 16.75 17.61
N THR A 11 -4.10 15.81 16.76
CA THR A 11 -5.35 15.09 16.93
C THR A 11 -5.11 13.75 17.61
N GLN A 12 -5.38 13.70 18.92
CA GLN A 12 -5.20 12.47 19.69
C GLN A 12 -5.92 11.30 19.01
N PRO A 13 -5.24 10.15 18.96
CA PRO A 13 -5.79 8.94 18.35
C PRO A 13 -6.92 8.33 19.18
N GLU A 14 -7.40 7.18 18.75
CA GLU A 14 -8.49 6.50 19.45
C GLU A 14 -8.10 5.08 19.81
N VAL A 15 -9.02 4.35 20.43
CA VAL A 15 -8.77 2.96 20.84
C VAL A 15 -9.72 2.01 20.13
N GLN A 16 -10.82 2.55 19.60
CA GLN A 16 -11.80 1.74 18.89
C GLN A 16 -11.52 1.71 17.39
N LEU A 17 -10.24 1.75 17.04
CA LEU A 17 -9.83 1.73 15.64
C LEU A 17 -9.34 0.34 15.24
N PRO A 18 -9.32 0.08 13.92
CA PRO A 18 -8.87 -1.20 13.38
C PRO A 18 -7.37 -1.42 13.55
N GLY A 19 -6.90 -2.60 13.19
CA GLY A 19 -5.48 -2.92 13.32
C GLY A 19 -4.79 -2.99 11.97
N PRO A 20 -3.45 -3.11 12.00
CA PRO A 20 -2.64 -3.18 10.79
C PRO A 20 -2.84 -4.50 10.04
N ALA A 21 -3.23 -4.40 8.77
CA ALA A 21 -3.46 -5.59 7.95
C ALA A 21 -2.25 -6.52 8.00
N PRO A 22 -2.42 -7.65 8.71
CA PRO A 22 -1.36 -8.65 8.85
C PRO A 22 -1.09 -9.39 7.55
N ASN A 23 -0.19 -10.37 7.61
CA ASN A 23 0.16 -11.16 6.43
C ASN A 23 0.25 -10.27 5.19
N LEU A 24 0.90 -9.12 5.35
CA LEU A 24 1.05 -8.18 4.24
C LEU A 24 2.15 -8.64 3.28
N ARG A 25 1.74 -9.18 2.14
CA ARG A 25 2.69 -9.66 1.14
C ARG A 25 2.32 -9.16 -0.25
N ALA A 26 3.32 -8.74 -1.01
CA ALA A 26 3.10 -8.23 -2.36
C ALA A 26 4.07 -8.87 -3.35
N TYR A 27 3.54 -9.31 -4.48
CA TYR A 27 4.35 -9.94 -5.51
C TYR A 27 4.04 -9.36 -6.89
N ALA A 28 5.10 -9.01 -7.63
CA ALA A 28 4.93 -8.44 -8.96
C ALA A 28 4.55 -9.52 -9.98
N ALA A 29 3.35 -9.42 -10.52
CA ALA A 29 2.87 -10.38 -11.49
C ALA A 29 3.41 -10.08 -12.89
N SER A 30 3.69 -8.80 -13.13
CA SER A 30 4.22 -8.37 -14.43
C SER A 30 5.19 -7.21 -14.25
N PRO A 31 6.03 -6.98 -15.28
CA PRO A 31 7.02 -5.90 -15.27
C PRO A 31 6.37 -4.52 -15.37
N THR A 32 5.06 -4.50 -15.62
CA THR A 32 4.33 -3.25 -15.75
C THR A 32 3.14 -3.22 -14.80
N SER A 33 2.97 -4.29 -14.03
CA SER A 33 1.87 -4.39 -13.08
C SER A 33 2.27 -5.19 -11.86
N ILE A 34 1.68 -4.84 -10.71
CA ILE A 34 1.97 -5.53 -9.46
C ILE A 34 0.70 -5.95 -8.75
N THR A 35 0.77 -7.08 -8.04
CA THR A 35 -0.38 -7.59 -7.31
C THR A 35 -0.12 -7.61 -5.81
N VAL A 36 -0.58 -6.57 -5.12
CA VAL A 36 -0.39 -6.48 -3.68
C VAL A 36 -1.48 -7.24 -2.93
N THR A 37 -1.07 -7.95 -1.88
CA THR A 37 -2.00 -8.74 -1.08
C THR A 37 -1.87 -8.41 0.40
N TRP A 38 -2.93 -8.65 1.15
CA TRP A 38 -2.94 -8.38 2.59
C TRP A 38 -4.07 -9.13 3.28
N GLU A 39 -3.95 -9.28 4.59
CA GLU A 39 -4.96 -9.98 5.38
C GLU A 39 -5.77 -9.00 6.23
N THR A 40 -6.90 -9.46 6.75
CA THR A 40 -7.75 -8.62 7.58
C THR A 40 -7.31 -8.66 9.04
N PRO A 41 -7.22 -7.49 9.67
CA PRO A 41 -6.82 -7.36 11.07
C PRO A 41 -7.86 -7.89 12.03
N VAL A 42 -7.47 -8.85 12.86
CA VAL A 42 -8.38 -9.45 13.83
C VAL A 42 -8.66 -8.48 14.98
N SER A 43 -7.85 -7.43 15.08
CA SER A 43 -8.01 -6.44 16.14
C SER A 43 -8.79 -5.23 15.64
N GLY A 44 -10.06 -5.14 16.05
CA GLY A 44 -10.89 -4.03 15.64
C GLY A 44 -12.31 -4.14 16.17
N ASN A 45 -13.01 -3.02 16.22
CA ASN A 45 -14.38 -2.99 16.71
C ASN A 45 -15.35 -2.60 15.59
N GLY A 46 -14.93 -1.66 14.76
CA GLY A 46 -15.78 -1.21 13.66
C GLY A 46 -15.53 -1.99 12.39
N GLU A 47 -16.51 -2.00 11.49
CA GLU A 47 -16.40 -2.71 10.24
C GLU A 47 -15.69 -1.86 9.19
N ILE A 48 -14.62 -2.41 8.61
CA ILE A 48 -13.86 -1.70 7.59
C ILE A 48 -14.76 -1.23 6.46
N GLN A 49 -15.03 0.07 6.41
CA GLN A 49 -15.88 0.64 5.38
C GLN A 49 -15.27 0.41 3.99
N ASN A 50 -13.96 0.51 3.91
CA ASN A 50 -13.27 0.32 2.63
C ASN A 50 -11.76 0.12 2.87
N TYR A 51 -11.11 -0.58 1.94
CA TYR A 51 -9.69 -0.84 2.04
C TYR A 51 -8.89 0.13 1.17
N LYS A 52 -8.05 0.93 1.80
CA LYS A 52 -7.23 1.90 1.08
C LYS A 52 -5.88 1.29 0.70
N LEU A 53 -5.52 1.42 -0.57
CA LEU A 53 -4.25 0.90 -1.07
C LEU A 53 -3.41 2.00 -1.69
N TYR A 54 -2.22 2.22 -1.14
CA TYR A 54 -1.33 3.26 -1.64
C TYR A 54 -0.23 2.64 -2.51
N TYR A 55 0.36 3.45 -3.38
CA TYR A 55 1.41 2.98 -4.27
C TYR A 55 2.22 4.16 -4.81
N MET A 56 3.54 4.07 -4.68
CA MET A 56 4.43 5.12 -5.16
C MET A 56 5.77 4.56 -5.59
N GLU A 57 6.52 5.32 -6.38
CA GLU A 57 7.83 4.88 -6.86
C GLU A 57 8.93 5.30 -5.90
N LYS A 58 9.77 4.34 -5.52
CA LYS A 58 10.87 4.61 -4.60
C LYS A 58 11.73 5.77 -5.11
N GLY A 59 11.51 6.95 -4.53
CA GLY A 59 12.28 8.11 -4.94
C GLY A 59 11.41 9.18 -5.58
N THR A 60 10.17 9.31 -5.10
CA THR A 60 9.24 10.29 -5.63
C THR A 60 8.76 11.25 -4.54
N ASP A 61 8.74 10.76 -3.31
CA ASP A 61 8.31 11.56 -2.17
C ASP A 61 6.84 11.95 -2.31
N LYS A 62 6.07 11.10 -2.98
CA LYS A 62 4.65 11.34 -3.18
C LYS A 62 3.86 10.04 -3.21
N GLU A 63 3.12 9.77 -2.14
CA GLU A 63 2.32 8.56 -2.03
C GLU A 63 0.94 8.77 -2.63
N GLN A 64 0.39 7.72 -3.23
CA GLN A 64 -0.94 7.79 -3.83
C GLN A 64 -1.92 6.89 -3.08
N ASP A 65 -3.17 6.89 -3.54
CA ASP A 65 -4.21 6.08 -2.91
C ASP A 65 -5.24 5.64 -3.94
N VAL A 66 -5.59 4.35 -3.91
CA VAL A 66 -6.58 3.81 -4.85
C VAL A 66 -7.62 2.98 -4.11
N ASP A 67 -8.88 3.15 -4.49
CA ASP A 67 -9.98 2.41 -3.87
C ASP A 67 -9.94 0.95 -4.28
N VAL A 68 -9.96 0.07 -3.28
CA VAL A 68 -9.93 -1.38 -3.52
C VAL A 68 -11.02 -2.09 -2.74
N SER A 69 -11.83 -2.87 -3.43
CA SER A 69 -12.91 -3.61 -2.80
C SER A 69 -12.56 -5.10 -2.69
N SER A 70 -11.41 -5.39 -2.10
CA SER A 70 -10.96 -6.76 -1.94
C SER A 70 -9.68 -6.83 -1.10
N HIS A 71 -9.19 -8.03 -0.87
CA HIS A 71 -7.98 -8.24 -0.08
C HIS A 71 -6.74 -8.22 -0.99
N SER A 72 -6.94 -8.55 -2.26
CA SER A 72 -5.84 -8.59 -3.22
C SER A 72 -6.18 -7.77 -4.45
N TYR A 73 -5.38 -6.74 -4.71
CA TYR A 73 -5.59 -5.87 -5.86
C TYR A 73 -4.40 -5.94 -6.82
N THR A 74 -4.61 -5.46 -8.05
CA THR A 74 -3.56 -5.47 -9.05
C THR A 74 -3.40 -4.10 -9.70
N ILE A 75 -2.23 -3.51 -9.53
CA ILE A 75 -1.95 -2.18 -10.10
C ILE A 75 -1.17 -2.30 -11.39
N ASN A 76 -1.72 -1.75 -12.47
CA ASN A 76 -1.07 -1.79 -13.77
C ASN A 76 -0.60 -0.40 -14.19
N GLY A 77 0.36 -0.35 -15.11
CA GLY A 77 0.87 0.93 -15.58
C GLY A 77 2.09 1.37 -14.81
N LEU A 78 3.06 0.48 -14.65
CA LEU A 78 4.29 0.79 -13.92
C LEU A 78 5.51 0.51 -14.78
N LYS A 79 6.67 0.94 -14.31
CA LYS A 79 7.92 0.74 -15.04
C LYS A 79 8.48 -0.67 -14.77
N LYS A 80 9.57 -0.99 -15.45
CA LYS A 80 10.20 -2.30 -15.30
C LYS A 80 11.45 -2.19 -14.44
N TYR A 81 11.68 -3.20 -13.60
CA TYR A 81 12.84 -3.22 -12.72
C TYR A 81 12.85 -2.01 -11.79
N THR A 82 11.66 -1.50 -11.49
CA THR A 82 11.52 -0.34 -10.63
C THR A 82 10.84 -0.71 -9.31
N GLU A 83 11.36 -0.19 -8.20
CA GLU A 83 10.79 -0.46 -6.89
C GLU A 83 9.57 0.40 -6.64
N TYR A 84 8.62 -0.14 -5.86
CA TYR A 84 7.40 0.58 -5.53
C TYR A 84 6.95 0.27 -4.10
N SER A 85 6.59 1.30 -3.36
CA SER A 85 6.13 1.14 -1.99
C SER A 85 4.62 0.95 -1.94
N PHE A 86 4.18 0.03 -1.09
CA PHE A 86 2.76 -0.25 -0.93
C PHE A 86 2.37 -0.34 0.54
N ARG A 87 1.25 0.28 0.89
CA ARG A 87 0.77 0.28 2.26
C ARG A 87 -0.75 0.20 2.31
N VAL A 88 -1.27 -0.62 3.22
CA VAL A 88 -2.72 -0.78 3.37
C VAL A 88 -3.21 -0.18 4.69
N VAL A 89 -4.23 0.67 4.59
CA VAL A 89 -4.80 1.31 5.77
C VAL A 89 -6.28 0.98 5.91
N ALA A 90 -6.68 0.61 7.12
CA ALA A 90 -8.07 0.28 7.40
C ALA A 90 -8.87 1.52 7.76
N TYR A 91 -10.08 1.62 7.22
CA TYR A 91 -10.95 2.77 7.48
C TYR A 91 -12.30 2.31 8.03
N ASN A 92 -12.52 2.56 9.32
CA ASN A 92 -13.77 2.18 9.96
C ASN A 92 -14.68 3.40 10.16
N LYS A 93 -15.97 3.13 10.31
CA LYS A 93 -16.95 4.20 10.51
C LYS A 93 -16.41 5.25 11.49
N HIS A 94 -15.57 4.81 12.42
CA HIS A 94 -14.99 5.70 13.41
C HIS A 94 -13.87 6.54 12.80
N GLY A 95 -12.81 5.88 12.37
CA GLY A 95 -11.69 6.57 11.77
C GLY A 95 -10.56 5.63 11.37
N PRO A 96 -9.55 6.17 10.67
CA PRO A 96 -8.40 5.39 10.22
C PRO A 96 -7.50 4.98 11.37
N GLY A 97 -7.42 3.67 11.63
CA GLY A 97 -6.59 3.18 12.71
C GLY A 97 -5.11 3.41 12.45
N VAL A 98 -4.36 2.32 12.30
CA VAL A 98 -2.94 2.41 12.05
C VAL A 98 -2.62 2.26 10.57
N SER A 99 -1.34 2.25 10.23
CA SER A 99 -0.90 2.11 8.85
C SER A 99 0.20 1.06 8.72
N THR A 100 -0.04 0.05 7.89
CA THR A 100 0.93 -1.01 7.68
C THR A 100 2.28 -0.45 7.26
N PRO A 101 3.35 -1.23 7.50
CA PRO A 101 4.72 -0.83 7.16
C PRO A 101 4.95 -0.82 5.64
N ASP A 102 5.58 0.24 5.16
CA ASP A 102 5.87 0.37 3.73
C ASP A 102 6.36 -0.95 3.16
N VAL A 103 5.79 -1.36 2.04
CA VAL A 103 6.18 -2.60 1.38
C VAL A 103 6.79 -2.33 0.01
N ALA A 104 8.08 -2.01 0.01
CA ALA A 104 8.80 -1.73 -1.24
C ALA A 104 9.09 -3.02 -2.00
N VAL A 105 8.61 -3.10 -3.24
CA VAL A 105 8.82 -4.27 -4.06
C VAL A 105 9.32 -3.89 -5.45
N ARG A 106 10.18 -4.72 -6.02
CA ARG A 106 10.73 -4.45 -7.35
C ARG A 106 10.05 -5.32 -8.40
N THR A 107 9.63 -4.69 -9.49
CA THR A 107 8.95 -5.40 -10.57
C THR A 107 9.93 -6.27 -11.36
N LEU A 108 9.42 -6.97 -12.36
CA LEU A 108 10.25 -7.84 -13.19
C LEU A 108 11.02 -7.02 -14.24
N SER A 109 12.12 -7.59 -14.72
CA SER A 109 12.95 -6.91 -15.71
C SER A 109 12.69 -7.47 -17.11
N ASP A 110 12.23 -6.61 -18.01
CA ASP A 110 11.94 -7.02 -19.37
C ASP A 110 13.21 -7.42 -20.11
N SER A 111 13.06 -8.22 -21.17
CA SER A 111 14.20 -8.68 -21.95
C SER A 111 14.08 -8.23 -23.40
N GLY A 112 12.95 -8.57 -24.02
CA GLY A 112 12.72 -8.20 -25.40
C GLY A 112 11.44 -8.78 -25.96
N PRO A 113 11.22 -8.60 -27.27
CA PRO A 113 10.02 -9.10 -27.95
C PRO A 113 10.01 -10.62 -28.06
N SER A 114 11.20 -11.22 -28.05
CA SER A 114 11.33 -12.66 -28.17
C SER A 114 10.18 -13.37 -27.44
N SER A 115 10.10 -13.15 -26.14
CA SER A 115 9.05 -13.76 -25.33
C SER A 115 7.67 -13.33 -25.80
N GLY A 116 6.78 -14.30 -25.98
CA GLY A 116 5.43 -13.99 -26.43
C GLY A 116 4.49 -15.16 -26.28
N GLY A 1 9.09 36.11 -9.37
CA GLY A 1 10.05 35.13 -8.90
C GLY A 1 9.55 34.35 -7.71
N SER A 2 9.60 33.03 -7.80
CA SER A 2 9.14 32.16 -6.72
C SER A 2 9.87 30.83 -6.74
N SER A 3 9.73 30.06 -5.66
CA SER A 3 10.39 28.76 -5.56
C SER A 3 9.61 27.84 -4.63
N GLY A 4 10.04 26.58 -4.56
CA GLY A 4 9.37 25.61 -3.72
C GLY A 4 9.91 25.61 -2.30
N SER A 5 9.04 25.33 -1.34
CA SER A 5 9.44 25.29 0.07
C SER A 5 8.56 24.32 0.85
N SER A 6 9.17 23.69 1.86
CA SER A 6 8.44 22.73 2.69
C SER A 6 8.21 23.29 4.10
N GLY A 7 7.22 22.75 4.78
CA GLY A 7 6.90 23.21 6.12
C GLY A 7 6.64 22.06 7.08
N ARG A 8 5.45 22.04 7.67
CA ARG A 8 5.07 20.99 8.61
C ARG A 8 3.76 20.32 8.19
N VAL A 9 3.72 19.00 8.30
CA VAL A 9 2.52 18.24 7.93
C VAL A 9 1.58 18.11 9.12
N GLU A 10 0.28 18.26 8.86
CA GLU A 10 -0.72 18.15 9.92
C GLU A 10 -0.93 16.69 10.32
N THR A 11 -0.67 16.40 11.59
CA THR A 11 -0.82 15.05 12.11
C THR A 11 -1.99 14.96 13.10
N GLN A 12 -2.79 13.92 12.97
CA GLN A 12 -3.93 13.72 13.85
C GLN A 12 -3.84 12.39 14.59
N PRO A 13 -4.31 12.37 15.84
CA PRO A 13 -4.29 11.17 16.68
C PRO A 13 -5.27 10.10 16.18
N GLU A 14 -5.33 8.99 16.90
CA GLU A 14 -6.22 7.90 16.54
C GLU A 14 -6.86 7.28 17.79
N VAL A 15 -8.19 7.18 17.78
CA VAL A 15 -8.92 6.61 18.91
C VAL A 15 -9.93 5.58 18.43
N GLN A 16 -9.90 4.40 19.06
CA GLN A 16 -10.81 3.32 18.70
C GLN A 16 -10.72 3.00 17.22
N LEU A 17 -9.49 2.79 16.73
CA LEU A 17 -9.27 2.47 15.33
C LEU A 17 -8.90 1.01 15.15
N PRO A 18 -9.05 0.50 13.92
CA PRO A 18 -8.75 -0.89 13.59
C PRO A 18 -7.25 -1.17 13.62
N GLY A 19 -6.90 -2.46 13.57
CA GLY A 19 -5.50 -2.84 13.60
C GLY A 19 -4.90 -2.96 12.20
N PRO A 20 -3.57 -3.13 12.14
CA PRO A 20 -2.85 -3.26 10.87
C PRO A 20 -3.15 -4.58 10.17
N ALA A 21 -3.27 -4.53 8.85
CA ALA A 21 -3.55 -5.72 8.06
C ALA A 21 -2.39 -6.70 8.09
N PRO A 22 -2.60 -7.85 8.75
CA PRO A 22 -1.57 -8.89 8.87
C PRO A 22 -1.28 -9.59 7.54
N ASN A 23 -0.40 -10.58 7.58
CA ASN A 23 -0.04 -11.32 6.37
C ASN A 23 -0.03 -10.41 5.15
N LEU A 24 0.71 -9.30 5.26
CA LEU A 24 0.81 -8.34 4.17
C LEU A 24 1.90 -8.76 3.17
N ARG A 25 1.48 -9.27 2.02
CA ARG A 25 2.41 -9.70 0.99
C ARG A 25 2.25 -8.86 -0.28
N ALA A 26 3.30 -8.85 -1.10
CA ALA A 26 3.27 -8.10 -2.35
C ALA A 26 4.31 -8.62 -3.33
N TYR A 27 3.86 -8.93 -4.55
CA TYR A 27 4.74 -9.45 -5.57
C TYR A 27 4.40 -8.85 -6.94
N ALA A 28 5.41 -8.72 -7.79
CA ALA A 28 5.22 -8.16 -9.13
C ALA A 28 4.76 -9.24 -10.11
N ALA A 29 3.50 -9.18 -10.51
CA ALA A 29 2.95 -10.16 -11.45
C ALA A 29 3.44 -9.88 -12.87
N SER A 30 3.80 -8.63 -13.13
CA SER A 30 4.28 -8.24 -14.46
C SER A 30 5.19 -7.02 -14.37
N PRO A 31 6.00 -6.82 -15.42
CA PRO A 31 6.94 -5.70 -15.48
C PRO A 31 6.23 -4.36 -15.65
N THR A 32 4.90 -4.40 -15.67
CA THR A 32 4.11 -3.19 -15.84
C THR A 32 3.00 -3.13 -14.79
N SER A 33 2.94 -4.13 -13.92
CA SER A 33 1.92 -4.20 -12.88
C SER A 33 2.48 -4.81 -11.62
N ILE A 34 1.68 -4.78 -10.55
CA ILE A 34 2.10 -5.35 -9.27
C ILE A 34 0.90 -5.82 -8.46
N THR A 35 0.95 -7.08 -8.01
CA THR A 35 -0.13 -7.65 -7.22
C THR A 35 0.18 -7.59 -5.74
N VAL A 36 -0.79 -7.14 -4.95
CA VAL A 36 -0.62 -7.05 -3.50
C VAL A 36 -1.75 -7.76 -2.76
N THR A 37 -1.39 -8.63 -1.84
CA THR A 37 -2.37 -9.38 -1.06
C THR A 37 -2.15 -9.19 0.44
N TRP A 38 -3.23 -8.88 1.15
CA TRP A 38 -3.15 -8.66 2.58
C TRP A 38 -4.29 -9.39 3.30
N GLU A 39 -4.19 -9.46 4.62
CA GLU A 39 -5.22 -10.13 5.43
C GLU A 39 -5.94 -9.13 6.33
N THR A 40 -7.08 -9.56 6.86
CA THR A 40 -7.87 -8.70 7.74
C THR A 40 -7.40 -8.81 9.19
N PRO A 41 -7.27 -7.65 9.85
CA PRO A 41 -6.81 -7.59 11.24
C PRO A 41 -7.86 -8.13 12.21
N VAL A 42 -7.55 -9.26 12.83
CA VAL A 42 -8.46 -9.89 13.78
C VAL A 42 -9.01 -8.87 14.77
N SER A 43 -8.12 -8.04 15.31
CA SER A 43 -8.52 -7.02 16.27
C SER A 43 -9.21 -5.85 15.57
N GLY A 44 -9.75 -4.93 16.37
CA GLY A 44 -10.43 -3.77 15.81
C GLY A 44 -11.71 -3.45 16.53
N ASN A 45 -12.17 -2.20 16.41
CA ASN A 45 -13.40 -1.78 17.06
C ASN A 45 -14.56 -1.80 16.09
N GLY A 46 -15.17 -2.97 15.93
CA GLY A 46 -16.30 -3.11 15.02
C GLY A 46 -15.90 -3.74 13.69
N GLU A 47 -16.58 -3.34 12.63
CA GLU A 47 -16.30 -3.86 11.30
C GLU A 47 -15.57 -2.83 10.44
N ILE A 48 -15.08 -3.27 9.28
CA ILE A 48 -14.36 -2.38 8.38
C ILE A 48 -15.27 -1.89 7.26
N GLN A 49 -15.08 -0.65 6.85
CA GLN A 49 -15.89 -0.05 5.79
C GLN A 49 -15.24 -0.31 4.43
N ASN A 50 -14.00 0.13 4.27
CA ASN A 50 -13.28 -0.05 3.02
C ASN A 50 -11.78 -0.23 3.27
N TYR A 51 -11.06 -0.66 2.24
CA TYR A 51 -9.62 -0.87 2.35
C TYR A 51 -8.86 0.11 1.46
N LYS A 52 -7.93 0.84 2.06
CA LYS A 52 -7.13 1.82 1.31
C LYS A 52 -5.76 1.24 0.98
N LEU A 53 -5.37 1.38 -0.29
CA LEU A 53 -4.07 0.87 -0.73
C LEU A 53 -3.28 1.97 -1.44
N TYR A 54 -2.13 2.33 -0.87
CA TYR A 54 -1.28 3.36 -1.43
C TYR A 54 -0.12 2.74 -2.22
N TYR A 55 0.43 3.52 -3.15
CA TYR A 55 1.54 3.05 -3.98
C TYR A 55 2.36 4.23 -4.49
N MET A 56 3.68 4.06 -4.45
CA MET A 56 4.59 5.12 -4.91
C MET A 56 5.93 4.52 -5.34
N GLU A 57 6.69 5.28 -6.11
CA GLU A 57 8.00 4.83 -6.58
C GLU A 57 9.09 5.16 -5.57
N LYS A 58 9.90 4.16 -5.23
CA LYS A 58 10.98 4.36 -4.27
C LYS A 58 11.88 5.51 -4.68
N GLY A 59 11.56 6.71 -4.19
CA GLY A 59 12.35 7.88 -4.51
C GLY A 59 11.52 8.99 -5.13
N THR A 60 10.31 9.17 -4.62
CA THR A 60 9.41 10.20 -5.13
C THR A 60 8.92 11.11 -4.01
N ASP A 61 8.72 10.54 -2.84
CA ASP A 61 8.26 11.31 -1.69
C ASP A 61 6.79 11.70 -1.85
N LYS A 62 6.06 10.92 -2.63
CA LYS A 62 4.65 11.18 -2.87
C LYS A 62 3.91 9.90 -3.23
N GLU A 63 2.96 9.51 -2.37
CA GLU A 63 2.18 8.30 -2.59
C GLU A 63 0.74 8.64 -2.92
N GLN A 64 0.05 7.69 -3.55
CA GLN A 64 -1.35 7.89 -3.94
C GLN A 64 -2.27 6.95 -3.17
N ASP A 65 -3.56 7.01 -3.47
CA ASP A 65 -4.54 6.16 -2.81
C ASP A 65 -5.56 5.61 -3.81
N VAL A 66 -5.76 4.30 -3.78
CA VAL A 66 -6.71 3.65 -4.68
C VAL A 66 -7.79 2.92 -3.90
N ASP A 67 -9.05 3.24 -4.20
CA ASP A 67 -10.18 2.60 -3.53
C ASP A 67 -10.35 1.16 -4.01
N VAL A 68 -10.22 0.21 -3.08
CA VAL A 68 -10.36 -1.19 -3.39
C VAL A 68 -11.44 -1.85 -2.55
N SER A 69 -12.00 -2.94 -3.05
CA SER A 69 -13.05 -3.66 -2.34
C SER A 69 -12.57 -5.04 -1.89
N SER A 70 -11.76 -5.68 -2.75
CA SER A 70 -11.24 -7.00 -2.45
C SER A 70 -9.93 -6.91 -1.67
N HIS A 71 -9.55 -7.99 -1.02
CA HIS A 71 -8.31 -8.03 -0.25
C HIS A 71 -7.10 -7.95 -1.16
N SER A 72 -7.22 -8.53 -2.35
CA SER A 72 -6.12 -8.53 -3.32
C SER A 72 -6.46 -7.66 -4.52
N TYR A 73 -5.58 -6.72 -4.84
CA TYR A 73 -5.79 -5.83 -5.97
C TYR A 73 -4.61 -5.88 -6.93
N THR A 74 -4.81 -5.39 -8.15
CA THR A 74 -3.77 -5.38 -9.16
C THR A 74 -3.56 -3.98 -9.73
N ILE A 75 -2.36 -3.46 -9.58
CA ILE A 75 -2.03 -2.12 -10.07
C ILE A 75 -1.24 -2.19 -11.37
N ASN A 76 -1.87 -1.79 -12.47
CA ASN A 76 -1.22 -1.80 -13.78
C ASN A 76 -0.79 -0.40 -14.19
N GLY A 77 0.20 -0.32 -15.08
CA GLY A 77 0.68 0.96 -15.55
C GLY A 77 1.91 1.44 -14.80
N LEU A 78 2.86 0.53 -14.59
CA LEU A 78 4.09 0.86 -13.89
C LEU A 78 5.31 0.61 -14.78
N LYS A 79 6.47 1.06 -14.32
CA LYS A 79 7.71 0.89 -15.06
C LYS A 79 8.29 -0.50 -14.86
N LYS A 80 9.28 -0.86 -15.67
CA LYS A 80 9.91 -2.16 -15.57
C LYS A 80 11.12 -2.12 -14.65
N TYR A 81 11.38 -3.23 -13.97
CA TYR A 81 12.51 -3.32 -13.05
C TYR A 81 12.63 -2.05 -12.20
N THR A 82 11.53 -1.66 -11.57
CA THR A 82 11.50 -0.47 -10.73
C THR A 82 10.83 -0.75 -9.38
N GLU A 83 11.46 -0.32 -8.31
CA GLU A 83 10.93 -0.52 -6.97
C GLU A 83 9.67 0.32 -6.75
N TYR A 84 8.79 -0.18 -5.88
CA TYR A 84 7.55 0.53 -5.59
C TYR A 84 7.06 0.21 -4.18
N SER A 85 6.78 1.24 -3.40
CA SER A 85 6.31 1.08 -2.03
C SER A 85 4.80 0.82 -2.01
N PHE A 86 4.34 0.11 -0.98
CA PHE A 86 2.93 -0.20 -0.83
C PHE A 86 2.53 -0.25 0.64
N ARG A 87 1.38 0.35 0.95
CA ARG A 87 0.90 0.39 2.33
C ARG A 87 -0.62 0.36 2.36
N VAL A 88 -1.19 -0.49 3.21
CA VAL A 88 -2.63 -0.62 3.34
C VAL A 88 -3.12 0.01 4.64
N VAL A 89 -4.30 0.63 4.58
CA VAL A 89 -4.88 1.28 5.75
C VAL A 89 -6.35 0.88 5.92
N ALA A 90 -6.75 0.61 7.15
CA ALA A 90 -8.12 0.23 7.45
C ALA A 90 -8.98 1.46 7.74
N TYR A 91 -10.08 1.60 7.02
CA TYR A 91 -10.98 2.73 7.19
C TYR A 91 -12.33 2.26 7.75
N ASN A 92 -12.69 2.80 8.91
CA ASN A 92 -13.96 2.44 9.55
C ASN A 92 -14.82 3.68 9.76
N LYS A 93 -16.09 3.45 10.10
CA LYS A 93 -17.02 4.54 10.33
C LYS A 93 -16.38 5.63 11.19
N HIS A 94 -15.50 5.22 12.10
CA HIS A 94 -14.82 6.17 12.97
C HIS A 94 -13.76 6.95 12.21
N GLY A 95 -12.82 6.23 11.60
CA GLY A 95 -11.75 6.88 10.85
C GLY A 95 -10.65 5.92 10.45
N PRO A 96 -9.62 6.44 9.79
CA PRO A 96 -8.48 5.63 9.35
C PRO A 96 -7.61 5.14 10.51
N GLY A 97 -7.35 3.83 10.54
CA GLY A 97 -6.55 3.27 11.60
C GLY A 97 -5.07 3.33 11.30
N VAL A 98 -4.30 2.42 11.89
CA VAL A 98 -2.86 2.37 11.69
C VAL A 98 -2.52 2.27 10.21
N SER A 99 -1.24 2.12 9.91
CA SER A 99 -0.77 2.02 8.52
C SER A 99 0.40 1.04 8.42
N THR A 100 0.12 -0.13 7.85
CA THR A 100 1.14 -1.15 7.69
C THR A 100 2.47 -0.54 7.25
N PRO A 101 3.58 -1.24 7.56
CA PRO A 101 4.92 -0.77 7.21
C PRO A 101 5.18 -0.85 5.70
N ASP A 102 5.68 0.25 5.14
CA ASP A 102 5.98 0.31 3.71
C ASP A 102 6.47 -1.05 3.20
N VAL A 103 5.99 -1.44 2.02
CA VAL A 103 6.37 -2.70 1.43
C VAL A 103 6.93 -2.50 0.01
N ALA A 104 8.18 -2.06 -0.06
CA ALA A 104 8.83 -1.82 -1.35
C ALA A 104 9.05 -3.13 -2.09
N VAL A 105 8.77 -3.13 -3.39
CA VAL A 105 8.94 -4.32 -4.21
C VAL A 105 9.39 -3.95 -5.61
N ARG A 106 10.35 -4.71 -6.15
CA ARG A 106 10.87 -4.47 -7.49
C ARG A 106 10.11 -5.28 -8.53
N THR A 107 9.67 -4.60 -9.59
CA THR A 107 8.92 -5.26 -10.65
C THR A 107 9.84 -6.10 -11.52
N LEU A 108 9.27 -6.71 -12.56
CA LEU A 108 10.04 -7.54 -13.48
C LEU A 108 10.63 -6.72 -14.61
N SER A 109 11.60 -7.30 -15.31
CA SER A 109 12.25 -6.61 -16.42
C SER A 109 11.85 -7.24 -17.76
N ASP A 110 11.22 -6.45 -18.62
CA ASP A 110 10.78 -6.92 -19.93
C ASP A 110 11.85 -6.64 -20.99
N SER A 111 12.78 -7.58 -21.13
CA SER A 111 13.85 -7.43 -22.12
C SER A 111 13.46 -8.06 -23.45
N GLY A 112 12.23 -7.81 -23.87
CA GLY A 112 11.75 -8.36 -25.13
C GLY A 112 10.64 -9.36 -24.94
N PRO A 113 10.11 -9.90 -26.05
CA PRO A 113 9.03 -10.89 -26.03
C PRO A 113 9.49 -12.24 -25.48
N SER A 114 10.79 -12.49 -25.54
CA SER A 114 11.36 -13.74 -25.06
C SER A 114 12.58 -13.49 -24.18
N SER A 115 12.99 -14.51 -23.45
CA SER A 115 14.15 -14.40 -22.56
C SER A 115 14.78 -15.76 -22.31
N GLY A 116 16.10 -15.80 -22.29
CA GLY A 116 16.81 -17.05 -22.06
C GLY A 116 17.09 -17.81 -23.34
N GLY A 1 13.77 23.98 -6.94
CA GLY A 1 12.95 22.89 -6.47
C GLY A 1 13.45 22.33 -5.16
N SER A 2 12.64 22.47 -4.10
CA SER A 2 13.01 21.96 -2.78
C SER A 2 11.77 21.64 -1.97
N SER A 3 11.98 21.08 -0.78
CA SER A 3 10.87 20.72 0.11
C SER A 3 10.87 21.60 1.35
N GLY A 4 9.71 21.69 2.00
CA GLY A 4 9.59 22.50 3.20
C GLY A 4 9.07 21.70 4.39
N SER A 5 10.00 21.17 5.17
CA SER A 5 9.64 20.38 6.35
C SER A 5 8.55 21.08 7.16
N SER A 6 7.32 20.60 7.01
CA SER A 6 6.19 21.18 7.72
C SER A 6 6.39 21.09 9.24
N GLY A 7 6.60 19.86 9.72
CA GLY A 7 6.82 19.66 11.15
C GLY A 7 6.49 18.25 11.58
N ARG A 8 7.37 17.65 12.36
CA ARG A 8 7.18 16.29 12.85
C ARG A 8 6.23 16.28 14.05
N VAL A 9 4.95 16.06 13.79
CA VAL A 9 3.94 16.01 14.85
C VAL A 9 3.92 14.65 15.53
N GLU A 10 4.06 14.66 16.85
CA GLU A 10 4.05 13.41 17.62
C GLU A 10 2.65 13.11 18.15
N THR A 11 1.87 12.39 17.36
CA THR A 11 0.51 12.04 17.76
C THR A 11 0.16 10.62 17.34
N GLN A 12 -0.65 9.94 18.15
CA GLN A 12 -1.05 8.58 17.87
C GLN A 12 -2.55 8.49 17.59
N PRO A 13 -2.95 7.45 16.84
CA PRO A 13 -4.36 7.23 16.49
C PRO A 13 -5.21 6.83 17.70
N GLU A 14 -6.52 6.87 17.54
CA GLU A 14 -7.44 6.52 18.61
C GLU A 14 -7.30 5.04 18.97
N VAL A 15 -7.94 4.64 20.07
CA VAL A 15 -7.89 3.25 20.52
C VAL A 15 -9.00 2.43 19.88
N GLN A 16 -10.15 3.07 19.65
CA GLN A 16 -11.29 2.40 19.04
C GLN A 16 -11.15 2.34 17.53
N LEU A 17 -9.94 2.08 17.07
CA LEU A 17 -9.66 2.00 15.63
C LEU A 17 -9.18 0.62 15.24
N PRO A 18 -9.24 0.31 13.94
CA PRO A 18 -8.82 -0.99 13.41
C PRO A 18 -7.30 -1.18 13.49
N GLY A 19 -6.85 -2.42 13.33
CA GLY A 19 -5.43 -2.71 13.39
C GLY A 19 -4.82 -2.86 12.01
N PRO A 20 -3.50 -3.07 11.97
CA PRO A 20 -2.76 -3.24 10.71
C PRO A 20 -3.09 -4.57 10.02
N ALA A 21 -3.57 -4.48 8.79
CA ALA A 21 -3.93 -5.67 8.02
C ALA A 21 -2.78 -6.69 8.04
N PRO A 22 -3.00 -7.83 8.72
CA PRO A 22 -2.00 -8.89 8.82
C PRO A 22 -1.78 -9.61 7.50
N ASN A 23 -0.86 -10.57 7.49
CA ASN A 23 -0.57 -11.34 6.29
C ASN A 23 -0.39 -10.42 5.08
N LEU A 24 0.27 -9.29 5.31
CA LEU A 24 0.51 -8.32 4.24
C LEU A 24 1.61 -8.80 3.31
N ARG A 25 1.21 -9.26 2.13
CA ARG A 25 2.17 -9.76 1.14
C ARG A 25 2.14 -8.89 -0.12
N ALA A 26 3.22 -8.95 -0.90
CA ALA A 26 3.32 -8.18 -2.13
C ALA A 26 4.29 -8.83 -3.11
N TYR A 27 3.82 -9.06 -4.33
CA TYR A 27 4.64 -9.67 -5.36
C TYR A 27 4.34 -9.08 -6.73
N ALA A 28 5.39 -8.84 -7.51
CA ALA A 28 5.24 -8.28 -8.84
C ALA A 28 4.82 -9.34 -9.85
N ALA A 29 3.56 -9.30 -10.26
CA ALA A 29 3.03 -10.26 -11.22
C ALA A 29 3.65 -10.06 -12.58
N SER A 30 3.86 -8.80 -12.96
CA SER A 30 4.44 -8.48 -14.26
C SER A 30 5.40 -7.30 -14.14
N PRO A 31 6.26 -7.12 -15.16
CA PRO A 31 7.24 -6.03 -15.20
C PRO A 31 6.58 -4.67 -15.37
N THR A 32 5.25 -4.65 -15.43
CA THR A 32 4.51 -3.41 -15.60
C THR A 32 3.43 -3.27 -14.53
N SER A 33 3.07 -4.38 -13.89
CA SER A 33 2.06 -4.37 -12.85
C SER A 33 2.58 -5.06 -11.58
N ILE A 34 1.83 -4.91 -10.50
CA ILE A 34 2.21 -5.52 -9.22
C ILE A 34 0.99 -6.00 -8.46
N THR A 35 1.09 -7.19 -7.87
CA THR A 35 -0.01 -7.75 -7.11
C THR A 35 0.23 -7.64 -5.61
N VAL A 36 -0.80 -7.26 -4.87
CA VAL A 36 -0.70 -7.11 -3.42
C VAL A 36 -1.86 -7.78 -2.71
N THR A 37 -1.55 -8.65 -1.76
CA THR A 37 -2.58 -9.36 -1.00
C THR A 37 -2.41 -9.13 0.50
N TRP A 38 -3.50 -8.78 1.17
CA TRP A 38 -3.48 -8.54 2.61
C TRP A 38 -4.66 -9.23 3.29
N GLU A 39 -4.60 -9.29 4.62
CA GLU A 39 -5.66 -9.93 5.40
C GLU A 39 -6.31 -8.92 6.35
N THR A 40 -7.47 -9.29 6.88
CA THR A 40 -8.19 -8.43 7.81
C THR A 40 -7.71 -8.62 9.24
N PRO A 41 -7.45 -7.49 9.93
CA PRO A 41 -6.98 -7.51 11.32
C PRO A 41 -8.05 -7.99 12.29
N VAL A 42 -7.82 -9.16 12.89
CA VAL A 42 -8.76 -9.72 13.84
C VAL A 42 -9.04 -8.76 14.99
N SER A 43 -8.08 -7.89 15.26
CA SER A 43 -8.21 -6.91 16.34
C SER A 43 -8.89 -5.64 15.83
N GLY A 44 -10.21 -5.56 16.02
CA GLY A 44 -10.95 -4.40 15.58
C GLY A 44 -12.20 -4.17 16.41
N ASN A 45 -12.92 -3.09 16.11
CA ASN A 45 -14.13 -2.75 16.84
C ASN A 45 -15.36 -2.85 15.92
N GLY A 46 -15.32 -2.11 14.81
CA GLY A 46 -16.43 -2.14 13.88
C GLY A 46 -16.11 -2.90 12.62
N GLU A 47 -17.08 -3.01 11.72
CA GLU A 47 -16.89 -3.72 10.46
C GLU A 47 -16.27 -2.80 9.41
N ILE A 48 -15.10 -3.21 8.90
CA ILE A 48 -14.41 -2.44 7.88
C ILE A 48 -15.35 -2.01 6.76
N GLN A 49 -15.08 -0.84 6.19
CA GLN A 49 -15.91 -0.32 5.11
C GLN A 49 -15.16 -0.36 3.78
N ASN A 50 -13.97 0.22 3.76
CA ASN A 50 -13.16 0.26 2.55
C ASN A 50 -11.67 0.13 2.90
N TYR A 51 -10.91 -0.43 1.97
CA TYR A 51 -9.47 -0.62 2.17
C TYR A 51 -8.67 0.30 1.25
N LYS A 52 -7.92 1.21 1.85
CA LYS A 52 -7.10 2.15 1.08
C LYS A 52 -5.70 1.58 0.85
N LEU A 53 -5.34 1.39 -0.42
CA LEU A 53 -4.04 0.86 -0.77
C LEU A 53 -3.21 1.89 -1.53
N TYR A 54 -2.14 2.38 -0.89
CA TYR A 54 -1.28 3.38 -1.49
C TYR A 54 -0.19 2.72 -2.36
N TYR A 55 0.21 3.40 -3.41
CA TYR A 55 1.23 2.87 -4.31
C TYR A 55 2.04 4.01 -4.94
N MET A 56 3.35 3.94 -4.80
CA MET A 56 4.24 4.96 -5.35
C MET A 56 5.62 4.39 -5.63
N GLU A 57 6.40 5.09 -6.45
CA GLU A 57 7.75 4.65 -6.79
C GLU A 57 8.76 5.15 -5.76
N LYS A 58 9.63 4.25 -5.32
CA LYS A 58 10.65 4.59 -4.33
C LYS A 58 11.50 5.76 -4.80
N GLY A 59 11.18 6.96 -4.30
CA GLY A 59 11.93 8.15 -4.69
C GLY A 59 11.09 9.11 -5.51
N THR A 60 9.84 9.31 -5.09
CA THR A 60 8.94 10.22 -5.79
C THR A 60 8.31 11.22 -4.83
N ASP A 61 7.96 10.75 -3.64
CA ASP A 61 7.35 11.60 -2.63
C ASP A 61 5.94 12.03 -3.05
N LYS A 62 5.29 11.19 -3.86
CA LYS A 62 3.94 11.48 -4.33
C LYS A 62 3.05 10.26 -4.18
N GLU A 63 2.85 9.83 -2.94
CA GLU A 63 2.01 8.67 -2.65
C GLU A 63 0.60 8.87 -3.21
N GLN A 64 0.01 7.80 -3.73
CA GLN A 64 -1.34 7.87 -4.29
C GLN A 64 -2.31 7.03 -3.46
N ASP A 65 -3.56 6.98 -3.91
CA ASP A 65 -4.59 6.22 -3.21
C ASP A 65 -5.63 5.67 -4.19
N VAL A 66 -5.99 4.41 -4.02
CA VAL A 66 -6.97 3.77 -4.89
C VAL A 66 -8.00 3.00 -4.08
N ASP A 67 -9.28 3.36 -4.25
CA ASP A 67 -10.36 2.70 -3.54
C ASP A 67 -10.54 1.27 -4.03
N VAL A 68 -10.17 0.31 -3.18
CA VAL A 68 -10.29 -1.11 -3.53
C VAL A 68 -11.40 -1.76 -2.72
N SER A 69 -12.08 -2.73 -3.33
CA SER A 69 -13.17 -3.45 -2.67
C SER A 69 -12.71 -4.83 -2.22
N SER A 70 -11.84 -5.45 -3.01
CA SER A 70 -11.34 -6.78 -2.69
C SER A 70 -10.07 -6.68 -1.85
N HIS A 71 -9.78 -7.74 -1.09
CA HIS A 71 -8.60 -7.78 -0.24
C HIS A 71 -7.32 -7.72 -1.08
N SER A 72 -7.41 -8.18 -2.31
CA SER A 72 -6.27 -8.20 -3.22
C SER A 72 -6.55 -7.36 -4.46
N TYR A 73 -5.58 -6.52 -4.83
CA TYR A 73 -5.73 -5.66 -6.00
C TYR A 73 -4.55 -5.84 -6.96
N THR A 74 -4.67 -5.27 -8.15
CA THR A 74 -3.62 -5.37 -9.16
C THR A 74 -3.35 -4.01 -9.80
N ILE A 75 -2.18 -3.44 -9.51
CA ILE A 75 -1.80 -2.15 -10.06
C ILE A 75 -0.99 -2.32 -11.35
N ASN A 76 -1.43 -1.66 -12.41
CA ASN A 76 -0.74 -1.74 -13.69
C ASN A 76 -0.27 -0.35 -14.14
N GLY A 77 0.56 -0.33 -15.18
CA GLY A 77 1.07 0.93 -15.69
C GLY A 77 2.22 1.47 -14.85
N LEU A 78 3.26 0.66 -14.69
CA LEU A 78 4.43 1.06 -13.91
C LEU A 78 5.70 0.90 -14.72
N LYS A 79 6.81 1.42 -14.19
CA LYS A 79 8.10 1.33 -14.86
C LYS A 79 8.71 -0.07 -14.69
N LYS A 80 9.57 -0.44 -15.62
CA LYS A 80 10.21 -1.75 -15.59
C LYS A 80 11.44 -1.73 -14.68
N TYR A 81 11.73 -2.85 -14.04
CA TYR A 81 12.86 -2.95 -13.13
C TYR A 81 12.91 -1.76 -12.18
N THR A 82 11.75 -1.39 -11.65
CA THR A 82 11.66 -0.27 -10.73
C THR A 82 11.02 -0.69 -9.40
N GLU A 83 11.35 0.03 -8.34
CA GLU A 83 10.79 -0.27 -7.02
C GLU A 83 9.54 0.55 -6.75
N TYR A 84 8.64 0.00 -5.95
CA TYR A 84 7.40 0.69 -5.61
C TYR A 84 6.96 0.35 -4.19
N SER A 85 6.62 1.39 -3.42
CA SER A 85 6.18 1.20 -2.04
C SER A 85 4.70 0.86 -1.99
N PHE A 86 4.31 0.12 -0.94
CA PHE A 86 2.92 -0.27 -0.76
C PHE A 86 2.56 -0.34 0.72
N ARG A 87 1.41 0.22 1.07
CA ARG A 87 0.94 0.23 2.45
C ARG A 87 -0.58 0.24 2.52
N VAL A 88 -1.14 -0.71 3.25
CA VAL A 88 -2.59 -0.81 3.39
C VAL A 88 -3.06 -0.13 4.68
N VAL A 89 -4.27 0.43 4.64
CA VAL A 89 -4.83 1.12 5.80
C VAL A 89 -6.30 0.73 5.99
N ALA A 90 -6.69 0.55 7.24
CA ALA A 90 -8.07 0.20 7.57
C ALA A 90 -8.94 1.44 7.71
N TYR A 91 -10.07 1.44 7.02
CA TYR A 91 -11.00 2.57 7.06
C TYR A 91 -12.40 2.11 7.42
N ASN A 92 -12.83 2.40 8.65
CA ASN A 92 -14.16 2.02 9.10
C ASN A 92 -14.90 3.22 9.69
N LYS A 93 -16.18 3.03 9.99
CA LYS A 93 -17.00 4.09 10.57
C LYS A 93 -16.22 4.87 11.62
N HIS A 94 -15.48 4.15 12.47
CA HIS A 94 -14.69 4.78 13.51
C HIS A 94 -13.67 5.75 12.92
N GLY A 95 -12.69 5.20 12.21
CA GLY A 95 -11.66 6.02 11.61
C GLY A 95 -10.45 5.22 11.19
N PRO A 96 -9.52 5.88 10.47
CA PRO A 96 -8.29 5.24 9.99
C PRO A 96 -7.33 4.93 11.12
N GLY A 97 -7.16 3.64 11.42
CA GLY A 97 -6.26 3.24 12.48
C GLY A 97 -4.80 3.39 12.10
N VAL A 98 -4.05 2.29 12.18
CA VAL A 98 -2.64 2.30 11.84
C VAL A 98 -2.43 2.00 10.35
N SER A 99 -1.21 2.21 9.89
CA SER A 99 -0.87 1.97 8.48
C SER A 99 0.27 0.96 8.36
N THR A 100 -0.01 -0.18 7.75
CA THR A 100 1.00 -1.22 7.58
C THR A 100 2.33 -0.62 7.13
N PRO A 101 3.42 -1.35 7.41
CA PRO A 101 4.77 -0.91 7.05
C PRO A 101 5.01 -0.95 5.54
N ASP A 102 5.53 0.14 5.00
CA ASP A 102 5.81 0.22 3.57
C ASP A 102 6.43 -1.08 3.06
N VAL A 103 5.93 -1.56 1.92
CA VAL A 103 6.44 -2.78 1.33
C VAL A 103 7.01 -2.54 -0.07
N ALA A 104 8.20 -1.93 -0.11
CA ALA A 104 8.87 -1.63 -1.37
C ALA A 104 9.22 -2.91 -2.11
N VAL A 105 8.81 -3.00 -3.38
CA VAL A 105 9.10 -4.16 -4.20
C VAL A 105 9.49 -3.76 -5.61
N ARG A 106 10.46 -4.49 -6.18
CA ARG A 106 10.94 -4.20 -7.53
C ARG A 106 10.23 -5.08 -8.55
N THR A 107 9.72 -4.45 -9.61
CA THR A 107 9.01 -5.18 -10.66
C THR A 107 9.96 -6.05 -11.46
N LEU A 108 9.43 -6.79 -12.42
CA LEU A 108 10.23 -7.66 -13.27
C LEU A 108 10.93 -6.86 -14.36
N SER A 109 12.07 -7.37 -14.82
CA SER A 109 12.83 -6.71 -15.87
C SER A 109 12.70 -7.45 -17.20
N ASP A 110 12.33 -6.71 -18.24
CA ASP A 110 12.17 -7.30 -19.58
C ASP A 110 13.50 -7.78 -20.13
N SER A 111 14.45 -6.86 -20.24
CA SER A 111 15.78 -7.18 -20.76
C SER A 111 16.29 -8.49 -20.17
N GLY A 112 17.16 -9.17 -20.92
CA GLY A 112 17.70 -10.43 -20.46
C GLY A 112 17.45 -11.57 -21.42
N PRO A 113 18.25 -11.64 -22.48
CA PRO A 113 18.13 -12.69 -23.50
C PRO A 113 18.52 -14.06 -22.98
N SER A 114 19.69 -14.14 -22.36
CA SER A 114 20.18 -15.40 -21.81
C SER A 114 19.09 -16.12 -21.03
N SER A 115 18.55 -15.44 -20.03
CA SER A 115 17.49 -16.02 -19.19
C SER A 115 16.28 -15.08 -19.12
N GLY A 116 15.17 -15.52 -19.71
CA GLY A 116 13.97 -14.71 -19.70
C GLY A 116 13.09 -14.96 -20.92
N GLY A 1 16.87 -0.22 -3.86
CA GLY A 1 17.88 0.61 -4.49
C GLY A 1 18.94 1.08 -3.51
N SER A 2 19.01 2.39 -3.31
CA SER A 2 19.98 2.97 -2.40
C SER A 2 19.28 3.77 -1.29
N SER A 3 20.00 3.99 -0.19
CA SER A 3 19.46 4.73 0.94
C SER A 3 18.62 5.92 0.46
N GLY A 4 17.65 6.32 1.28
CA GLY A 4 16.80 7.44 0.91
C GLY A 4 15.35 7.20 1.26
N SER A 5 14.91 7.70 2.41
CA SER A 5 13.54 7.53 2.86
C SER A 5 13.15 8.64 3.83
N SER A 6 11.89 8.62 4.26
CA SER A 6 11.39 9.63 5.19
C SER A 6 10.17 9.10 5.95
N GLY A 7 9.64 9.92 6.86
CA GLY A 7 8.48 9.52 7.63
C GLY A 7 7.96 10.64 8.52
N ARG A 8 6.64 10.71 8.67
CA ARG A 8 6.02 11.74 9.49
C ARG A 8 4.95 11.14 10.40
N VAL A 9 4.62 11.84 11.48
CA VAL A 9 3.61 11.38 12.42
C VAL A 9 2.32 12.17 12.25
N GLU A 10 1.21 11.58 12.73
CA GLU A 10 -0.09 12.22 12.63
C GLU A 10 -0.80 12.21 13.98
N THR A 11 -1.40 13.34 14.33
CA THR A 11 -2.12 13.47 15.60
C THR A 11 -3.46 12.74 15.55
N GLN A 12 -3.81 12.08 16.65
CA GLN A 12 -5.07 11.34 16.72
C GLN A 12 -5.31 10.83 18.15
N PRO A 13 -6.59 10.74 18.53
CA PRO A 13 -6.98 10.27 19.86
C PRO A 13 -6.72 8.78 20.04
N GLU A 14 -7.15 8.24 21.19
CA GLU A 14 -6.95 6.83 21.48
C GLU A 14 -8.29 6.09 21.52
N VAL A 15 -9.09 6.29 20.49
CA VAL A 15 -10.39 5.65 20.40
C VAL A 15 -10.28 4.24 19.82
N GLN A 16 -11.42 3.61 19.58
CA GLN A 16 -11.45 2.26 19.03
C GLN A 16 -11.25 2.28 17.52
N LEU A 17 -10.04 1.99 17.09
CA LEU A 17 -9.72 1.97 15.65
C LEU A 17 -9.19 0.61 15.23
N PRO A 18 -9.31 0.31 13.93
CA PRO A 18 -8.84 -0.95 13.36
C PRO A 18 -7.32 -1.07 13.36
N GLY A 19 -6.82 -2.30 13.28
CA GLY A 19 -5.39 -2.53 13.28
C GLY A 19 -4.84 -2.73 11.88
N PRO A 20 -3.52 -2.93 11.78
CA PRO A 20 -2.85 -3.15 10.49
C PRO A 20 -3.20 -4.50 9.87
N ALA A 21 -3.46 -4.50 8.57
CA ALA A 21 -3.81 -5.72 7.87
C ALA A 21 -2.64 -6.71 7.85
N PRO A 22 -2.80 -7.83 8.57
CA PRO A 22 -1.76 -8.86 8.65
C PRO A 22 -1.58 -9.61 7.34
N ASN A 23 -0.67 -10.58 7.32
CA ASN A 23 -0.40 -11.37 6.13
C ASN A 23 -0.28 -10.47 4.90
N LEU A 24 0.41 -9.36 5.05
CA LEU A 24 0.60 -8.41 3.96
C LEU A 24 1.71 -8.88 3.02
N ARG A 25 1.32 -9.47 1.90
CA ARG A 25 2.28 -9.96 0.92
C ARG A 25 2.26 -9.09 -0.34
N ALA A 26 3.40 -9.02 -1.01
CA ALA A 26 3.52 -8.23 -2.23
C ALA A 26 4.51 -8.85 -3.20
N TYR A 27 4.08 -9.02 -4.45
CA TYR A 27 4.93 -9.62 -5.48
C TYR A 27 4.58 -9.07 -6.86
N ALA A 28 5.61 -8.80 -7.66
CA ALA A 28 5.40 -8.28 -9.01
C ALA A 28 4.95 -9.38 -9.96
N ALA A 29 3.66 -9.40 -10.27
CA ALA A 29 3.11 -10.40 -11.18
C ALA A 29 3.60 -10.19 -12.60
N SER A 30 3.92 -8.95 -12.93
CA SER A 30 4.41 -8.61 -14.27
C SER A 30 5.37 -7.43 -14.22
N PRO A 31 6.21 -7.31 -15.26
CA PRO A 31 7.20 -6.23 -15.35
C PRO A 31 6.55 -4.87 -15.59
N THR A 32 5.22 -4.86 -15.65
CA THR A 32 4.48 -3.63 -15.89
C THR A 32 3.36 -3.46 -14.86
N SER A 33 3.16 -4.49 -14.05
CA SER A 33 2.11 -4.45 -13.03
C SER A 33 2.64 -4.97 -11.69
N ILE A 34 1.79 -4.93 -10.67
CA ILE A 34 2.18 -5.38 -9.35
C ILE A 34 0.96 -5.81 -8.53
N THR A 35 0.95 -7.06 -8.09
CA THR A 35 -0.16 -7.58 -7.30
C THR A 35 0.17 -7.56 -5.80
N VAL A 36 -0.77 -7.05 -5.01
CA VAL A 36 -0.59 -6.98 -3.57
C VAL A 36 -1.73 -7.66 -2.82
N THR A 37 -1.38 -8.51 -1.86
CA THR A 37 -2.38 -9.23 -1.09
C THR A 37 -2.19 -8.99 0.40
N TRP A 38 -3.29 -8.96 1.14
CA TRP A 38 -3.24 -8.73 2.58
C TRP A 38 -4.42 -9.42 3.28
N GLU A 39 -4.41 -9.38 4.61
CA GLU A 39 -5.47 -10.01 5.39
C GLU A 39 -6.12 -8.99 6.33
N THR A 40 -7.28 -9.35 6.88
CA THR A 40 -8.00 -8.47 7.79
C THR A 40 -7.50 -8.64 9.22
N PRO A 41 -7.30 -7.50 9.92
CA PRO A 41 -6.83 -7.51 11.30
C PRO A 41 -7.87 -8.03 12.27
N VAL A 42 -7.53 -9.10 12.98
CA VAL A 42 -8.44 -9.70 13.95
C VAL A 42 -8.69 -8.77 15.13
N SER A 43 -7.75 -7.84 15.36
CA SER A 43 -7.87 -6.89 16.45
C SER A 43 -8.56 -5.61 15.98
N GLY A 44 -9.52 -5.14 16.77
CA GLY A 44 -10.24 -3.92 16.42
C GLY A 44 -11.72 -4.01 16.74
N ASN A 45 -12.48 -3.06 16.22
CA ASN A 45 -13.92 -3.03 16.46
C ASN A 45 -14.69 -2.69 15.19
N GLY A 46 -15.93 -3.13 15.11
CA GLY A 46 -16.75 -2.86 13.94
C GLY A 46 -16.15 -3.43 12.67
N GLU A 47 -16.97 -3.59 11.65
CA GLU A 47 -16.51 -4.13 10.37
C GLU A 47 -15.90 -3.04 9.50
N ILE A 48 -14.73 -3.33 8.93
CA ILE A 48 -14.04 -2.37 8.08
C ILE A 48 -14.98 -1.78 7.03
N GLN A 49 -14.98 -0.45 6.93
CA GLN A 49 -15.83 0.24 5.98
C GLN A 49 -15.26 0.15 4.57
N ASN A 50 -13.95 0.37 4.45
CA ASN A 50 -13.29 0.31 3.15
C ASN A 50 -11.79 0.10 3.32
N TYR A 51 -11.12 -0.29 2.24
CA TYR A 51 -9.68 -0.53 2.26
C TYR A 51 -8.95 0.42 1.31
N LYS A 52 -8.01 1.17 1.85
CA LYS A 52 -7.24 2.12 1.05
C LYS A 52 -5.84 1.57 0.77
N LEU A 53 -5.50 1.46 -0.51
CA LEU A 53 -4.19 0.95 -0.91
C LEU A 53 -3.35 2.06 -1.54
N TYR A 54 -2.12 2.20 -1.06
CA TYR A 54 -1.21 3.22 -1.57
C TYR A 54 -0.18 2.61 -2.52
N TYR A 55 0.39 3.46 -3.38
CA TYR A 55 1.39 3.00 -4.33
C TYR A 55 2.20 4.17 -4.88
N MET A 56 3.51 4.05 -4.82
CA MET A 56 4.41 5.10 -5.31
C MET A 56 5.79 4.54 -5.62
N GLU A 57 6.56 5.28 -6.41
CA GLU A 57 7.90 4.86 -6.78
C GLU A 57 8.90 5.19 -5.67
N LYS A 58 9.89 4.32 -5.50
CA LYS A 58 10.91 4.51 -4.48
C LYS A 58 11.80 5.70 -4.82
N GLY A 59 11.63 6.79 -4.07
CA GLY A 59 12.42 7.98 -4.31
C GLY A 59 11.66 9.04 -5.10
N THR A 60 10.40 9.26 -4.72
CA THR A 60 9.58 10.25 -5.40
C THR A 60 8.96 11.23 -4.40
N ASP A 61 8.75 10.76 -3.17
CA ASP A 61 8.17 11.60 -2.13
C ASP A 61 6.76 12.00 -2.48
N LYS A 62 6.10 11.21 -3.32
CA LYS A 62 4.73 11.48 -3.75
C LYS A 62 3.88 10.22 -3.68
N GLU A 63 3.36 9.94 -2.49
CA GLU A 63 2.51 8.75 -2.30
C GLU A 63 1.10 9.01 -2.82
N GLN A 64 0.44 7.94 -3.26
CA GLN A 64 -0.91 8.04 -3.79
C GLN A 64 -1.84 7.08 -3.07
N ASP A 65 -3.12 7.13 -3.43
CA ASP A 65 -4.13 6.26 -2.81
C ASP A 65 -5.16 5.81 -3.85
N VAL A 66 -5.63 4.58 -3.70
CA VAL A 66 -6.61 4.03 -4.62
C VAL A 66 -7.74 3.33 -3.86
N ASP A 67 -8.95 3.42 -4.40
CA ASP A 67 -10.11 2.80 -3.78
C ASP A 67 -10.12 1.29 -4.02
N VAL A 68 -10.10 0.53 -2.93
CA VAL A 68 -10.11 -0.93 -3.01
C VAL A 68 -11.00 -1.55 -1.94
N SER A 69 -11.74 -2.58 -2.33
CA SER A 69 -12.65 -3.25 -1.41
C SER A 69 -12.46 -4.76 -1.47
N SER A 70 -11.21 -5.20 -1.42
CA SER A 70 -10.88 -6.63 -1.48
C SER A 70 -9.55 -6.91 -0.80
N HIS A 71 -9.27 -8.19 -0.57
CA HIS A 71 -8.02 -8.59 0.07
C HIS A 71 -6.94 -8.87 -0.97
N SER A 72 -7.10 -8.29 -2.15
CA SER A 72 -6.15 -8.48 -3.24
C SER A 72 -6.41 -7.50 -4.38
N TYR A 73 -5.38 -6.76 -4.76
CA TYR A 73 -5.50 -5.78 -5.84
C TYR A 73 -4.28 -5.81 -6.74
N THR A 74 -4.48 -5.49 -8.01
CA THR A 74 -3.38 -5.48 -8.98
C THR A 74 -3.24 -4.10 -9.62
N ILE A 75 -2.02 -3.56 -9.58
CA ILE A 75 -1.75 -2.25 -10.15
C ILE A 75 -0.96 -2.38 -11.45
N ASN A 76 -1.58 -1.99 -12.57
CA ASN A 76 -0.93 -2.06 -13.86
C ASN A 76 -0.51 -0.68 -14.34
N GLY A 77 0.46 -0.64 -15.24
CA GLY A 77 0.95 0.63 -15.76
C GLY A 77 2.14 1.16 -14.98
N LEU A 78 3.13 0.30 -14.78
CA LEU A 78 4.33 0.69 -14.03
C LEU A 78 5.59 0.50 -14.88
N LYS A 79 6.69 1.07 -14.43
CA LYS A 79 7.96 0.96 -15.14
C LYS A 79 8.59 -0.42 -14.92
N LYS A 80 9.61 -0.72 -15.69
CA LYS A 80 10.31 -2.01 -15.58
C LYS A 80 11.53 -1.89 -14.68
N TYR A 81 11.90 -2.99 -14.04
CA TYR A 81 13.05 -3.01 -13.14
C TYR A 81 13.05 -1.79 -12.22
N THR A 82 11.88 -1.48 -11.65
CA THR A 82 11.74 -0.35 -10.76
C THR A 82 11.00 -0.74 -9.48
N GLU A 83 11.46 -0.21 -8.35
CA GLU A 83 10.84 -0.51 -7.07
C GLU A 83 9.57 0.32 -6.88
N TYR A 84 8.66 -0.18 -6.04
CA TYR A 84 7.41 0.52 -5.78
C TYR A 84 6.90 0.20 -4.37
N SER A 85 6.57 1.25 -3.62
CA SER A 85 6.07 1.08 -2.27
C SER A 85 4.58 0.78 -2.26
N PHE A 86 4.12 0.10 -1.22
CA PHE A 86 2.71 -0.26 -1.09
C PHE A 86 2.30 -0.38 0.38
N ARG A 87 1.20 0.27 0.73
CA ARG A 87 0.70 0.24 2.11
C ARG A 87 -0.82 0.34 2.14
N VAL A 88 -1.45 -0.50 2.95
CA VAL A 88 -2.90 -0.51 3.08
C VAL A 88 -3.34 0.11 4.39
N VAL A 89 -4.49 0.77 4.38
CA VAL A 89 -5.03 1.41 5.58
C VAL A 89 -6.44 0.91 5.89
N ALA A 90 -6.68 0.60 7.15
CA ALA A 90 -7.99 0.12 7.58
C ALA A 90 -8.93 1.28 7.91
N TYR A 91 -10.20 1.10 7.62
CA TYR A 91 -11.20 2.12 7.88
C TYR A 91 -12.39 1.55 8.63
N ASN A 92 -12.94 2.34 9.56
CA ASN A 92 -14.09 1.91 10.35
C ASN A 92 -14.98 3.10 10.71
N LYS A 93 -16.25 2.81 10.97
CA LYS A 93 -17.21 3.85 11.32
C LYS A 93 -16.56 4.90 12.22
N HIS A 94 -15.69 4.46 13.12
CA HIS A 94 -14.99 5.36 14.04
C HIS A 94 -13.99 6.23 13.29
N GLY A 95 -12.99 5.60 12.68
CA GLY A 95 -11.98 6.34 11.95
C GLY A 95 -10.86 5.45 11.44
N PRO A 96 -10.01 6.01 10.57
CA PRO A 96 -8.88 5.27 9.99
C PRO A 96 -7.79 4.99 11.03
N GLY A 97 -7.61 3.71 11.36
CA GLY A 97 -6.60 3.34 12.33
C GLY A 97 -5.20 3.44 11.78
N VAL A 98 -4.27 2.70 12.38
CA VAL A 98 -2.88 2.72 11.94
C VAL A 98 -2.76 2.31 10.48
N SER A 99 -1.53 2.19 10.00
CA SER A 99 -1.28 1.81 8.62
C SER A 99 -0.12 0.82 8.53
N THR A 100 -0.21 -0.10 7.56
CA THR A 100 0.84 -1.10 7.37
C THR A 100 2.15 -0.45 6.95
N PRO A 101 3.27 -1.11 7.28
CA PRO A 101 4.61 -0.63 6.95
C PRO A 101 4.90 -0.69 5.45
N ASP A 102 5.39 0.41 4.90
CA ASP A 102 5.72 0.47 3.48
C ASP A 102 6.22 -0.87 2.98
N VAL A 103 5.70 -1.30 1.83
CA VAL A 103 6.11 -2.58 1.23
C VAL A 103 6.70 -2.38 -0.15
N ALA A 104 7.97 -1.98 -0.19
CA ALA A 104 8.65 -1.75 -1.47
C ALA A 104 8.99 -3.08 -2.15
N VAL A 105 8.78 -3.13 -3.46
CA VAL A 105 9.07 -4.32 -4.24
C VAL A 105 9.57 -3.98 -5.63
N ARG A 106 10.49 -4.79 -6.16
CA ARG A 106 11.04 -4.56 -7.48
C ARG A 106 10.28 -5.35 -8.53
N THR A 107 9.96 -4.71 -9.65
CA THR A 107 9.24 -5.35 -10.73
C THR A 107 10.15 -6.25 -11.56
N LEU A 108 9.55 -7.13 -12.34
CA LEU A 108 10.32 -8.05 -13.18
C LEU A 108 11.06 -7.29 -14.28
N SER A 109 12.31 -7.66 -14.51
CA SER A 109 13.13 -7.02 -15.53
C SER A 109 12.66 -7.39 -16.92
N ASP A 110 12.86 -6.49 -17.88
CA ASP A 110 12.44 -6.73 -19.26
C ASP A 110 13.66 -6.99 -20.15
N SER A 111 14.61 -6.05 -20.13
CA SER A 111 15.81 -6.18 -20.95
C SER A 111 16.83 -7.10 -20.27
N GLY A 112 17.24 -6.72 -19.05
CA GLY A 112 18.21 -7.52 -18.32
C GLY A 112 18.04 -9.00 -18.56
N PRO A 113 18.86 -9.54 -19.48
CA PRO A 113 18.82 -10.96 -19.83
C PRO A 113 19.34 -11.85 -18.70
N SER A 114 19.35 -13.16 -18.94
CA SER A 114 19.81 -14.12 -17.94
C SER A 114 21.34 -14.11 -17.85
N SER A 115 21.88 -13.18 -17.08
CA SER A 115 23.32 -13.06 -16.92
C SER A 115 23.84 -14.11 -15.95
N GLY A 116 23.35 -14.08 -14.71
CA GLY A 116 23.77 -15.03 -13.71
C GLY A 116 23.31 -14.66 -12.32
N GLY A 1 24.21 -8.36 -3.37
CA GLY A 1 24.62 -8.16 -2.00
C GLY A 1 23.51 -7.61 -1.12
N SER A 2 23.84 -7.29 0.12
CA SER A 2 22.86 -6.76 1.06
C SER A 2 22.94 -5.23 1.11
N SER A 3 21.83 -4.61 1.50
CA SER A 3 21.77 -3.15 1.59
C SER A 3 20.47 -2.71 2.27
N GLY A 4 20.34 -1.40 2.47
CA GLY A 4 19.16 -0.87 3.12
C GLY A 4 19.41 0.46 3.81
N SER A 5 18.45 0.92 4.60
CA SER A 5 18.58 2.18 5.32
C SER A 5 17.98 2.08 6.71
N SER A 6 18.19 3.11 7.52
CA SER A 6 17.68 3.14 8.88
C SER A 6 16.44 4.01 8.98
N GLY A 7 15.43 3.53 9.69
CA GLY A 7 14.19 4.27 9.85
C GLY A 7 13.13 3.49 10.61
N ARG A 8 12.51 4.14 11.58
CA ARG A 8 11.47 3.49 12.39
C ARG A 8 10.28 4.42 12.56
N VAL A 9 9.09 3.83 12.71
CA VAL A 9 7.87 4.60 12.89
C VAL A 9 7.33 4.44 14.31
N GLU A 10 6.91 5.55 14.91
CA GLU A 10 6.36 5.54 16.25
C GLU A 10 5.01 4.82 16.29
N THR A 11 4.72 4.17 17.42
CA THR A 11 3.47 3.44 17.58
C THR A 11 2.40 4.32 18.21
N GLN A 12 1.17 3.82 18.24
CA GLN A 12 0.05 4.57 18.82
C GLN A 12 -0.52 3.84 20.03
N PRO A 13 -0.94 4.61 21.04
CA PRO A 13 -1.52 4.05 22.27
C PRO A 13 -2.89 3.43 22.03
N GLU A 14 -3.59 3.13 23.13
CA GLU A 14 -4.93 2.53 23.04
C GLU A 14 -5.88 3.45 22.28
N VAL A 15 -6.51 2.91 21.24
CA VAL A 15 -7.45 3.67 20.43
C VAL A 15 -8.51 2.77 19.83
N GLN A 16 -9.73 3.28 19.71
CA GLN A 16 -10.83 2.53 19.16
C GLN A 16 -10.77 2.52 17.63
N LEU A 17 -9.60 2.21 17.09
CA LEU A 17 -9.41 2.17 15.65
C LEU A 17 -8.93 0.78 15.21
N PRO A 18 -9.08 0.51 13.90
CA PRO A 18 -8.67 -0.78 13.31
C PRO A 18 -7.15 -0.95 13.29
N GLY A 19 -6.71 -2.21 13.22
CA GLY A 19 -5.28 -2.48 13.20
C GLY A 19 -4.76 -2.71 11.79
N PRO A 20 -3.44 -2.93 11.68
CA PRO A 20 -2.79 -3.16 10.38
C PRO A 20 -3.17 -4.51 9.79
N ALA A 21 -3.44 -4.51 8.48
CA ALA A 21 -3.81 -5.74 7.79
C ALA A 21 -2.68 -6.77 7.85
N PRO A 22 -2.97 -7.92 8.47
CA PRO A 22 -2.00 -9.01 8.62
C PRO A 22 -1.68 -9.68 7.29
N ASN A 23 -0.88 -10.74 7.34
CA ASN A 23 -0.50 -11.48 6.14
C ASN A 23 -0.37 -10.54 4.95
N LEU A 24 0.33 -9.42 5.16
CA LEU A 24 0.53 -8.44 4.10
C LEU A 24 1.65 -8.88 3.16
N ARG A 25 1.26 -9.40 2.00
CA ARG A 25 2.23 -9.85 1.00
C ARG A 25 2.20 -8.97 -0.24
N ALA A 26 3.31 -8.94 -0.97
CA ALA A 26 3.41 -8.14 -2.18
C ALA A 26 4.39 -8.75 -3.16
N TYR A 27 3.95 -8.92 -4.41
CA TYR A 27 4.81 -9.49 -5.44
C TYR A 27 4.47 -8.90 -6.81
N ALA A 28 5.48 -8.81 -7.66
CA ALA A 28 5.30 -8.25 -9.01
C ALA A 28 4.90 -9.34 -9.99
N ALA A 29 3.66 -9.25 -10.49
CA ALA A 29 3.15 -10.22 -11.44
C ALA A 29 3.75 -10.00 -12.82
N SER A 30 3.88 -8.74 -13.21
CA SER A 30 4.44 -8.39 -14.52
C SER A 30 5.43 -7.24 -14.40
N PRO A 31 6.27 -7.09 -15.43
CA PRO A 31 7.30 -6.03 -15.46
C PRO A 31 6.68 -4.64 -15.63
N THR A 32 5.35 -4.59 -15.67
CA THR A 32 4.65 -3.33 -15.84
C THR A 32 3.50 -3.21 -14.84
N SER A 33 3.35 -4.23 -14.00
CA SER A 33 2.29 -4.24 -12.99
C SER A 33 2.76 -4.89 -11.70
N ILE A 34 1.93 -4.84 -10.67
CA ILE A 34 2.28 -5.40 -9.38
C ILE A 34 1.02 -5.84 -8.62
N THR A 35 1.01 -7.09 -8.17
CA THR A 35 -0.12 -7.63 -7.43
C THR A 35 0.15 -7.63 -5.93
N VAL A 36 -0.80 -7.09 -5.17
CA VAL A 36 -0.66 -7.03 -3.72
C VAL A 36 -1.81 -7.76 -3.03
N THR A 37 -1.47 -8.58 -2.05
CA THR A 37 -2.47 -9.34 -1.30
C THR A 37 -2.30 -9.15 0.19
N TRP A 38 -3.40 -8.83 0.88
CA TRP A 38 -3.37 -8.63 2.31
C TRP A 38 -4.53 -9.37 2.99
N GLU A 39 -4.53 -9.36 4.32
CA GLU A 39 -5.57 -10.03 5.09
C GLU A 39 -6.28 -9.04 6.02
N THR A 40 -7.44 -9.45 6.53
CA THR A 40 -8.22 -8.61 7.42
C THR A 40 -7.76 -8.77 8.87
N PRO A 41 -7.54 -7.63 9.55
CA PRO A 41 -7.10 -7.62 10.95
C PRO A 41 -8.18 -8.10 11.91
N VAL A 42 -7.97 -9.29 12.46
CA VAL A 42 -8.94 -9.87 13.40
C VAL A 42 -9.37 -8.85 14.44
N SER A 43 -8.48 -7.91 14.76
CA SER A 43 -8.78 -6.88 15.74
C SER A 43 -9.58 -5.75 15.13
N GLY A 44 -10.24 -4.96 15.98
CA GLY A 44 -11.04 -3.86 15.49
C GLY A 44 -12.29 -3.63 16.32
N ASN A 45 -13.12 -2.68 15.90
CA ASN A 45 -14.36 -2.38 16.61
C ASN A 45 -15.57 -2.57 15.71
N GLY A 46 -15.50 -2.01 14.50
CA GLY A 46 -16.60 -2.13 13.57
C GLY A 46 -16.17 -2.73 12.24
N GLU A 47 -17.13 -3.13 11.43
CA GLU A 47 -16.85 -3.74 10.13
C GLU A 47 -16.13 -2.74 9.22
N ILE A 48 -15.07 -3.21 8.57
CA ILE A 48 -14.29 -2.36 7.67
C ILE A 48 -15.15 -1.87 6.50
N GLN A 49 -15.21 -0.56 6.34
CA GLN A 49 -15.98 0.04 5.25
C GLN A 49 -15.32 -0.20 3.91
N ASN A 50 -14.07 0.25 3.78
CA ASN A 50 -13.32 0.09 2.54
C ASN A 50 -11.82 0.03 2.82
N TYR A 51 -11.10 -0.69 1.97
CA TYR A 51 -9.66 -0.84 2.11
C TYR A 51 -8.92 0.22 1.30
N LYS A 52 -8.15 1.05 2.00
CA LYS A 52 -7.39 2.11 1.35
C LYS A 52 -5.97 1.63 1.03
N LEU A 53 -5.74 1.31 -0.24
CA LEU A 53 -4.43 0.85 -0.69
C LEU A 53 -3.64 1.98 -1.33
N TYR A 54 -2.38 2.11 -0.94
CA TYR A 54 -1.52 3.16 -1.48
C TYR A 54 -0.39 2.56 -2.32
N TYR A 55 0.22 3.38 -3.16
CA TYR A 55 1.31 2.93 -4.02
C TYR A 55 2.11 4.11 -4.54
N MET A 56 3.43 3.93 -4.64
CA MET A 56 4.32 4.99 -5.12
C MET A 56 5.63 4.40 -5.62
N GLU A 57 6.36 5.18 -6.41
CA GLU A 57 7.64 4.74 -6.96
C GLU A 57 8.80 5.23 -6.10
N LYS A 58 9.39 4.32 -5.34
CA LYS A 58 10.51 4.67 -4.47
C LYS A 58 11.32 5.82 -5.06
N GLY A 59 11.09 7.02 -4.51
CA GLY A 59 11.81 8.19 -5.00
C GLY A 59 10.89 9.36 -5.26
N THR A 60 9.70 9.07 -5.80
CA THR A 60 8.73 10.11 -6.11
C THR A 60 8.46 10.98 -4.88
N ASP A 61 8.56 10.39 -3.70
CA ASP A 61 8.33 11.12 -2.45
C ASP A 61 6.87 11.52 -2.32
N LYS A 62 6.00 10.76 -2.98
CA LYS A 62 4.56 11.03 -2.94
C LYS A 62 3.76 9.76 -3.24
N GLU A 63 2.92 9.36 -2.30
CA GLU A 63 2.10 8.17 -2.47
C GLU A 63 0.67 8.54 -2.85
N GLN A 64 -0.01 7.64 -3.54
CA GLN A 64 -1.38 7.87 -3.95
C GLN A 64 -2.35 6.98 -3.18
N ASP A 65 -3.63 7.03 -3.56
CA ASP A 65 -4.65 6.23 -2.90
C ASP A 65 -5.66 5.68 -3.91
N VAL A 66 -5.96 4.40 -3.80
CA VAL A 66 -6.91 3.76 -4.71
C VAL A 66 -7.95 2.96 -3.94
N ASP A 67 -9.22 3.20 -4.25
CA ASP A 67 -10.31 2.50 -3.59
C ASP A 67 -10.34 1.03 -3.98
N VAL A 68 -10.41 0.15 -2.99
CA VAL A 68 -10.43 -1.29 -3.21
C VAL A 68 -11.36 -1.99 -2.23
N SER A 69 -12.14 -2.94 -2.72
CA SER A 69 -13.07 -3.69 -1.87
C SER A 69 -12.80 -5.19 -1.97
N SER A 70 -11.53 -5.56 -1.87
CA SER A 70 -11.13 -6.97 -1.95
C SER A 70 -9.77 -7.19 -1.30
N HIS A 71 -9.46 -8.44 -1.00
CA HIS A 71 -8.18 -8.78 -0.39
C HIS A 71 -7.14 -9.09 -1.45
N SER A 72 -7.25 -8.43 -2.59
CA SER A 72 -6.31 -8.63 -3.68
C SER A 72 -6.56 -7.61 -4.80
N TYR A 73 -5.49 -6.91 -5.18
CA TYR A 73 -5.59 -5.90 -6.24
C TYR A 73 -4.36 -5.94 -7.15
N THR A 74 -4.51 -5.39 -8.34
CA THR A 74 -3.42 -5.36 -9.31
C THR A 74 -3.22 -3.97 -9.89
N ILE A 75 -2.03 -3.41 -9.68
CA ILE A 75 -1.72 -2.08 -10.19
C ILE A 75 -0.86 -2.15 -11.45
N ASN A 76 -1.47 -1.89 -12.60
CA ASN A 76 -0.75 -1.92 -13.87
C ASN A 76 -0.33 -0.51 -14.28
N GLY A 77 0.60 -0.44 -15.23
CA GLY A 77 1.08 0.84 -15.71
C GLY A 77 2.23 1.37 -14.88
N LEU A 78 3.24 0.54 -14.68
CA LEU A 78 4.41 0.93 -13.90
C LEU A 78 5.69 0.78 -14.72
N LYS A 79 6.79 1.34 -14.20
CA LYS A 79 8.07 1.26 -14.88
C LYS A 79 8.68 -0.13 -14.74
N LYS A 80 9.60 -0.47 -15.66
CA LYS A 80 10.26 -1.76 -15.63
C LYS A 80 11.48 -1.74 -14.72
N TYR A 81 11.67 -2.82 -13.97
CA TYR A 81 12.80 -2.91 -13.05
C TYR A 81 12.85 -1.71 -12.12
N THR A 82 11.74 -1.42 -11.46
CA THR A 82 11.64 -0.30 -10.55
C THR A 82 10.93 -0.70 -9.26
N GLU A 83 11.41 -0.18 -8.14
CA GLU A 83 10.82 -0.49 -6.83
C GLU A 83 9.59 0.38 -6.59
N TYR A 84 8.65 -0.15 -5.81
CA TYR A 84 7.42 0.58 -5.49
C TYR A 84 6.95 0.26 -4.07
N SER A 85 6.68 1.31 -3.30
CA SER A 85 6.22 1.14 -1.93
C SER A 85 4.71 0.90 -1.88
N PHE A 86 4.29 0.03 -0.97
CA PHE A 86 2.88 -0.29 -0.81
C PHE A 86 2.49 -0.35 0.66
N ARG A 87 1.32 0.20 0.99
CA ARG A 87 0.85 0.20 2.36
C ARG A 87 -0.69 0.20 2.40
N VAL A 88 -1.24 -0.68 3.24
CA VAL A 88 -2.68 -0.78 3.37
C VAL A 88 -3.18 -0.09 4.64
N VAL A 89 -4.28 0.63 4.52
CA VAL A 89 -4.86 1.35 5.66
C VAL A 89 -6.31 0.95 5.88
N ALA A 90 -6.66 0.64 7.12
CA ALA A 90 -8.02 0.24 7.47
C ALA A 90 -8.87 1.46 7.81
N TYR A 91 -9.94 1.67 7.05
CA TYR A 91 -10.83 2.80 7.29
C TYR A 91 -12.20 2.32 7.77
N ASN A 92 -12.53 2.67 9.01
CA ASN A 92 -13.82 2.27 9.59
C ASN A 92 -14.58 3.49 10.10
N LYS A 93 -15.83 3.29 10.45
CA LYS A 93 -16.68 4.36 10.96
C LYS A 93 -15.91 5.24 11.94
N HIS A 94 -15.23 4.61 12.89
CA HIS A 94 -14.45 5.33 13.89
C HIS A 94 -13.43 6.24 13.22
N GLY A 95 -12.56 5.64 12.42
CA GLY A 95 -11.53 6.42 11.73
C GLY A 95 -10.34 5.57 11.34
N PRO A 96 -9.41 6.17 10.57
CA PRO A 96 -8.20 5.49 10.11
C PRO A 96 -7.24 5.20 11.24
N GLY A 97 -7.12 3.93 11.62
CA GLY A 97 -6.22 3.55 12.70
C GLY A 97 -4.76 3.80 12.34
N VAL A 98 -4.00 2.72 12.22
CA VAL A 98 -2.58 2.83 11.88
C VAL A 98 -2.34 2.46 10.43
N SER A 99 -1.07 2.52 10.01
CA SER A 99 -0.70 2.20 8.64
C SER A 99 0.42 1.17 8.62
N THR A 100 0.22 0.10 7.84
CA THR A 100 1.21 -0.96 7.73
C THR A 100 2.56 -0.41 7.30
N PRO A 101 3.64 -1.16 7.59
CA PRO A 101 5.00 -0.76 7.24
C PRO A 101 5.26 -0.82 5.74
N ASP A 102 5.82 0.25 5.19
CA ASP A 102 6.12 0.31 3.77
C ASP A 102 6.58 -1.04 3.25
N VAL A 103 5.98 -1.49 2.16
CA VAL A 103 6.33 -2.77 1.56
C VAL A 103 6.85 -2.58 0.14
N ALA A 104 8.08 -2.08 0.02
CA ALA A 104 8.70 -1.85 -1.27
C ALA A 104 8.92 -3.18 -2.01
N VAL A 105 8.69 -3.16 -3.32
CA VAL A 105 8.86 -4.35 -4.14
C VAL A 105 9.37 -4.00 -5.52
N ARG A 106 10.31 -4.80 -6.03
CA ARG A 106 10.88 -4.57 -7.35
C ARG A 106 10.11 -5.32 -8.42
N THR A 107 9.80 -4.63 -9.52
CA THR A 107 9.06 -5.23 -10.61
C THR A 107 9.96 -6.09 -11.49
N LEU A 108 9.36 -6.93 -12.33
CA LEU A 108 10.10 -7.80 -13.22
C LEU A 108 10.81 -6.99 -14.31
N SER A 109 12.03 -7.40 -14.65
CA SER A 109 12.80 -6.71 -15.68
C SER A 109 12.63 -7.38 -17.03
N ASP A 110 12.24 -6.60 -18.03
CA ASP A 110 12.04 -7.11 -19.38
C ASP A 110 13.36 -7.50 -20.02
N SER A 111 13.79 -8.75 -19.76
CA SER A 111 15.05 -9.24 -20.31
C SER A 111 14.79 -10.29 -21.39
N GLY A 112 14.27 -9.84 -22.52
CA GLY A 112 13.99 -10.76 -23.62
C GLY A 112 13.07 -10.15 -24.66
N PRO A 113 13.65 -9.40 -25.61
CA PRO A 113 12.90 -8.74 -26.67
C PRO A 113 12.33 -9.74 -27.68
N SER A 114 12.55 -11.03 -27.42
CA SER A 114 12.07 -12.08 -28.30
C SER A 114 12.86 -12.11 -29.60
N SER A 115 14.18 -12.00 -29.49
CA SER A 115 15.05 -12.02 -30.65
C SER A 115 16.37 -12.70 -30.33
N GLY A 116 17.05 -13.16 -31.38
CA GLY A 116 18.33 -13.84 -31.19
C GLY A 116 18.17 -15.32 -30.91
N GLY A 1 0.32 31.68 -3.03
CA GLY A 1 1.18 30.52 -2.89
C GLY A 1 1.78 30.41 -1.49
N SER A 2 1.13 29.63 -0.64
CA SER A 2 1.60 29.45 0.74
C SER A 2 1.48 28.00 1.16
N SER A 3 1.96 27.70 2.36
CA SER A 3 1.91 26.34 2.89
C SER A 3 0.55 26.04 3.51
N GLY A 4 -0.15 25.06 2.94
CA GLY A 4 -1.47 24.70 3.44
C GLY A 4 -1.98 23.42 2.83
N SER A 5 -1.10 22.44 2.66
CA SER A 5 -1.47 21.16 2.07
C SER A 5 -1.41 20.05 3.12
N SER A 6 -1.97 20.31 4.29
CA SER A 6 -1.98 19.32 5.37
C SER A 6 -0.57 18.77 5.60
N GLY A 7 0.42 19.64 5.56
CA GLY A 7 1.79 19.22 5.77
C GLY A 7 2.10 18.93 7.22
N ARG A 8 1.79 19.88 8.09
CA ARG A 8 2.04 19.71 9.52
C ARG A 8 1.24 18.54 10.08
N VAL A 9 1.79 17.34 9.96
CA VAL A 9 1.12 16.14 10.46
C VAL A 9 1.72 15.69 11.78
N GLU A 10 1.09 14.69 12.40
CA GLU A 10 1.56 14.17 13.68
C GLU A 10 1.00 12.77 13.92
N THR A 11 1.80 11.94 14.58
CA THR A 11 1.40 10.57 14.89
C THR A 11 0.42 10.53 16.06
N GLN A 12 -0.87 10.51 15.74
CA GLN A 12 -1.91 10.47 16.76
C GLN A 12 -2.20 9.04 17.19
N PRO A 13 -2.57 8.86 18.46
CA PRO A 13 -2.88 7.54 19.03
C PRO A 13 -4.17 6.96 18.47
N GLU A 14 -4.41 5.69 18.74
CA GLU A 14 -5.61 5.02 18.27
C GLU A 14 -6.46 4.52 19.44
N VAL A 15 -7.77 4.73 19.34
CA VAL A 15 -8.69 4.31 20.39
C VAL A 15 -9.65 3.23 19.89
N GLN A 16 -10.49 3.61 18.93
CA GLN A 16 -11.47 2.69 18.35
C GLN A 16 -11.19 2.46 16.87
N LEU A 17 -9.91 2.41 16.51
CA LEU A 17 -9.51 2.19 15.12
C LEU A 17 -9.12 0.73 14.89
N PRO A 18 -9.13 0.31 13.62
CA PRO A 18 -8.78 -1.06 13.23
C PRO A 18 -7.29 -1.34 13.40
N GLY A 19 -6.90 -2.58 13.16
CA GLY A 19 -5.50 -2.96 13.30
C GLY A 19 -4.81 -3.08 11.96
N PRO A 20 -3.47 -3.23 12.00
CA PRO A 20 -2.66 -3.35 10.79
C PRO A 20 -2.89 -4.68 10.07
N ALA A 21 -3.47 -4.61 8.87
CA ALA A 21 -3.74 -5.80 8.08
C ALA A 21 -2.56 -6.77 8.12
N PRO A 22 -2.75 -7.92 8.77
CA PRO A 22 -1.72 -8.95 8.88
C PRO A 22 -1.43 -9.63 7.55
N ASN A 23 -0.57 -10.66 7.59
CA ASN A 23 -0.21 -11.39 6.38
C ASN A 23 -0.16 -10.47 5.18
N LEU A 24 0.58 -9.37 5.31
CA LEU A 24 0.72 -8.41 4.23
C LEU A 24 1.82 -8.82 3.26
N ARG A 25 1.42 -9.33 2.10
CA ARG A 25 2.38 -9.77 1.09
C ARG A 25 2.28 -8.89 -0.16
N ALA A 26 3.26 -9.04 -1.05
CA ALA A 26 3.28 -8.26 -2.28
C ALA A 26 4.29 -8.84 -3.27
N TYR A 27 3.82 -9.10 -4.50
CA TYR A 27 4.68 -9.66 -5.53
C TYR A 27 4.36 -9.05 -6.89
N ALA A 28 5.40 -8.85 -7.70
CA ALA A 28 5.23 -8.27 -9.03
C ALA A 28 4.83 -9.34 -10.05
N ALA A 29 3.57 -9.32 -10.46
CA ALA A 29 3.06 -10.28 -11.43
C ALA A 29 3.63 -10.00 -12.82
N SER A 30 3.78 -8.72 -13.14
CA SER A 30 4.30 -8.33 -14.45
C SER A 30 5.19 -7.09 -14.32
N PRO A 31 6.01 -6.85 -15.35
CA PRO A 31 6.93 -5.70 -15.38
C PRO A 31 6.20 -4.37 -15.53
N THR A 32 4.87 -4.44 -15.58
CA THR A 32 4.04 -3.24 -15.72
C THR A 32 3.00 -3.16 -14.61
N SER A 33 2.71 -4.29 -13.99
CA SER A 33 1.73 -4.35 -12.91
C SER A 33 2.32 -5.01 -11.67
N ILE A 34 1.58 -4.95 -10.56
CA ILE A 34 2.03 -5.54 -9.31
C ILE A 34 0.85 -6.05 -8.49
N THR A 35 0.92 -7.33 -8.10
CA THR A 35 -0.13 -7.93 -7.31
C THR A 35 0.17 -7.85 -5.82
N VAL A 36 -0.78 -7.31 -5.05
CA VAL A 36 -0.60 -7.18 -3.61
C VAL A 36 -1.74 -7.86 -2.86
N THR A 37 -1.39 -8.60 -1.81
CA THR A 37 -2.38 -9.31 -1.01
C THR A 37 -2.16 -9.05 0.48
N TRP A 38 -3.26 -8.87 1.21
CA TRP A 38 -3.19 -8.62 2.65
C TRP A 38 -4.33 -9.32 3.37
N GLU A 39 -4.20 -9.43 4.70
CA GLU A 39 -5.22 -10.08 5.51
C GLU A 39 -5.97 -9.06 6.36
N THR A 40 -7.13 -9.47 6.88
CA THR A 40 -7.95 -8.59 7.70
C THR A 40 -7.52 -8.65 9.16
N PRO A 41 -7.35 -7.47 9.78
CA PRO A 41 -6.95 -7.36 11.18
C PRO A 41 -8.05 -7.81 12.14
N VAL A 42 -7.77 -8.89 12.87
CA VAL A 42 -8.73 -9.43 13.83
C VAL A 42 -9.06 -8.41 14.91
N SER A 43 -8.03 -7.75 15.43
CA SER A 43 -8.21 -6.74 16.46
C SER A 43 -8.71 -5.43 15.88
N GLY A 44 -9.57 -4.73 16.63
CA GLY A 44 -10.11 -3.47 16.16
C GLY A 44 -11.61 -3.51 16.00
N ASN A 45 -12.23 -2.34 15.89
CA ASN A 45 -13.68 -2.24 15.73
C ASN A 45 -14.17 -3.21 14.65
N GLY A 46 -13.52 -3.18 13.49
CA GLY A 46 -13.90 -4.06 12.40
C GLY A 46 -14.92 -3.42 11.47
N GLU A 47 -15.78 -4.25 10.87
CA GLU A 47 -16.80 -3.75 9.96
C GLU A 47 -16.21 -2.70 9.01
N ILE A 48 -15.03 -2.98 8.49
CA ILE A 48 -14.36 -2.07 7.57
C ILE A 48 -15.27 -1.69 6.41
N GLN A 49 -15.40 -0.40 6.16
CA GLN A 49 -16.25 0.09 5.07
C GLN A 49 -15.52 -0.01 3.74
N ASN A 50 -14.26 0.41 3.70
CA ASN A 50 -13.47 0.37 2.49
C ASN A 50 -11.98 0.35 2.81
N TYR A 51 -11.22 -0.44 2.05
CA TYR A 51 -9.78 -0.55 2.26
C TYR A 51 -9.03 0.43 1.37
N LYS A 52 -8.12 1.20 1.97
CA LYS A 52 -7.33 2.17 1.23
C LYS A 52 -5.93 1.63 0.93
N LEU A 53 -5.58 1.58 -0.34
CA LEU A 53 -4.27 1.08 -0.75
C LEU A 53 -3.46 2.18 -1.43
N TYR A 54 -2.24 2.39 -0.94
CA TYR A 54 -1.36 3.41 -1.51
C TYR A 54 -0.21 2.78 -2.28
N TYR A 55 0.41 3.57 -3.14
CA TYR A 55 1.53 3.09 -3.95
C TYR A 55 2.34 4.26 -4.51
N MET A 56 3.66 4.10 -4.51
CA MET A 56 4.55 5.14 -5.01
C MET A 56 5.91 4.56 -5.36
N GLU A 57 6.67 5.30 -6.17
CA GLU A 57 8.00 4.86 -6.59
C GLU A 57 9.06 5.23 -5.56
N LYS A 58 9.89 4.27 -5.20
CA LYS A 58 10.94 4.49 -4.22
C LYS A 58 11.83 5.66 -4.63
N GLY A 59 11.56 6.84 -4.07
CA GLY A 59 12.34 8.01 -4.39
C GLY A 59 11.52 9.08 -5.09
N THR A 60 10.30 9.30 -4.60
CA THR A 60 9.41 10.30 -5.19
C THR A 60 8.78 11.16 -4.10
N ASP A 61 8.51 10.56 -2.95
CA ASP A 61 7.90 11.28 -1.83
C ASP A 61 6.47 11.67 -2.16
N LYS A 62 5.84 10.93 -3.06
CA LYS A 62 4.46 11.21 -3.46
C LYS A 62 3.75 9.92 -3.86
N GLU A 63 2.84 9.46 -3.01
CA GLU A 63 2.08 8.25 -3.27
C GLU A 63 0.65 8.56 -3.66
N GLN A 64 -0.01 7.62 -4.33
CA GLN A 64 -1.39 7.81 -4.76
C GLN A 64 -2.33 6.97 -3.91
N ASP A 65 -3.63 7.17 -4.11
CA ASP A 65 -4.64 6.42 -3.36
C ASP A 65 -5.67 5.79 -4.31
N VAL A 66 -5.89 4.49 -4.15
CA VAL A 66 -6.84 3.77 -4.99
C VAL A 66 -7.85 3.01 -4.15
N ASP A 67 -9.13 3.21 -4.45
CA ASP A 67 -10.20 2.54 -3.72
C ASP A 67 -10.26 1.06 -4.07
N VAL A 68 -10.03 0.20 -3.07
CA VAL A 68 -10.06 -1.24 -3.27
C VAL A 68 -11.15 -1.89 -2.43
N SER A 69 -11.93 -2.76 -3.05
CA SER A 69 -13.01 -3.45 -2.36
C SER A 69 -12.77 -4.96 -2.32
N SER A 70 -11.57 -5.34 -1.88
CA SER A 70 -11.21 -6.75 -1.80
C SER A 70 -9.94 -6.93 -0.96
N HIS A 71 -9.50 -8.18 -0.84
CA HIS A 71 -8.30 -8.50 -0.07
C HIS A 71 -7.05 -8.34 -0.92
N SER A 72 -7.17 -8.63 -2.21
CA SER A 72 -6.04 -8.52 -3.13
C SER A 72 -6.37 -7.59 -4.29
N TYR A 73 -5.39 -6.81 -4.72
CA TYR A 73 -5.58 -5.87 -5.82
C TYR A 73 -4.39 -5.93 -6.78
N THR A 74 -4.62 -5.46 -8.01
CA THR A 74 -3.58 -5.45 -9.03
C THR A 74 -3.38 -4.05 -9.61
N ILE A 75 -2.21 -3.48 -9.34
CA ILE A 75 -1.90 -2.13 -9.84
C ILE A 75 -1.10 -2.20 -11.13
N ASN A 76 -1.74 -1.87 -12.25
CA ASN A 76 -1.07 -1.89 -13.54
C ASN A 76 -0.69 -0.48 -13.97
N GLY A 77 0.05 -0.39 -15.08
CA GLY A 77 0.48 0.90 -15.59
C GLY A 77 1.68 1.44 -14.84
N LEU A 78 2.69 0.60 -14.67
CA LEU A 78 3.91 0.99 -13.96
C LEU A 78 5.14 0.75 -14.83
N LYS A 79 6.24 1.44 -14.50
CA LYS A 79 7.48 1.28 -15.25
C LYS A 79 8.09 -0.09 -15.01
N LYS A 80 9.14 -0.41 -15.78
CA LYS A 80 9.82 -1.69 -15.64
C LYS A 80 11.12 -1.54 -14.88
N TYR A 81 11.48 -2.57 -14.13
CA TYR A 81 12.71 -2.55 -13.34
C TYR A 81 12.74 -1.35 -12.40
N THR A 82 11.60 -1.07 -11.78
CA THR A 82 11.49 0.06 -10.85
C THR A 82 10.83 -0.36 -9.56
N GLU A 83 11.38 0.09 -8.44
CA GLU A 83 10.85 -0.24 -7.12
C GLU A 83 9.63 0.63 -6.80
N TYR A 84 8.75 0.10 -5.95
CA TYR A 84 7.54 0.82 -5.56
C TYR A 84 7.08 0.40 -4.17
N SER A 85 6.76 1.38 -3.34
CA SER A 85 6.30 1.11 -1.98
C SER A 85 4.81 0.81 -1.95
N PHE A 86 4.38 0.04 -0.97
CA PHE A 86 2.98 -0.32 -0.83
C PHE A 86 2.59 -0.44 0.65
N ARG A 87 1.40 0.06 0.97
CA ARG A 87 0.90 0.03 2.35
C ARG A 87 -0.62 -0.03 2.38
N VAL A 88 -1.16 -0.81 3.31
CA VAL A 88 -2.60 -0.96 3.44
C VAL A 88 -3.10 -0.31 4.73
N VAL A 89 -4.19 0.44 4.62
CA VAL A 89 -4.77 1.12 5.77
C VAL A 89 -6.25 0.79 5.92
N ALA A 90 -6.67 0.49 7.14
CA ALA A 90 -8.07 0.16 7.41
C ALA A 90 -8.88 1.42 7.68
N TYR A 91 -10.01 1.54 6.98
CA TYR A 91 -10.88 2.71 7.14
C TYR A 91 -12.28 2.27 7.56
N ASN A 92 -12.67 2.66 8.77
CA ASN A 92 -13.98 2.32 9.31
C ASN A 92 -14.81 3.57 9.55
N LYS A 93 -16.13 3.39 9.68
CA LYS A 93 -17.03 4.50 9.92
C LYS A 93 -16.42 5.51 10.88
N HIS A 94 -15.55 5.02 11.77
CA HIS A 94 -14.90 5.87 12.75
C HIS A 94 -13.83 6.74 12.09
N GLY A 95 -12.80 6.09 11.55
CA GLY A 95 -11.72 6.81 10.90
C GLY A 95 -10.55 5.92 10.54
N PRO A 96 -9.47 6.52 10.04
CA PRO A 96 -8.26 5.78 9.64
C PRO A 96 -7.51 5.22 10.84
N GLY A 97 -7.23 3.92 10.79
CA GLY A 97 -6.51 3.28 11.88
C GLY A 97 -5.02 3.20 11.63
N VAL A 98 -4.36 2.25 12.29
CA VAL A 98 -2.92 2.08 12.13
C VAL A 98 -2.53 1.99 10.66
N SER A 99 -1.23 1.93 10.41
CA SER A 99 -0.72 1.85 9.03
C SER A 99 0.33 0.76 8.91
N THR A 100 0.04 -0.25 8.09
CA THR A 100 0.97 -1.36 7.89
C THR A 100 2.32 -0.86 7.42
N PRO A 101 3.36 -1.69 7.61
CA PRO A 101 4.73 -1.34 7.20
C PRO A 101 4.91 -1.34 5.69
N ASP A 102 5.54 -0.28 5.18
CA ASP A 102 5.76 -0.16 3.74
C ASP A 102 6.30 -1.46 3.17
N VAL A 103 5.92 -1.76 1.92
CA VAL A 103 6.36 -2.96 1.26
C VAL A 103 6.91 -2.66 -0.13
N ALA A 104 8.16 -2.20 -0.18
CA ALA A 104 8.81 -1.87 -1.44
C ALA A 104 9.11 -3.13 -2.25
N VAL A 105 8.82 -3.07 -3.54
CA VAL A 105 9.05 -4.20 -4.43
C VAL A 105 9.48 -3.74 -5.82
N ARG A 106 10.35 -4.51 -6.45
CA ARG A 106 10.84 -4.17 -7.79
C ARG A 106 10.10 -4.98 -8.85
N THR A 107 9.64 -4.29 -9.89
CA THR A 107 8.92 -4.94 -10.98
C THR A 107 9.87 -5.71 -11.89
N LEU A 108 9.31 -6.63 -12.68
CA LEU A 108 10.12 -7.43 -13.60
C LEU A 108 10.74 -6.55 -14.68
N SER A 109 11.89 -6.99 -15.20
CA SER A 109 12.60 -6.25 -16.23
C SER A 109 12.24 -6.77 -17.62
N ASP A 110 11.57 -5.93 -18.41
CA ASP A 110 11.18 -6.31 -19.75
C ASP A 110 11.96 -5.52 -20.79
N SER A 111 12.12 -4.22 -20.56
CA SER A 111 12.84 -3.36 -21.48
C SER A 111 14.34 -3.60 -21.37
N GLY A 112 14.86 -3.58 -20.15
CA GLY A 112 16.28 -3.80 -19.94
C GLY A 112 16.85 -4.87 -20.85
N PRO A 113 18.17 -4.86 -21.02
CA PRO A 113 18.87 -5.83 -21.87
C PRO A 113 18.86 -7.24 -21.28
N SER A 114 18.41 -8.21 -22.06
CA SER A 114 18.34 -9.59 -21.61
C SER A 114 19.75 -10.18 -21.47
N SER A 115 20.64 -9.78 -22.37
CA SER A 115 22.02 -10.28 -22.35
C SER A 115 22.05 -11.80 -22.52
N GLY A 116 21.26 -12.30 -23.45
CA GLY A 116 21.21 -13.74 -23.69
C GLY A 116 21.42 -14.09 -25.14
N GLY A 1 22.51 21.46 0.11
CA GLY A 1 21.77 20.39 0.77
C GLY A 1 21.04 20.88 2.01
N SER A 2 20.23 20.00 2.60
CA SER A 2 19.48 20.34 3.79
C SER A 2 19.55 19.22 4.83
N SER A 3 18.98 19.46 6.00
CA SER A 3 18.97 18.48 7.07
C SER A 3 18.08 18.92 8.22
N GLY A 4 17.71 17.96 9.07
CA GLY A 4 16.85 18.28 10.21
C GLY A 4 16.22 17.04 10.81
N SER A 5 15.45 17.23 11.88
CA SER A 5 14.79 16.12 12.56
C SER A 5 13.35 16.48 12.91
N SER A 6 12.62 15.50 13.45
CA SER A 6 11.24 15.71 13.83
C SER A 6 11.08 15.73 15.35
N GLY A 7 11.52 14.64 15.99
CA GLY A 7 11.42 14.55 17.44
C GLY A 7 10.08 14.01 17.89
N ARG A 8 10.07 12.75 18.31
CA ARG A 8 8.84 12.11 18.77
C ARG A 8 9.13 10.71 19.32
N VAL A 9 8.23 10.22 20.16
CA VAL A 9 8.39 8.90 20.76
C VAL A 9 7.27 7.97 20.32
N GLU A 10 6.68 8.26 19.17
CA GLU A 10 5.59 7.45 18.63
C GLU A 10 4.65 6.99 19.75
N THR A 11 4.17 7.95 20.53
CA THR A 11 3.26 7.63 21.63
C THR A 11 1.84 8.07 21.31
N GLN A 12 0.87 7.35 21.86
CA GLN A 12 -0.54 7.66 21.63
C GLN A 12 -1.43 6.91 22.61
N PRO A 13 -2.42 7.63 23.19
CA PRO A 13 -3.35 7.05 24.15
C PRO A 13 -4.32 6.06 23.50
N GLU A 14 -5.05 5.32 24.33
CA GLU A 14 -6.00 4.34 23.83
C GLU A 14 -6.86 4.93 22.73
N VAL A 15 -7.31 4.07 21.81
CA VAL A 15 -8.15 4.51 20.70
C VAL A 15 -8.93 3.34 20.11
N GLN A 16 -10.14 3.61 19.65
CA GLN A 16 -10.99 2.59 19.06
C GLN A 16 -10.83 2.55 17.54
N LEU A 17 -9.63 2.21 17.09
CA LEU A 17 -9.34 2.13 15.66
C LEU A 17 -8.86 0.74 15.28
N PRO A 18 -8.91 0.43 13.97
CA PRO A 18 -8.49 -0.86 13.44
C PRO A 18 -6.98 -1.04 13.51
N GLY A 19 -6.51 -2.27 13.25
CA GLY A 19 -5.09 -2.55 13.29
C GLY A 19 -4.50 -2.72 11.91
N PRO A 20 -3.16 -2.86 11.85
CA PRO A 20 -2.45 -3.03 10.58
C PRO A 20 -2.71 -4.39 9.95
N ALA A 21 -3.19 -4.38 8.70
CA ALA A 21 -3.49 -5.61 7.98
C ALA A 21 -2.29 -6.57 8.03
N PRO A 22 -2.46 -7.68 8.76
CA PRO A 22 -1.42 -8.70 8.89
C PRO A 22 -1.18 -9.46 7.59
N ASN A 23 -0.23 -10.40 7.63
CA ASN A 23 0.08 -11.21 6.46
C ASN A 23 0.15 -10.34 5.20
N LEU A 24 0.88 -9.23 5.30
CA LEU A 24 1.02 -8.31 4.18
C LEU A 24 2.05 -8.83 3.18
N ARG A 25 1.58 -9.30 2.04
CA ARG A 25 2.46 -9.83 1.01
C ARG A 25 2.11 -9.25 -0.36
N ALA A 26 3.13 -8.92 -1.14
CA ALA A 26 2.92 -8.35 -2.47
C ALA A 26 3.88 -8.97 -3.48
N TYR A 27 3.35 -9.40 -4.61
CA TYR A 27 4.15 -10.02 -5.67
C TYR A 27 3.89 -9.35 -7.01
N ALA A 28 4.97 -8.97 -7.69
CA ALA A 28 4.86 -8.32 -8.99
C ALA A 28 4.42 -9.32 -10.06
N ALA A 29 3.16 -9.22 -10.45
CA ALA A 29 2.61 -10.12 -11.47
C ALA A 29 3.32 -9.93 -12.81
N SER A 30 3.56 -8.67 -13.18
CA SER A 30 4.24 -8.35 -14.43
C SER A 30 5.23 -7.21 -14.25
N PRO A 31 6.14 -7.06 -15.21
CA PRO A 31 7.15 -6.01 -15.19
C PRO A 31 6.56 -4.61 -15.37
N THR A 32 5.24 -4.55 -15.46
CA THR A 32 4.55 -3.28 -15.64
C THR A 32 3.47 -3.08 -14.58
N SER A 33 3.05 -4.18 -13.97
CA SER A 33 2.02 -4.13 -12.93
C SER A 33 2.51 -4.81 -11.65
N ILE A 34 1.69 -4.73 -10.61
CA ILE A 34 2.02 -5.34 -9.33
C ILE A 34 0.76 -5.70 -8.54
N THR A 35 0.70 -6.95 -8.10
CA THR A 35 -0.46 -7.42 -7.34
C THR A 35 -0.15 -7.46 -5.85
N VAL A 36 -0.76 -6.55 -5.09
CA VAL A 36 -0.55 -6.49 -3.66
C VAL A 36 -1.68 -7.18 -2.90
N THR A 37 -1.32 -7.85 -1.80
CA THR A 37 -2.31 -8.55 -0.99
C THR A 37 -2.14 -8.23 0.49
N TRP A 38 -3.16 -8.50 1.27
CA TRP A 38 -3.13 -8.24 2.71
C TRP A 38 -4.25 -8.97 3.42
N GLU A 39 -4.08 -9.21 4.72
CA GLU A 39 -5.08 -9.91 5.52
C GLU A 39 -5.80 -8.94 6.45
N THR A 40 -6.93 -9.38 7.00
CA THR A 40 -7.71 -8.56 7.91
C THR A 40 -7.20 -8.66 9.34
N PRO A 41 -6.98 -7.51 9.97
CA PRO A 41 -6.48 -7.45 11.35
C PRO A 41 -7.53 -7.92 12.37
N VAL A 42 -7.28 -9.07 12.98
CA VAL A 42 -8.19 -9.62 13.97
C VAL A 42 -8.64 -8.56 14.97
N SER A 43 -7.81 -7.52 15.13
CA SER A 43 -8.11 -6.44 16.06
C SER A 43 -8.73 -5.25 15.32
N GLY A 44 -9.98 -5.41 14.89
CA GLY A 44 -10.66 -4.35 14.18
C GLY A 44 -11.96 -3.95 14.85
N ASN A 45 -12.00 -2.73 15.37
CA ASN A 45 -13.19 -2.22 16.05
C ASN A 45 -14.39 -2.21 15.11
N GLY A 46 -15.42 -2.98 15.45
CA GLY A 46 -16.61 -3.04 14.63
C GLY A 46 -16.40 -3.88 13.38
N GLU A 47 -16.55 -3.26 12.21
CA GLU A 47 -16.39 -3.96 10.94
C GLU A 47 -15.71 -3.07 9.92
N ILE A 48 -14.97 -3.69 9.00
CA ILE A 48 -14.26 -2.94 7.96
C ILE A 48 -15.18 -2.63 6.78
N GLN A 49 -15.24 -1.36 6.40
CA GLN A 49 -16.08 -0.94 5.29
C GLN A 49 -15.34 -1.05 3.97
N ASN A 50 -14.20 -0.37 3.87
CA ASN A 50 -13.39 -0.40 2.66
C ASN A 50 -11.91 -0.29 2.99
N TYR A 51 -11.06 -0.72 2.05
CA TYR A 51 -9.62 -0.67 2.25
C TYR A 51 -8.97 0.32 1.28
N LYS A 52 -7.97 1.03 1.78
CA LYS A 52 -7.26 2.01 0.96
C LYS A 52 -5.84 1.55 0.66
N LEU A 53 -5.57 1.24 -0.61
CA LEU A 53 -4.25 0.78 -1.02
C LEU A 53 -3.45 1.92 -1.65
N TYR A 54 -2.23 2.10 -1.19
CA TYR A 54 -1.36 3.16 -1.72
C TYR A 54 -0.25 2.57 -2.57
N TYR A 55 0.38 3.41 -3.39
CA TYR A 55 1.47 2.98 -4.25
C TYR A 55 2.28 4.17 -4.74
N MET A 56 3.59 4.10 -4.58
CA MET A 56 4.49 5.16 -5.00
C MET A 56 5.87 4.62 -5.32
N GLU A 57 6.66 5.39 -6.07
CA GLU A 57 8.00 4.99 -6.45
C GLU A 57 9.02 5.41 -5.39
N LYS A 58 9.92 4.50 -5.05
CA LYS A 58 10.94 4.78 -4.04
C LYS A 58 11.81 5.97 -4.46
N GLY A 59 11.45 7.15 -3.96
CA GLY A 59 12.19 8.35 -4.29
C GLY A 59 11.35 9.37 -5.02
N THR A 60 10.11 9.54 -4.58
CA THR A 60 9.20 10.50 -5.19
C THR A 60 8.64 11.47 -4.16
N ASP A 61 8.59 11.02 -2.90
CA ASP A 61 8.07 11.85 -1.83
C ASP A 61 6.60 12.16 -2.03
N LYS A 62 5.91 11.28 -2.75
CA LYS A 62 4.49 11.46 -3.02
C LYS A 62 3.77 10.12 -3.08
N GLU A 63 2.90 9.87 -2.10
CA GLU A 63 2.15 8.63 -2.03
C GLU A 63 0.76 8.80 -2.64
N GLN A 64 0.26 7.74 -3.26
CA GLN A 64 -1.06 7.76 -3.88
C GLN A 64 -2.03 6.86 -3.14
N ASP A 65 -3.27 6.81 -3.61
CA ASP A 65 -4.31 5.99 -3.00
C ASP A 65 -5.25 5.42 -4.05
N VAL A 66 -5.63 4.16 -3.87
CA VAL A 66 -6.54 3.50 -4.81
C VAL A 66 -7.64 2.74 -4.06
N ASP A 67 -8.86 2.86 -4.57
CA ASP A 67 -10.00 2.17 -3.95
C ASP A 67 -10.01 0.70 -4.32
N VAL A 68 -9.85 -0.16 -3.32
CA VAL A 68 -9.85 -1.60 -3.54
C VAL A 68 -10.98 -2.28 -2.77
N SER A 69 -11.80 -3.04 -3.48
CA SER A 69 -12.93 -3.73 -2.87
C SER A 69 -12.61 -5.22 -2.68
N SER A 70 -11.46 -5.49 -2.07
CA SER A 70 -11.04 -6.88 -1.83
C SER A 70 -9.78 -6.91 -0.97
N HIS A 71 -9.37 -8.11 -0.58
CA HIS A 71 -8.19 -8.29 0.26
C HIS A 71 -6.91 -8.04 -0.55
N SER A 72 -6.99 -8.29 -1.86
CA SER A 72 -5.84 -8.10 -2.74
C SER A 72 -6.23 -7.26 -3.96
N TYR A 73 -5.26 -6.54 -4.49
CA TYR A 73 -5.49 -5.69 -5.66
C TYR A 73 -4.34 -5.79 -6.66
N THR A 74 -4.53 -5.21 -7.83
CA THR A 74 -3.52 -5.24 -8.87
C THR A 74 -3.34 -3.86 -9.51
N ILE A 75 -2.14 -3.30 -9.36
CA ILE A 75 -1.84 -1.99 -9.91
C ILE A 75 -1.03 -2.10 -11.20
N ASN A 76 -1.62 -1.68 -12.30
CA ASN A 76 -0.94 -1.74 -13.60
C ASN A 76 -0.50 -0.35 -14.04
N GLY A 77 0.50 -0.31 -14.93
CA GLY A 77 0.99 0.96 -15.42
C GLY A 77 2.15 1.48 -14.59
N LEU A 78 3.18 0.66 -14.43
CA LEU A 78 4.35 1.05 -13.65
C LEU A 78 5.62 0.92 -14.49
N LYS A 79 6.75 1.38 -13.93
CA LYS A 79 8.03 1.32 -14.62
C LYS A 79 8.63 -0.08 -14.52
N LYS A 80 9.41 -0.46 -15.53
CA LYS A 80 10.05 -1.77 -15.55
C LYS A 80 11.28 -1.78 -14.65
N TYR A 81 11.51 -2.91 -14.00
CA TYR A 81 12.66 -3.06 -13.10
C TYR A 81 12.76 -1.87 -12.15
N THR A 82 11.62 -1.45 -11.60
CA THR A 82 11.59 -0.33 -10.68
C THR A 82 10.87 -0.70 -9.39
N GLU A 83 11.42 -0.23 -8.27
CA GLU A 83 10.82 -0.52 -6.97
C GLU A 83 9.63 0.39 -6.69
N TYR A 84 8.66 -0.12 -5.94
CA TYR A 84 7.46 0.64 -5.61
C TYR A 84 6.98 0.30 -4.21
N SER A 85 6.70 1.34 -3.42
CA SER A 85 6.23 1.17 -2.05
C SER A 85 4.73 0.93 -2.02
N PHE A 86 4.29 0.02 -1.16
CA PHE A 86 2.87 -0.29 -1.03
C PHE A 86 2.47 -0.40 0.44
N ARG A 87 1.29 0.09 0.76
CA ARG A 87 0.78 0.04 2.13
C ARG A 87 -0.74 -0.09 2.15
N VAL A 88 -1.27 -0.53 3.28
CA VAL A 88 -2.72 -0.70 3.43
C VAL A 88 -3.23 -0.01 4.69
N VAL A 89 -4.39 0.62 4.58
CA VAL A 89 -4.99 1.32 5.72
C VAL A 89 -6.44 0.90 5.92
N ALA A 90 -6.80 0.64 7.17
CA ALA A 90 -8.16 0.24 7.50
C ALA A 90 -9.06 1.45 7.73
N TYR A 91 -10.27 1.39 7.18
CA TYR A 91 -11.23 2.48 7.31
C TYR A 91 -12.57 1.96 7.81
N ASN A 92 -12.93 2.33 9.04
CA ASN A 92 -14.19 1.91 9.63
C ASN A 92 -14.92 3.09 10.26
N LYS A 93 -16.20 2.90 10.55
CA LYS A 93 -17.01 3.94 11.16
C LYS A 93 -16.19 4.78 12.13
N HIS A 94 -15.44 4.10 13.00
CA HIS A 94 -14.60 4.78 13.99
C HIS A 94 -13.68 5.79 13.31
N GLY A 95 -12.73 5.28 12.53
CA GLY A 95 -11.80 6.16 11.83
C GLY A 95 -10.59 5.41 11.30
N PRO A 96 -9.72 6.13 10.57
CA PRO A 96 -8.51 5.55 9.99
C PRO A 96 -7.48 5.19 11.05
N GLY A 97 -7.23 3.89 11.22
CA GLY A 97 -6.26 3.44 12.20
C GLY A 97 -4.84 3.49 11.68
N VAL A 98 -3.92 2.86 12.40
CA VAL A 98 -2.52 2.83 12.02
C VAL A 98 -2.36 2.39 10.56
N SER A 99 -1.12 2.36 10.09
CA SER A 99 -0.83 1.95 8.72
C SER A 99 0.31 0.95 8.68
N THR A 100 0.15 -0.10 7.88
CA THR A 100 1.17 -1.12 7.75
C THR A 100 2.50 -0.53 7.29
N PRO A 101 3.60 -1.24 7.57
CA PRO A 101 4.95 -0.80 7.18
C PRO A 101 5.17 -0.86 5.67
N ASP A 102 5.70 0.22 5.13
CA ASP A 102 5.97 0.31 3.69
C ASP A 102 6.43 -1.05 3.14
N VAL A 103 5.89 -1.43 1.98
CA VAL A 103 6.24 -2.69 1.36
C VAL A 103 6.78 -2.48 -0.04
N ALA A 104 8.05 -2.08 -0.13
CA ALA A 104 8.69 -1.84 -1.41
C ALA A 104 8.94 -3.14 -2.15
N VAL A 105 8.60 -3.17 -3.43
CA VAL A 105 8.81 -4.37 -4.25
C VAL A 105 9.33 -4.01 -5.64
N ARG A 106 10.21 -4.86 -6.17
CA ARG A 106 10.79 -4.64 -7.48
C ARG A 106 10.04 -5.42 -8.56
N THR A 107 9.64 -4.73 -9.62
CA THR A 107 8.91 -5.36 -10.71
C THR A 107 9.84 -6.22 -11.55
N LEU A 108 9.26 -7.21 -12.22
CA LEU A 108 10.04 -8.13 -13.07
C LEU A 108 10.84 -7.34 -14.10
N SER A 109 12.00 -7.89 -14.47
CA SER A 109 12.86 -7.24 -15.45
C SER A 109 12.66 -7.85 -16.84
N ASP A 110 12.16 -7.03 -17.76
CA ASP A 110 11.91 -7.48 -19.13
C ASP A 110 13.12 -8.23 -19.68
N SER A 111 12.87 -9.34 -20.35
CA SER A 111 13.94 -10.15 -20.93
C SER A 111 14.94 -9.28 -21.68
N GLY A 112 16.22 -9.55 -21.49
CA GLY A 112 17.25 -8.78 -22.17
C GLY A 112 18.64 -9.39 -22.00
N PRO A 113 19.67 -8.61 -22.33
CA PRO A 113 21.07 -9.07 -22.23
C PRO A 113 21.52 -9.21 -20.78
N SER A 114 21.40 -10.43 -20.25
CA SER A 114 21.79 -10.69 -18.88
C SER A 114 23.14 -11.42 -18.83
N SER A 115 24.14 -10.74 -18.28
CA SER A 115 25.48 -11.31 -18.18
C SER A 115 25.97 -11.31 -16.73
N GLY A 116 25.75 -10.20 -16.04
CA GLY A 116 26.17 -10.08 -14.66
C GLY A 116 26.80 -8.73 -14.35
N GLY A 1 4.32 24.20 -13.12
CA GLY A 1 3.93 24.72 -11.83
C GLY A 1 4.17 23.74 -10.70
N SER A 2 4.44 24.26 -9.51
CA SER A 2 4.70 23.42 -8.35
C SER A 2 4.25 24.11 -7.07
N SER A 3 4.28 23.38 -5.96
CA SER A 3 3.86 23.91 -4.67
C SER A 3 4.81 23.45 -3.56
N GLY A 4 4.59 23.98 -2.36
CA GLY A 4 5.43 23.60 -1.23
C GLY A 4 4.62 23.30 0.02
N SER A 5 5.07 22.32 0.79
CA SER A 5 4.38 21.93 2.01
C SER A 5 4.85 22.78 3.20
N SER A 6 6.17 22.91 3.34
CA SER A 6 6.74 23.69 4.43
C SER A 6 6.31 23.13 5.79
N GLY A 7 6.38 21.81 5.93
CA GLY A 7 5.99 21.17 7.17
C GLY A 7 4.55 21.48 7.55
N ARG A 8 4.08 20.85 8.63
CA ARG A 8 2.71 21.05 9.09
C ARG A 8 2.56 20.57 10.53
N VAL A 9 1.47 20.97 11.17
CA VAL A 9 1.20 20.59 12.54
C VAL A 9 1.20 19.07 12.70
N GLU A 10 1.08 18.62 13.95
CA GLU A 10 1.07 17.19 14.24
C GLU A 10 0.01 16.85 15.28
N THR A 11 -1.05 16.16 14.85
CA THR A 11 -2.13 15.79 15.75
C THR A 11 -2.47 14.31 15.60
N GLN A 12 -2.37 13.57 16.69
CA GLN A 12 -2.67 12.14 16.68
C GLN A 12 -4.17 11.90 16.53
N PRO A 13 -4.54 10.91 15.70
CA PRO A 13 -5.93 10.56 15.46
C PRO A 13 -6.61 9.92 16.67
N GLU A 14 -7.81 9.40 16.47
CA GLU A 14 -8.55 8.76 17.56
C GLU A 14 -7.83 7.49 18.04
N VAL A 15 -8.35 6.91 19.11
CA VAL A 15 -7.77 5.69 19.67
C VAL A 15 -8.56 4.47 19.27
N GLN A 16 -9.86 4.64 19.06
CA GLN A 16 -10.74 3.55 18.68
C GLN A 16 -10.64 3.28 17.17
N LEU A 17 -9.46 2.83 16.74
CA LEU A 17 -9.23 2.54 15.33
C LEU A 17 -8.88 1.07 15.14
N PRO A 18 -9.02 0.59 13.89
CA PRO A 18 -8.71 -0.81 13.55
C PRO A 18 -7.21 -1.10 13.60
N GLY A 19 -6.86 -2.38 13.49
CA GLY A 19 -5.46 -2.76 13.51
C GLY A 19 -4.86 -2.87 12.13
N PRO A 20 -3.53 -3.03 12.07
CA PRO A 20 -2.81 -3.14 10.80
C PRO A 20 -3.10 -4.45 10.08
N ALA A 21 -3.55 -4.35 8.84
CA ALA A 21 -3.86 -5.53 8.03
C ALA A 21 -2.71 -6.51 8.04
N PRO A 22 -2.90 -7.66 8.71
CA PRO A 22 -1.89 -8.71 8.82
C PRO A 22 -1.66 -9.43 7.48
N ASN A 23 -0.78 -10.42 7.50
CA ASN A 23 -0.47 -11.17 6.28
C ASN A 23 -0.37 -10.25 5.08
N LEU A 24 0.34 -9.15 5.23
CA LEU A 24 0.51 -8.19 4.14
C LEU A 24 1.65 -8.61 3.21
N ARG A 25 1.29 -9.11 2.04
CA ARG A 25 2.28 -9.56 1.06
C ARG A 25 2.23 -8.67 -0.18
N ALA A 26 3.22 -8.84 -1.06
CA ALA A 26 3.30 -8.06 -2.29
C ALA A 26 4.27 -8.69 -3.28
N TYR A 27 3.80 -8.92 -4.50
CA TYR A 27 4.63 -9.52 -5.53
C TYR A 27 4.30 -8.94 -6.91
N ALA A 28 5.32 -8.81 -7.74
CA ALA A 28 5.14 -8.26 -9.08
C ALA A 28 4.73 -9.35 -10.07
N ALA A 29 3.45 -9.35 -10.45
CA ALA A 29 2.94 -10.33 -11.39
C ALA A 29 3.50 -10.11 -12.79
N SER A 30 3.54 -8.85 -13.21
CA SER A 30 4.05 -8.51 -14.53
C SER A 30 5.05 -7.36 -14.44
N PRO A 31 5.86 -7.20 -15.50
CA PRO A 31 6.88 -6.14 -15.56
C PRO A 31 6.27 -4.75 -15.70
N THR A 32 4.94 -4.70 -15.73
CA THR A 32 4.22 -3.43 -15.86
C THR A 32 3.10 -3.33 -14.85
N SER A 33 2.99 -4.33 -13.98
CA SER A 33 1.96 -4.36 -12.95
C SER A 33 2.48 -4.97 -11.66
N ILE A 34 1.64 -4.96 -10.63
CA ILE A 34 2.03 -5.52 -9.33
C ILE A 34 0.81 -5.99 -8.55
N THR A 35 0.91 -7.19 -7.98
CA THR A 35 -0.20 -7.74 -7.21
C THR A 35 0.10 -7.68 -5.71
N VAL A 36 -0.83 -7.09 -4.96
CA VAL A 36 -0.67 -6.98 -3.51
C VAL A 36 -1.83 -7.64 -2.77
N THR A 37 -1.50 -8.54 -1.86
CA THR A 37 -2.52 -9.24 -1.09
C THR A 37 -2.34 -9.00 0.41
N TRP A 38 -3.44 -8.72 1.09
CA TRP A 38 -3.40 -8.47 2.53
C TRP A 38 -4.57 -9.15 3.23
N GLU A 39 -4.50 -9.20 4.56
CA GLU A 39 -5.55 -9.84 5.35
C GLU A 39 -6.28 -8.81 6.22
N THR A 40 -7.43 -9.20 6.75
CA THR A 40 -8.22 -8.31 7.59
C THR A 40 -7.80 -8.42 9.04
N PRO A 41 -7.70 -7.27 9.72
CA PRO A 41 -7.31 -7.20 11.14
C PRO A 41 -8.38 -7.76 12.06
N VAL A 42 -8.08 -8.89 12.69
CA VAL A 42 -9.02 -9.53 13.61
C VAL A 42 -9.55 -8.53 14.64
N SER A 43 -8.74 -7.52 14.93
CA SER A 43 -9.13 -6.50 15.90
C SER A 43 -9.73 -5.28 15.20
N GLY A 44 -10.36 -4.41 15.99
CA GLY A 44 -10.98 -3.22 15.43
C GLY A 44 -12.38 -2.99 15.96
N ASN A 45 -12.70 -1.74 16.26
CA ASN A 45 -14.02 -1.39 16.78
C ASN A 45 -14.96 -1.00 15.64
N GLY A 46 -15.82 -1.93 15.25
CA GLY A 46 -16.77 -1.67 14.18
C GLY A 46 -16.38 -2.34 12.88
N GLU A 47 -17.36 -2.55 12.01
CA GLU A 47 -17.12 -3.20 10.72
C GLU A 47 -16.36 -2.27 9.78
N ILE A 48 -15.36 -2.82 9.09
CA ILE A 48 -14.56 -2.04 8.16
C ILE A 48 -15.40 -1.55 6.99
N GLN A 49 -15.17 -0.31 6.58
CA GLN A 49 -15.92 0.29 5.47
C GLN A 49 -15.26 -0.05 4.14
N ASN A 50 -14.01 0.39 3.98
CA ASN A 50 -13.28 0.13 2.75
C ASN A 50 -11.77 0.03 3.03
N TYR A 51 -11.05 -0.56 2.09
CA TYR A 51 -9.60 -0.71 2.23
C TYR A 51 -8.85 0.28 1.34
N LYS A 52 -8.00 1.09 1.95
CA LYS A 52 -7.22 2.08 1.23
C LYS A 52 -5.83 1.56 0.91
N LEU A 53 -5.56 1.31 -0.37
CA LEU A 53 -4.27 0.81 -0.80
C LEU A 53 -3.43 1.92 -1.41
N TYR A 54 -2.25 2.15 -0.84
CA TYR A 54 -1.35 3.20 -1.32
C TYR A 54 -0.22 2.59 -2.16
N TYR A 55 0.34 3.41 -3.05
CA TYR A 55 1.42 2.95 -3.92
C TYR A 55 2.22 4.14 -4.46
N MET A 56 3.54 4.01 -4.44
CA MET A 56 4.42 5.07 -4.93
C MET A 56 5.77 4.51 -5.33
N GLU A 57 6.52 5.28 -6.13
CA GLU A 57 7.83 4.85 -6.58
C GLU A 57 8.92 5.31 -5.62
N LYS A 58 9.83 4.40 -5.29
CA LYS A 58 10.92 4.71 -4.37
C LYS A 58 11.73 5.90 -4.88
N GLY A 59 11.39 7.09 -4.39
CA GLY A 59 12.09 8.29 -4.80
C GLY A 59 11.18 9.29 -5.48
N THR A 60 9.97 9.44 -4.97
CA THR A 60 9.00 10.37 -5.54
C THR A 60 8.47 11.32 -4.48
N ASP A 61 8.49 10.89 -3.23
CA ASP A 61 8.01 11.71 -2.13
C ASP A 61 6.54 12.06 -2.31
N LYS A 62 5.82 11.22 -3.04
CA LYS A 62 4.41 11.44 -3.30
C LYS A 62 3.66 10.11 -3.43
N GLU A 63 2.90 9.77 -2.39
CA GLU A 63 2.14 8.53 -2.39
C GLU A 63 0.70 8.76 -2.85
N GLN A 64 0.10 7.73 -3.43
CA GLN A 64 -1.27 7.84 -3.92
C GLN A 64 -2.20 6.93 -3.11
N ASP A 65 -3.49 6.99 -3.42
CA ASP A 65 -4.49 6.19 -2.73
C ASP A 65 -5.55 5.69 -3.70
N VAL A 66 -5.86 4.39 -3.63
CA VAL A 66 -6.86 3.79 -4.50
C VAL A 66 -7.88 2.99 -3.69
N ASP A 67 -9.15 3.13 -4.06
CA ASP A 67 -10.22 2.42 -3.37
C ASP A 67 -10.35 0.99 -3.89
N VAL A 68 -10.10 0.03 -3.01
CA VAL A 68 -10.19 -1.38 -3.38
C VAL A 68 -11.24 -2.11 -2.56
N SER A 69 -12.17 -2.77 -3.24
CA SER A 69 -13.23 -3.50 -2.56
C SER A 69 -12.75 -4.87 -2.11
N SER A 70 -11.93 -5.50 -2.94
CA SER A 70 -11.39 -6.82 -2.63
C SER A 70 -10.17 -6.73 -1.74
N HIS A 71 -9.73 -7.86 -1.20
CA HIS A 71 -8.56 -7.90 -0.33
C HIS A 71 -7.28 -7.79 -1.13
N SER A 72 -7.34 -8.20 -2.40
CA SER A 72 -6.18 -8.15 -3.28
C SER A 72 -6.47 -7.32 -4.53
N TYR A 73 -5.53 -6.47 -4.90
CA TYR A 73 -5.68 -5.62 -6.06
C TYR A 73 -4.48 -5.74 -7.00
N THR A 74 -4.71 -5.44 -8.27
CA THR A 74 -3.64 -5.53 -9.27
C THR A 74 -3.38 -4.17 -9.90
N ILE A 75 -2.25 -3.55 -9.53
CA ILE A 75 -1.88 -2.26 -10.07
C ILE A 75 -1.06 -2.40 -11.34
N ASN A 76 -1.56 -1.81 -12.42
CA ASN A 76 -0.87 -1.88 -13.71
C ASN A 76 -0.41 -0.50 -14.14
N GLY A 77 0.41 -0.45 -15.19
CA GLY A 77 0.91 0.81 -15.69
C GLY A 77 2.11 1.31 -14.92
N LEU A 78 3.07 0.43 -14.69
CA LEU A 78 4.28 0.78 -13.95
C LEU A 78 5.52 0.59 -14.82
N LYS A 79 6.63 1.19 -14.39
CA LYS A 79 7.89 1.09 -15.11
C LYS A 79 8.51 -0.28 -14.94
N LYS A 80 9.49 -0.61 -15.79
CA LYS A 80 10.17 -1.90 -15.72
C LYS A 80 11.45 -1.78 -14.90
N TYR A 81 11.67 -2.76 -14.03
CA TYR A 81 12.87 -2.77 -13.19
C TYR A 81 12.89 -1.57 -12.25
N THR A 82 11.74 -1.30 -11.62
CA THR A 82 11.63 -0.17 -10.71
C THR A 82 10.95 -0.58 -9.41
N GLU A 83 11.42 -0.03 -8.30
CA GLU A 83 10.85 -0.35 -6.99
C GLU A 83 9.63 0.51 -6.71
N TYR A 84 8.73 0.01 -5.86
CA TYR A 84 7.52 0.73 -5.51
C TYR A 84 7.04 0.35 -4.11
N SER A 85 6.79 1.35 -3.28
CA SER A 85 6.33 1.13 -1.92
C SER A 85 4.82 0.91 -1.88
N PHE A 86 4.39 -0.02 -1.03
CA PHE A 86 2.97 -0.33 -0.90
C PHE A 86 2.57 -0.43 0.58
N ARG A 87 1.42 0.13 0.91
CA ARG A 87 0.92 0.09 2.29
C ARG A 87 -0.60 0.06 2.32
N VAL A 88 -1.14 -0.75 3.22
CA VAL A 88 -2.59 -0.87 3.36
C VAL A 88 -3.09 -0.18 4.61
N VAL A 89 -4.28 0.40 4.53
CA VAL A 89 -4.87 1.11 5.66
C VAL A 89 -6.34 0.73 5.83
N ALA A 90 -6.73 0.41 7.07
CA ALA A 90 -8.10 0.04 7.37
C ALA A 90 -8.95 1.26 7.66
N TYR A 91 -10.08 1.37 6.96
CA TYR A 91 -10.99 2.50 7.15
C TYR A 91 -12.35 2.03 7.62
N ASN A 92 -12.68 2.36 8.87
CA ASN A 92 -13.96 1.97 9.45
C ASN A 92 -14.83 3.19 9.71
N LYS A 93 -16.04 2.96 10.22
CA LYS A 93 -16.96 4.04 10.53
C LYS A 93 -16.28 5.14 11.32
N HIS A 94 -15.40 4.73 12.24
CA HIS A 94 -14.67 5.68 13.07
C HIS A 94 -13.74 6.54 12.23
N GLY A 95 -12.68 5.94 11.70
CA GLY A 95 -11.74 6.67 10.88
C GLY A 95 -10.55 5.82 10.47
N PRO A 96 -9.52 6.47 9.90
CA PRO A 96 -8.30 5.79 9.45
C PRO A 96 -7.47 5.28 10.62
N GLY A 97 -7.21 3.98 10.64
CA GLY A 97 -6.42 3.39 11.70
C GLY A 97 -4.94 3.44 11.42
N VAL A 98 -4.18 2.53 12.02
CA VAL A 98 -2.73 2.48 11.83
C VAL A 98 -2.38 2.28 10.36
N SER A 99 -1.10 2.36 10.05
CA SER A 99 -0.63 2.19 8.68
C SER A 99 0.42 1.09 8.60
N THR A 100 0.11 0.04 7.83
CA THR A 100 1.03 -1.08 7.68
C THR A 100 2.42 -0.60 7.26
N PRO A 101 3.43 -1.44 7.49
CA PRO A 101 4.82 -1.12 7.15
C PRO A 101 5.06 -1.10 5.64
N ASP A 102 5.69 -0.04 5.15
CA ASP A 102 5.97 0.09 3.73
C ASP A 102 6.46 -1.23 3.15
N VAL A 103 5.96 -1.57 1.96
CA VAL A 103 6.35 -2.80 1.30
C VAL A 103 6.91 -2.52 -0.09
N ALA A 104 8.18 -2.13 -0.15
CA ALA A 104 8.84 -1.84 -1.41
C ALA A 104 9.13 -3.13 -2.19
N VAL A 105 8.77 -3.13 -3.47
CA VAL A 105 8.99 -4.30 -4.31
C VAL A 105 9.48 -3.87 -5.70
N ARG A 106 10.35 -4.69 -6.28
CA ARG A 106 10.90 -4.41 -7.61
C ARG A 106 10.14 -5.18 -8.68
N THR A 107 9.66 -4.46 -9.69
CA THR A 107 8.92 -5.08 -10.78
C THR A 107 9.86 -5.84 -11.72
N LEU A 108 9.28 -6.70 -12.56
CA LEU A 108 10.06 -7.49 -13.50
C LEU A 108 10.64 -6.60 -14.60
N SER A 109 11.84 -6.95 -15.06
CA SER A 109 12.51 -6.19 -16.11
C SER A 109 12.34 -6.86 -17.46
N ASP A 110 11.92 -6.08 -18.46
CA ASP A 110 11.71 -6.60 -19.81
C ASP A 110 13.04 -6.95 -20.45
N SER A 111 13.99 -6.02 -20.37
CA SER A 111 15.31 -6.22 -20.96
C SER A 111 16.31 -6.70 -19.90
N GLY A 112 16.43 -8.02 -19.77
CA GLY A 112 17.36 -8.59 -18.80
C GLY A 112 17.81 -9.98 -19.18
N PRO A 113 18.89 -10.06 -19.98
CA PRO A 113 19.45 -11.34 -20.44
C PRO A 113 20.10 -12.11 -19.29
N SER A 114 20.03 -11.58 -18.09
CA SER A 114 20.61 -12.21 -16.92
C SER A 114 20.54 -13.74 -17.04
N SER A 115 21.70 -14.37 -17.20
CA SER A 115 21.76 -15.82 -17.33
C SER A 115 22.67 -16.42 -16.26
N GLY A 116 22.11 -17.28 -15.44
CA GLY A 116 22.89 -17.92 -14.38
C GLY A 116 22.57 -17.35 -13.01
N GLY A 1 14.83 18.31 -3.65
CA GLY A 1 16.08 19.00 -3.43
C GLY A 1 15.94 20.18 -2.49
N SER A 2 15.84 21.38 -3.05
CA SER A 2 15.70 22.59 -2.25
C SER A 2 14.50 22.50 -1.32
N SER A 3 14.76 22.35 -0.03
CA SER A 3 13.70 22.24 0.96
C SER A 3 14.25 22.41 2.38
N GLY A 4 13.36 22.53 3.35
CA GLY A 4 13.77 22.70 4.72
C GLY A 4 12.81 22.06 5.71
N SER A 5 12.31 20.88 5.36
CA SER A 5 11.36 20.16 6.21
C SER A 5 11.68 20.40 7.68
N SER A 6 10.83 21.17 8.35
CA SER A 6 11.01 21.48 9.76
C SER A 6 9.67 21.48 10.50
N GLY A 7 9.74 21.50 11.83
CA GLY A 7 8.53 21.50 12.63
C GLY A 7 7.49 20.53 12.10
N ARG A 8 7.93 19.33 11.77
CA ARG A 8 7.02 18.31 11.25
C ARG A 8 6.54 17.38 12.36
N VAL A 9 5.30 17.59 12.81
CA VAL A 9 4.73 16.78 13.87
C VAL A 9 3.27 16.42 13.56
N GLU A 10 3.04 15.17 13.17
CA GLU A 10 1.70 14.71 12.85
C GLU A 10 1.33 13.50 13.70
N THR A 11 0.63 13.75 14.81
CA THR A 11 0.21 12.68 15.71
C THR A 11 -1.25 12.33 15.50
N GLN A 12 -1.53 11.07 15.23
CA GLN A 12 -2.89 10.60 15.01
C GLN A 12 -3.71 10.67 16.31
N PRO A 13 -5.04 10.69 16.16
CA PRO A 13 -5.96 10.76 17.31
C PRO A 13 -5.96 9.47 18.12
N GLU A 14 -6.70 9.47 19.23
CA GLU A 14 -6.78 8.31 20.10
C GLU A 14 -8.24 7.85 20.26
N VAL A 15 -8.60 6.79 19.54
CA VAL A 15 -9.96 6.26 19.61
C VAL A 15 -10.03 4.87 18.97
N GLN A 16 -11.13 4.17 19.25
CA GLN A 16 -11.32 2.82 18.71
C GLN A 16 -11.05 2.80 17.21
N LEU A 17 -9.90 2.26 16.83
CA LEU A 17 -9.53 2.17 15.42
C LEU A 17 -9.12 0.75 15.05
N PRO A 18 -9.10 0.45 13.75
CA PRO A 18 -8.73 -0.87 13.23
C PRO A 18 -7.25 -1.17 13.42
N GLY A 19 -6.83 -2.36 13.01
CA GLY A 19 -5.43 -2.74 13.14
C GLY A 19 -4.74 -2.87 11.79
N PRO A 20 -3.41 -3.02 11.82
CA PRO A 20 -2.60 -3.17 10.60
C PRO A 20 -2.84 -4.49 9.90
N ALA A 21 -3.33 -4.43 8.66
CA ALA A 21 -3.59 -5.63 7.89
C ALA A 21 -2.40 -6.60 7.94
N PRO A 22 -2.58 -7.71 8.66
CA PRO A 22 -1.54 -8.72 8.81
C PRO A 22 -1.28 -9.49 7.51
N ASN A 23 -0.36 -10.45 7.56
CA ASN A 23 -0.03 -11.24 6.39
C ASN A 23 0.03 -10.38 5.13
N LEU A 24 0.65 -9.22 5.25
CA LEU A 24 0.78 -8.30 4.12
C LEU A 24 1.86 -8.77 3.15
N ARG A 25 1.42 -9.33 2.02
CA ARG A 25 2.36 -9.82 1.01
C ARG A 25 2.35 -8.91 -0.21
N ALA A 26 3.41 -8.99 -1.00
CA ALA A 26 3.54 -8.18 -2.22
C ALA A 26 4.45 -8.84 -3.23
N TYR A 27 3.96 -9.00 -4.45
CA TYR A 27 4.73 -9.63 -5.52
C TYR A 27 4.41 -8.99 -6.87
N ALA A 28 5.40 -8.97 -7.75
CA ALA A 28 5.22 -8.39 -9.08
C ALA A 28 4.66 -9.43 -10.05
N ALA A 29 3.43 -9.21 -10.50
CA ALA A 29 2.78 -10.13 -11.43
C ALA A 29 3.20 -9.84 -12.86
N SER A 30 3.85 -8.69 -13.07
CA SER A 30 4.31 -8.29 -14.39
C SER A 30 5.23 -7.08 -14.31
N PRO A 31 6.08 -6.91 -15.33
CA PRO A 31 7.02 -5.79 -15.40
C PRO A 31 6.32 -4.46 -15.64
N THR A 32 4.99 -4.48 -15.64
CA THR A 32 4.20 -3.27 -15.86
C THR A 32 3.17 -3.09 -14.75
N SER A 33 3.00 -4.12 -13.92
CA SER A 33 2.04 -4.06 -12.82
C SER A 33 2.62 -4.72 -11.57
N ILE A 34 1.86 -4.67 -10.49
CA ILE A 34 2.29 -5.26 -9.22
C ILE A 34 1.09 -5.69 -8.39
N THR A 35 0.99 -7.00 -8.13
CA THR A 35 -0.10 -7.53 -7.33
C THR A 35 0.23 -7.53 -5.85
N VAL A 36 -0.72 -7.07 -5.04
CA VAL A 36 -0.51 -7.01 -3.59
C VAL A 36 -1.67 -7.67 -2.85
N THR A 37 -1.34 -8.52 -1.89
CA THR A 37 -2.35 -9.22 -1.10
C THR A 37 -2.13 -9.00 0.39
N TRP A 38 -3.22 -8.72 1.10
CA TRP A 38 -3.15 -8.48 2.54
C TRP A 38 -4.26 -9.24 3.27
N GLU A 39 -4.12 -9.36 4.58
CA GLU A 39 -5.11 -10.06 5.39
C GLU A 39 -5.85 -9.08 6.30
N THR A 40 -6.97 -9.53 6.85
CA THR A 40 -7.77 -8.70 7.75
C THR A 40 -7.27 -8.79 9.18
N PRO A 41 -7.07 -7.62 9.82
CA PRO A 41 -6.59 -7.54 11.20
C PRO A 41 -7.64 -8.03 12.20
N VAL A 42 -7.38 -9.17 12.82
CA VAL A 42 -8.29 -9.73 13.79
C VAL A 42 -8.73 -8.68 14.82
N SER A 43 -7.76 -7.94 15.33
CA SER A 43 -8.05 -6.90 16.31
C SER A 43 -8.50 -5.61 15.63
N GLY A 44 -9.82 -5.46 15.48
CA GLY A 44 -10.36 -4.27 14.85
C GLY A 44 -11.79 -3.99 15.27
N ASN A 45 -12.03 -2.75 15.73
CA ASN A 45 -13.36 -2.35 16.16
C ASN A 45 -14.30 -2.18 14.98
N GLY A 46 -15.44 -2.87 15.03
CA GLY A 46 -16.41 -2.77 13.96
C GLY A 46 -15.88 -3.33 12.65
N GLU A 47 -16.79 -3.72 11.75
CA GLU A 47 -16.40 -4.27 10.47
C GLU A 47 -15.85 -3.19 9.55
N ILE A 48 -14.75 -3.49 8.88
CA ILE A 48 -14.12 -2.54 7.97
C ILE A 48 -15.07 -2.13 6.85
N GLN A 49 -15.23 -0.83 6.67
CA GLN A 49 -16.11 -0.31 5.63
C GLN A 49 -15.45 -0.40 4.25
N ASN A 50 -14.21 0.09 4.17
CA ASN A 50 -13.48 0.07 2.91
C ASN A 50 -11.97 0.01 3.17
N TYR A 51 -11.22 -0.37 2.14
CA TYR A 51 -9.77 -0.47 2.25
C TYR A 51 -9.08 0.52 1.31
N LYS A 52 -8.02 1.16 1.80
CA LYS A 52 -7.27 2.12 1.01
C LYS A 52 -5.85 1.64 0.76
N LEU A 53 -5.53 1.36 -0.49
CA LEU A 53 -4.19 0.90 -0.85
C LEU A 53 -3.37 2.02 -1.49
N TYR A 54 -2.15 2.19 -1.01
CA TYR A 54 -1.27 3.23 -1.52
C TYR A 54 -0.18 2.63 -2.41
N TYR A 55 0.44 3.47 -3.23
CA TYR A 55 1.49 3.03 -4.13
C TYR A 55 2.32 4.21 -4.63
N MET A 56 3.64 4.07 -4.58
CA MET A 56 4.55 5.11 -5.02
C MET A 56 5.88 4.52 -5.47
N GLU A 57 6.62 5.31 -6.26
CA GLU A 57 7.92 4.85 -6.75
C GLU A 57 9.02 5.15 -5.74
N LYS A 58 9.94 4.19 -5.57
CA LYS A 58 11.03 4.34 -4.63
C LYS A 58 11.91 5.52 -5.00
N GLY A 59 11.75 6.62 -4.27
CA GLY A 59 12.54 7.82 -4.55
C GLY A 59 11.72 8.91 -5.19
N THR A 60 10.52 9.13 -4.68
CA THR A 60 9.63 10.16 -5.21
C THR A 60 9.13 11.09 -4.12
N ASP A 61 8.85 10.52 -2.95
CA ASP A 61 8.37 11.31 -1.82
C ASP A 61 6.92 11.72 -2.02
N LYS A 62 6.17 10.92 -2.77
CA LYS A 62 4.77 11.20 -3.04
C LYS A 62 4.00 9.92 -3.34
N GLU A 63 3.12 9.54 -2.42
CA GLU A 63 2.33 8.33 -2.58
C GLU A 63 0.87 8.67 -2.86
N GLN A 64 0.16 7.74 -3.50
CA GLN A 64 -1.25 7.95 -3.83
C GLN A 64 -2.14 6.97 -3.08
N ASP A 65 -3.43 7.00 -3.37
CA ASP A 65 -4.39 6.12 -2.71
C ASP A 65 -5.43 5.61 -3.71
N VAL A 66 -5.78 4.34 -3.60
CA VAL A 66 -6.76 3.73 -4.50
C VAL A 66 -7.85 3.02 -3.70
N ASP A 67 -9.10 3.25 -4.10
CA ASP A 67 -10.24 2.63 -3.43
C ASP A 67 -10.38 1.17 -3.84
N VAL A 68 -9.96 0.26 -2.97
CA VAL A 68 -10.03 -1.16 -3.23
C VAL A 68 -11.17 -1.81 -2.46
N SER A 69 -11.75 -2.86 -3.02
CA SER A 69 -12.85 -3.57 -2.38
C SER A 69 -12.43 -4.98 -1.99
N SER A 70 -11.52 -5.57 -2.77
CA SER A 70 -11.04 -6.91 -2.50
C SER A 70 -9.69 -6.88 -1.80
N HIS A 71 -9.41 -7.91 -1.00
CA HIS A 71 -8.15 -8.00 -0.27
C HIS A 71 -6.96 -7.89 -1.23
N SER A 72 -7.06 -8.59 -2.36
CA SER A 72 -6.00 -8.59 -3.35
C SER A 72 -6.32 -7.62 -4.50
N TYR A 73 -5.36 -6.80 -4.86
CA TYR A 73 -5.54 -5.82 -5.94
C TYR A 73 -4.33 -5.81 -6.86
N THR A 74 -4.58 -5.63 -8.16
CA THR A 74 -3.51 -5.60 -9.14
C THR A 74 -3.35 -4.20 -9.72
N ILE A 75 -2.24 -3.54 -9.37
CA ILE A 75 -1.97 -2.19 -9.85
C ILE A 75 -1.25 -2.23 -11.20
N ASN A 76 -1.94 -1.81 -12.24
CA ASN A 76 -1.37 -1.79 -13.59
C ASN A 76 -0.82 -0.40 -13.93
N GLY A 77 -0.07 -0.31 -15.02
CA GLY A 77 0.49 0.95 -15.43
C GLY A 77 1.67 1.38 -14.57
N LEU A 78 2.73 0.58 -14.59
CA LEU A 78 3.92 0.88 -13.80
C LEU A 78 5.17 0.82 -14.68
N LYS A 79 6.30 1.21 -14.10
CA LYS A 79 7.57 1.19 -14.82
C LYS A 79 8.20 -0.19 -14.78
N LYS A 80 9.15 -0.42 -15.68
CA LYS A 80 9.84 -1.71 -15.75
C LYS A 80 11.08 -1.71 -14.86
N TYR A 81 11.33 -2.84 -14.21
CA TYR A 81 12.49 -2.97 -13.33
C TYR A 81 12.60 -1.78 -12.39
N THR A 82 11.47 -1.40 -11.79
CA THR A 82 11.44 -0.27 -10.87
C THR A 82 10.73 -0.65 -9.57
N GLU A 83 11.36 -0.31 -8.45
CA GLU A 83 10.79 -0.61 -7.14
C GLU A 83 9.62 0.32 -6.81
N TYR A 84 8.66 -0.18 -6.06
CA TYR A 84 7.49 0.62 -5.69
C TYR A 84 7.01 0.25 -4.28
N SER A 85 6.70 1.26 -3.48
CA SER A 85 6.24 1.05 -2.12
C SER A 85 4.74 0.79 -2.09
N PHE A 86 4.29 0.03 -1.10
CA PHE A 86 2.87 -0.30 -0.96
C PHE A 86 2.48 -0.38 0.51
N ARG A 87 1.30 0.13 0.83
CA ARG A 87 0.80 0.11 2.21
C ARG A 87 -0.72 0.09 2.24
N VAL A 88 -1.28 -0.75 3.11
CA VAL A 88 -2.73 -0.87 3.23
C VAL A 88 -3.23 -0.14 4.47
N VAL A 89 -4.34 0.58 4.32
CA VAL A 89 -4.93 1.32 5.42
C VAL A 89 -6.39 0.92 5.63
N ALA A 90 -6.75 0.71 6.89
CA ALA A 90 -8.12 0.32 7.23
C ALA A 90 -8.99 1.56 7.48
N TYR A 91 -10.23 1.51 7.01
CA TYR A 91 -11.15 2.62 7.18
C TYR A 91 -12.49 2.13 7.73
N ASN A 92 -12.78 2.49 8.97
CA ASN A 92 -14.03 2.09 9.62
C ASN A 92 -14.81 3.31 10.10
N LYS A 93 -16.10 3.12 10.34
CA LYS A 93 -16.96 4.20 10.80
C LYS A 93 -16.20 5.15 11.71
N HIS A 94 -15.46 4.59 12.67
CA HIS A 94 -14.68 5.39 13.60
C HIS A 94 -13.69 6.29 12.86
N GLY A 95 -12.72 5.65 12.19
CA GLY A 95 -11.73 6.41 11.45
C GLY A 95 -10.57 5.55 10.98
N PRO A 96 -9.65 6.14 10.21
CA PRO A 96 -8.47 5.44 9.69
C PRO A 96 -7.48 5.07 10.79
N GLY A 97 -7.39 3.79 11.10
CA GLY A 97 -6.47 3.33 12.13
C GLY A 97 -5.03 3.37 11.68
N VAL A 98 -4.15 2.69 12.41
CA VAL A 98 -2.74 2.65 12.08
C VAL A 98 -2.53 2.34 10.59
N SER A 99 -1.27 2.31 10.18
CA SER A 99 -0.93 2.04 8.78
C SER A 99 0.16 0.97 8.69
N THR A 100 -0.07 -0.03 7.84
CA THR A 100 0.88 -1.11 7.66
C THR A 100 2.25 -0.57 7.23
N PRO A 101 3.31 -1.34 7.50
CA PRO A 101 4.68 -0.96 7.14
C PRO A 101 4.91 -1.02 5.63
N ASP A 102 5.47 0.06 5.10
CA ASP A 102 5.76 0.13 3.67
C ASP A 102 6.24 -1.21 3.13
N VAL A 103 5.87 -1.51 1.89
CA VAL A 103 6.27 -2.76 1.26
C VAL A 103 6.84 -2.53 -0.13
N ALA A 104 8.10 -2.10 -0.18
CA ALA A 104 8.76 -1.83 -1.45
C ALA A 104 9.07 -3.13 -2.19
N VAL A 105 8.68 -3.20 -3.45
CA VAL A 105 8.91 -4.39 -4.26
C VAL A 105 9.40 -4.02 -5.65
N ARG A 106 10.29 -4.84 -6.21
CA ARG A 106 10.84 -4.59 -7.54
C ARG A 106 10.05 -5.34 -8.60
N THR A 107 9.63 -4.61 -9.64
CA THR A 107 8.87 -5.21 -10.73
C THR A 107 9.74 -6.11 -11.60
N LEU A 108 9.10 -6.99 -12.36
CA LEU A 108 9.83 -7.90 -13.24
C LEU A 108 10.59 -7.14 -14.31
N SER A 109 11.69 -7.73 -14.79
CA SER A 109 12.52 -7.11 -15.81
C SER A 109 12.20 -7.69 -17.18
N ASP A 110 11.85 -6.81 -18.12
CA ASP A 110 11.52 -7.23 -19.48
C ASP A 110 12.78 -7.54 -20.27
N SER A 111 13.71 -6.58 -20.28
CA SER A 111 14.97 -6.75 -21.00
C SER A 111 15.75 -7.95 -20.47
N GLY A 112 16.12 -7.90 -19.19
CA GLY A 112 16.86 -8.99 -18.59
C GLY A 112 17.45 -8.61 -17.25
N PRO A 113 18.23 -9.52 -16.66
CA PRO A 113 18.87 -9.31 -15.36
C PRO A 113 19.99 -8.26 -15.43
N SER A 114 20.52 -8.05 -16.64
CA SER A 114 21.59 -7.10 -16.84
C SER A 114 21.03 -5.70 -17.08
N SER A 115 21.14 -4.83 -16.07
CA SER A 115 20.64 -3.47 -16.18
C SER A 115 21.71 -2.47 -15.77
N GLY A 116 22.43 -1.96 -16.76
CA GLY A 116 23.49 -0.99 -16.50
C GLY A 116 23.84 -0.16 -17.71
N GLY A 1 -8.65 25.88 3.44
CA GLY A 1 -7.96 24.62 3.65
C GLY A 1 -7.04 24.26 2.49
N SER A 2 -7.03 22.98 2.13
CA SER A 2 -6.18 22.51 1.04
C SER A 2 -4.87 23.28 0.98
N SER A 3 -4.29 23.53 2.15
CA SER A 3 -3.03 24.27 2.23
C SER A 3 -1.85 23.32 2.38
N GLY A 4 -1.89 22.48 3.41
CA GLY A 4 -0.82 21.54 3.64
C GLY A 4 -0.62 21.23 5.11
N SER A 5 -0.13 20.03 5.41
CA SER A 5 0.10 19.62 6.78
C SER A 5 1.39 18.81 6.91
N SER A 6 2.13 19.04 7.98
CA SER A 6 3.39 18.33 8.21
C SER A 6 3.65 18.17 9.70
N GLY A 7 3.92 16.93 10.11
CA GLY A 7 4.20 16.67 11.52
C GLY A 7 3.11 15.82 12.15
N ARG A 8 1.92 16.38 12.29
CA ARG A 8 0.80 15.68 12.89
C ARG A 8 1.19 15.09 14.25
N VAL A 9 1.69 15.94 15.14
CA VAL A 9 2.11 15.51 16.47
C VAL A 9 1.20 14.40 16.99
N GLU A 10 1.82 13.39 17.60
CA GLU A 10 1.07 12.26 18.15
C GLU A 10 0.94 12.37 19.66
N THR A 11 -0.03 13.16 20.11
CA THR A 11 -0.26 13.36 21.53
C THR A 11 -1.70 13.04 21.91
N GLN A 12 -2.01 11.76 22.04
CA GLN A 12 -3.35 11.32 22.39
C GLN A 12 -3.35 9.87 22.86
N PRO A 13 -4.28 9.54 23.76
CA PRO A 13 -4.41 8.19 24.31
C PRO A 13 -4.93 7.20 23.28
N GLU A 14 -4.96 5.92 23.66
CA GLU A 14 -5.44 4.88 22.76
C GLU A 14 -6.74 5.28 22.08
N VAL A 15 -6.87 4.95 20.80
CA VAL A 15 -8.06 5.28 20.04
C VAL A 15 -8.78 4.03 19.56
N GLN A 16 -10.07 4.17 19.27
CA GLN A 16 -10.87 3.04 18.79
C GLN A 16 -10.74 2.87 17.29
N LEU A 17 -9.63 2.30 16.85
CA LEU A 17 -9.38 2.08 15.43
C LEU A 17 -8.90 0.65 15.18
N PRO A 18 -9.02 0.21 13.92
CA PRO A 18 -8.61 -1.14 13.51
C PRO A 18 -7.09 -1.32 13.54
N GLY A 19 -6.64 -2.56 13.40
CA GLY A 19 -5.22 -2.83 13.42
C GLY A 19 -4.63 -2.96 12.02
N PRO A 20 -3.30 -3.09 11.94
CA PRO A 20 -2.60 -3.23 10.65
C PRO A 20 -2.89 -4.57 9.97
N ALA A 21 -3.41 -4.51 8.76
CA ALA A 21 -3.72 -5.72 8.00
C ALA A 21 -2.56 -6.70 8.03
N PRO A 22 -2.76 -7.84 8.70
CA PRO A 22 -1.74 -8.89 8.83
C PRO A 22 -1.48 -9.60 7.50
N ASN A 23 -0.61 -10.60 7.54
CA ASN A 23 -0.27 -11.37 6.34
C ASN A 23 -0.21 -10.45 5.12
N LEU A 24 0.45 -9.31 5.27
CA LEU A 24 0.58 -8.35 4.18
C LEU A 24 1.66 -8.79 3.21
N ARG A 25 1.25 -9.39 2.09
CA ARG A 25 2.19 -9.85 1.08
C ARG A 25 2.14 -8.94 -0.16
N ALA A 26 3.21 -9.00 -0.95
CA ALA A 26 3.29 -8.19 -2.16
C ALA A 26 4.29 -8.79 -3.15
N TYR A 27 3.83 -9.00 -4.38
CA TYR A 27 4.69 -9.56 -5.43
C TYR A 27 4.37 -8.95 -6.78
N ALA A 28 5.37 -8.88 -7.65
CA ALA A 28 5.19 -8.31 -8.99
C ALA A 28 4.71 -9.38 -9.96
N ALA A 29 3.44 -9.32 -10.31
CA ALA A 29 2.85 -10.27 -11.25
C ALA A 29 3.39 -10.06 -12.66
N SER A 30 3.67 -8.81 -13.01
CA SER A 30 4.19 -8.48 -14.33
C SER A 30 5.22 -7.37 -14.24
N PRO A 31 6.03 -7.22 -15.31
CA PRO A 31 7.07 -6.19 -15.38
C PRO A 31 6.49 -4.78 -15.49
N THR A 32 5.16 -4.70 -15.61
CA THR A 32 4.48 -3.42 -15.73
C THR A 32 3.33 -3.31 -14.72
N SER A 33 3.12 -4.37 -13.97
CA SER A 33 2.05 -4.39 -12.97
C SER A 33 2.55 -4.97 -11.65
N ILE A 34 1.70 -4.92 -10.64
CA ILE A 34 2.06 -5.44 -9.32
C ILE A 34 0.82 -5.94 -8.56
N THR A 35 0.91 -7.15 -8.01
CA THR A 35 -0.19 -7.73 -7.27
C THR A 35 0.07 -7.70 -5.77
N VAL A 36 -0.81 -7.03 -5.03
CA VAL A 36 -0.67 -6.93 -3.58
C VAL A 36 -1.83 -7.62 -2.87
N THR A 37 -1.50 -8.47 -1.90
CA THR A 37 -2.51 -9.18 -1.14
C THR A 37 -2.30 -9.02 0.35
N TRP A 38 -3.36 -8.66 1.07
CA TRP A 38 -3.29 -8.46 2.51
C TRP A 38 -4.44 -9.17 3.22
N GLU A 39 -4.34 -9.30 4.53
CA GLU A 39 -5.38 -9.96 5.32
C GLU A 39 -6.03 -8.97 6.28
N THR A 40 -7.18 -9.36 6.83
CA THR A 40 -7.92 -8.52 7.76
C THR A 40 -7.41 -8.71 9.18
N PRO A 41 -7.25 -7.59 9.90
CA PRO A 41 -6.77 -7.60 11.29
C PRO A 41 -7.81 -8.18 12.25
N VAL A 42 -7.56 -9.40 12.72
CA VAL A 42 -8.47 -10.06 13.64
C VAL A 42 -9.01 -9.08 14.68
N SER A 43 -8.18 -8.12 15.06
CA SER A 43 -8.58 -7.12 16.05
C SER A 43 -9.14 -5.87 15.36
N GLY A 44 -10.46 -5.72 15.40
CA GLY A 44 -11.09 -4.57 14.79
C GLY A 44 -12.39 -4.19 15.47
N ASN A 45 -12.34 -3.15 16.29
CA ASN A 45 -13.51 -2.68 17.02
C ASN A 45 -14.71 -2.54 16.08
N GLY A 46 -14.46 -1.97 14.90
CA GLY A 46 -15.52 -1.79 13.93
C GLY A 46 -15.26 -2.53 12.64
N GLU A 47 -16.33 -2.88 11.93
CA GLU A 47 -16.21 -3.61 10.66
C GLU A 47 -15.60 -2.72 9.58
N ILE A 48 -14.48 -3.15 9.03
CA ILE A 48 -13.80 -2.41 7.98
C ILE A 48 -14.78 -1.99 6.89
N GLN A 49 -14.92 -0.68 6.70
CA GLN A 49 -15.82 -0.16 5.68
C GLN A 49 -15.20 -0.28 4.28
N ASN A 50 -13.94 0.12 4.17
CA ASN A 50 -13.23 0.06 2.90
C ASN A 50 -11.72 -0.05 3.12
N TYR A 51 -11.04 -0.66 2.16
CA TYR A 51 -9.59 -0.82 2.25
C TYR A 51 -8.86 0.15 1.33
N LYS A 52 -7.89 0.87 1.88
CA LYS A 52 -7.12 1.83 1.11
C LYS A 52 -5.72 1.31 0.81
N LEU A 53 -5.34 1.33 -0.45
CA LEU A 53 -4.01 0.86 -0.86
C LEU A 53 -3.22 1.97 -1.52
N TYR A 54 -2.10 2.33 -0.91
CA TYR A 54 -1.24 3.39 -1.44
C TYR A 54 -0.10 2.80 -2.26
N TYR A 55 0.43 3.60 -3.19
CA TYR A 55 1.52 3.16 -4.04
C TYR A 55 2.33 4.35 -4.55
N MET A 56 3.65 4.22 -4.55
CA MET A 56 4.53 5.28 -5.03
C MET A 56 5.87 4.71 -5.49
N GLU A 57 6.57 5.47 -6.33
CA GLU A 57 7.86 5.04 -6.84
C GLU A 57 8.98 5.43 -5.90
N LYS A 58 9.88 4.49 -5.63
CA LYS A 58 11.01 4.73 -4.73
C LYS A 58 11.85 5.91 -5.23
N GLY A 59 11.57 7.10 -4.70
CA GLY A 59 12.31 8.28 -5.10
C GLY A 59 11.42 9.32 -5.76
N THR A 60 10.20 9.46 -5.25
CA THR A 60 9.26 10.44 -5.79
C THR A 60 8.75 11.38 -4.70
N ASP A 61 8.59 10.84 -3.50
CA ASP A 61 8.11 11.63 -2.37
C ASP A 61 6.63 11.99 -2.54
N LYS A 62 5.92 11.16 -3.30
CA LYS A 62 4.49 11.38 -3.54
C LYS A 62 3.77 10.05 -3.76
N GLU A 63 2.93 9.67 -2.81
CA GLU A 63 2.17 8.44 -2.90
C GLU A 63 0.71 8.71 -3.26
N GLN A 64 0.04 7.70 -3.79
CA GLN A 64 -1.36 7.83 -4.18
C GLN A 64 -2.24 6.91 -3.34
N ASP A 65 -3.52 6.87 -3.68
CA ASP A 65 -4.48 6.03 -2.96
C ASP A 65 -5.52 5.45 -3.91
N VAL A 66 -5.74 4.15 -3.83
CA VAL A 66 -6.72 3.47 -4.68
C VAL A 66 -7.77 2.75 -3.85
N ASP A 67 -9.03 3.06 -4.11
CA ASP A 67 -10.13 2.43 -3.38
C ASP A 67 -10.32 0.98 -3.83
N VAL A 68 -10.14 0.04 -2.90
CA VAL A 68 -10.29 -1.37 -3.20
C VAL A 68 -11.32 -2.02 -2.27
N SER A 69 -12.14 -2.89 -2.84
CA SER A 69 -13.17 -3.59 -2.06
C SER A 69 -12.65 -4.92 -1.55
N SER A 70 -11.89 -5.61 -2.39
CA SER A 70 -11.34 -6.92 -2.02
C SER A 70 -9.96 -6.76 -1.39
N HIS A 71 -9.48 -7.83 -0.75
CA HIS A 71 -8.17 -7.82 -0.10
C HIS A 71 -7.07 -8.13 -1.10
N SER A 72 -7.33 -7.85 -2.38
CA SER A 72 -6.36 -8.10 -3.43
C SER A 72 -6.61 -7.20 -4.63
N TYR A 73 -5.65 -6.34 -4.92
CA TYR A 73 -5.76 -5.42 -6.05
C TYR A 73 -4.57 -5.54 -6.99
N THR A 74 -4.76 -5.16 -8.24
CA THR A 74 -3.70 -5.23 -9.24
C THR A 74 -3.41 -3.86 -9.83
N ILE A 75 -2.19 -3.38 -9.63
CA ILE A 75 -1.77 -2.09 -10.13
C ILE A 75 -1.00 -2.22 -11.44
N ASN A 76 -1.59 -1.76 -12.53
CA ASN A 76 -0.96 -1.83 -13.84
C ASN A 76 -0.41 -0.47 -14.26
N GLY A 77 0.28 -0.44 -15.40
CA GLY A 77 0.84 0.81 -15.89
C GLY A 77 2.04 1.26 -15.08
N LEU A 78 2.97 0.34 -14.82
CA LEU A 78 4.16 0.65 -14.04
C LEU A 78 5.42 0.47 -14.88
N LYS A 79 6.54 1.00 -14.39
CA LYS A 79 7.81 0.89 -15.10
C LYS A 79 8.47 -0.45 -14.82
N LYS A 80 9.27 -0.93 -15.76
CA LYS A 80 9.97 -2.20 -15.61
C LYS A 80 11.22 -2.03 -14.76
N TYR A 81 11.53 -3.04 -13.95
CA TYR A 81 12.71 -3.00 -13.09
C TYR A 81 12.71 -1.73 -12.24
N THR A 82 11.61 -1.50 -11.51
CA THR A 82 11.50 -0.33 -10.66
C THR A 82 10.78 -0.68 -9.36
N GLU A 83 11.41 -0.34 -8.23
CA GLU A 83 10.83 -0.61 -6.92
C GLU A 83 9.66 0.31 -6.64
N TYR A 84 8.68 -0.20 -5.90
CA TYR A 84 7.50 0.59 -5.56
C TYR A 84 7.03 0.27 -4.14
N SER A 85 6.80 1.31 -3.35
CA SER A 85 6.34 1.14 -1.98
C SER A 85 4.83 0.95 -1.93
N PHE A 86 4.38 0.18 -0.94
CA PHE A 86 2.94 -0.09 -0.79
C PHE A 86 2.56 -0.14 0.69
N ARG A 87 1.39 0.38 1.01
CA ARG A 87 0.91 0.39 2.39
C ARG A 87 -0.62 0.36 2.44
N VAL A 88 -1.16 -0.57 3.21
CA VAL A 88 -2.61 -0.72 3.33
C VAL A 88 -3.10 -0.10 4.65
N VAL A 89 -4.23 0.60 4.57
CA VAL A 89 -4.81 1.25 5.75
C VAL A 89 -6.23 0.76 5.99
N ALA A 90 -6.53 0.41 7.24
CA ALA A 90 -7.86 -0.07 7.59
C ALA A 90 -8.78 1.10 7.94
N TYR A 91 -9.95 1.13 7.29
CA TYR A 91 -10.92 2.18 7.53
C TYR A 91 -12.21 1.63 8.15
N ASN A 92 -12.57 2.14 9.32
CA ASN A 92 -13.77 1.70 10.02
C ASN A 92 -14.79 2.82 10.10
N LYS A 93 -16.05 2.45 10.39
CA LYS A 93 -17.12 3.43 10.51
C LYS A 93 -16.63 4.69 11.21
N HIS A 94 -15.77 4.51 12.20
CA HIS A 94 -15.23 5.64 12.95
C HIS A 94 -14.26 6.45 12.10
N GLY A 95 -13.13 5.84 11.74
CA GLY A 95 -12.15 6.53 10.93
C GLY A 95 -10.95 5.66 10.61
N PRO A 96 -9.92 6.26 10.00
CA PRO A 96 -8.69 5.55 9.63
C PRO A 96 -7.86 5.15 10.84
N GLY A 97 -7.43 3.90 10.88
CA GLY A 97 -6.63 3.41 11.99
C GLY A 97 -5.14 3.64 11.77
N VAL A 98 -4.38 2.56 11.74
CA VAL A 98 -2.94 2.65 11.54
C VAL A 98 -2.57 2.46 10.07
N SER A 99 -1.28 2.48 9.79
CA SER A 99 -0.79 2.32 8.43
C SER A 99 0.29 1.24 8.35
N THR A 100 -0.04 0.12 7.73
CA THR A 100 0.90 -0.99 7.59
C THR A 100 2.28 -0.49 7.19
N PRO A 101 3.31 -1.30 7.46
CA PRO A 101 4.70 -0.96 7.13
C PRO A 101 4.96 -0.98 5.63
N ASP A 102 5.57 0.07 5.12
CA ASP A 102 5.88 0.17 3.70
C ASP A 102 6.33 -1.18 3.14
N VAL A 103 5.76 -1.56 2.00
CA VAL A 103 6.09 -2.83 1.36
C VAL A 103 6.67 -2.61 -0.03
N ALA A 104 7.96 -2.28 -0.09
CA ALA A 104 8.62 -2.04 -1.37
C ALA A 104 8.86 -3.36 -2.11
N VAL A 105 8.68 -3.31 -3.43
CA VAL A 105 8.87 -4.49 -4.26
C VAL A 105 9.39 -4.12 -5.64
N ARG A 106 10.26 -4.95 -6.21
CA ARG A 106 10.82 -4.70 -7.53
C ARG A 106 10.03 -5.45 -8.60
N THR A 107 9.65 -4.73 -9.65
CA THR A 107 8.89 -5.33 -10.74
C THR A 107 9.79 -6.14 -11.66
N LEU A 108 9.18 -7.01 -12.45
CA LEU A 108 9.93 -7.86 -13.38
C LEU A 108 10.59 -7.02 -14.47
N SER A 109 11.84 -7.36 -14.80
CA SER A 109 12.58 -6.64 -15.82
C SER A 109 12.27 -7.19 -17.21
N ASP A 110 11.85 -6.31 -18.10
CA ASP A 110 11.52 -6.70 -19.48
C ASP A 110 12.79 -6.83 -20.32
N SER A 111 13.82 -7.44 -19.74
CA SER A 111 15.08 -7.63 -20.45
C SER A 111 15.68 -9.00 -20.15
N GLY A 112 16.75 -9.35 -20.85
CA GLY A 112 17.39 -10.63 -20.64
C GLY A 112 16.95 -11.67 -21.65
N PRO A 113 17.45 -11.54 -22.90
CA PRO A 113 17.12 -12.46 -23.99
C PRO A 113 17.74 -13.84 -23.78
N SER A 114 18.50 -13.99 -22.71
CA SER A 114 19.15 -15.26 -22.40
C SER A 114 18.21 -16.16 -21.60
N SER A 115 17.42 -16.97 -22.32
CA SER A 115 16.48 -17.88 -21.69
C SER A 115 15.87 -17.26 -20.44
N GLY A 116 15.51 -15.97 -20.55
CA GLY A 116 14.92 -15.28 -19.42
C GLY A 116 15.53 -15.69 -18.10
N GLY A 1 15.31 22.44 -1.05
CA GLY A 1 16.54 21.88 -0.54
C GLY A 1 16.31 20.76 0.45
N SER A 2 16.26 21.10 1.73
CA SER A 2 16.04 20.11 2.78
C SER A 2 15.30 20.71 3.96
N SER A 3 14.17 20.12 4.31
CA SER A 3 13.36 20.61 5.42
C SER A 3 13.81 19.98 6.74
N GLY A 4 13.88 18.65 6.77
CA GLY A 4 14.31 17.96 7.97
C GLY A 4 13.14 17.64 8.90
N SER A 5 13.00 16.37 9.25
CA SER A 5 11.93 15.93 10.12
C SER A 5 11.88 16.78 11.39
N SER A 6 10.67 17.05 11.89
CA SER A 6 10.49 17.84 13.09
C SER A 6 10.62 16.98 14.34
N GLY A 7 11.66 16.16 14.38
CA GLY A 7 11.88 15.30 15.53
C GLY A 7 11.03 14.04 15.48
N ARG A 8 10.64 13.55 16.64
CA ARG A 8 9.82 12.34 16.72
C ARG A 8 9.40 12.07 18.17
N VAL A 9 8.10 12.15 18.42
CA VAL A 9 7.57 11.91 19.76
C VAL A 9 6.74 10.63 19.80
N GLU A 10 6.89 9.88 20.89
CA GLU A 10 6.16 8.63 21.05
C GLU A 10 5.03 8.78 22.08
N THR A 11 4.02 9.57 21.71
CA THR A 11 2.89 9.81 22.60
C THR A 11 1.59 9.96 21.81
N GLN A 12 0.68 9.01 21.99
CA GLN A 12 -0.59 9.04 21.29
C GLN A 12 -1.71 8.50 22.18
N PRO A 13 -2.88 9.16 22.12
CA PRO A 13 -4.05 8.76 22.92
C PRO A 13 -4.65 7.45 22.44
N GLU A 14 -5.76 7.06 23.06
CA GLU A 14 -6.45 5.82 22.70
C GLU A 14 -7.72 6.11 21.93
N VAL A 15 -7.82 5.54 20.73
CA VAL A 15 -9.00 5.74 19.88
C VAL A 15 -9.40 4.44 19.19
N GLN A 16 -10.71 4.18 19.16
CA GLN A 16 -11.23 2.98 18.53
C GLN A 16 -10.92 2.97 17.04
N LEU A 17 -9.93 2.17 16.65
CA LEU A 17 -9.54 2.07 15.24
C LEU A 17 -9.14 0.64 14.89
N PRO A 18 -9.25 0.30 13.60
CA PRO A 18 -8.91 -1.04 13.10
C PRO A 18 -7.40 -1.30 13.14
N GLY A 19 -7.03 -2.56 13.36
CA GLY A 19 -5.62 -2.91 13.42
C GLY A 19 -5.00 -3.05 12.04
N PRO A 20 -3.68 -3.25 12.00
CA PRO A 20 -2.94 -3.40 10.74
C PRO A 20 -3.25 -4.71 10.03
N ALA A 21 -3.60 -4.61 8.75
CA ALA A 21 -3.93 -5.78 7.95
C ALA A 21 -2.78 -6.80 7.96
N PRO A 22 -3.01 -7.94 8.61
CA PRO A 22 -2.01 -9.01 8.70
C PRO A 22 -1.76 -9.69 7.36
N ASN A 23 -0.87 -10.68 7.36
CA ASN A 23 -0.54 -11.42 6.15
C ASN A 23 -0.43 -10.47 4.95
N LEU A 24 0.33 -9.39 5.12
CA LEU A 24 0.51 -8.41 4.07
C LEU A 24 1.67 -8.80 3.14
N ARG A 25 1.33 -9.39 2.01
CA ARG A 25 2.34 -9.82 1.04
C ARG A 25 2.29 -8.96 -0.21
N ALA A 26 3.35 -9.03 -1.01
CA ALA A 26 3.43 -8.25 -2.25
C ALA A 26 4.40 -8.90 -3.23
N TYR A 27 3.93 -9.13 -4.45
CA TYR A 27 4.76 -9.74 -5.48
C TYR A 27 4.46 -9.13 -6.86
N ALA A 28 5.52 -8.89 -7.63
CA ALA A 28 5.36 -8.33 -8.96
C ALA A 28 4.89 -9.38 -9.96
N ALA A 29 3.63 -9.29 -10.36
CA ALA A 29 3.06 -10.23 -11.32
C ALA A 29 3.64 -10.03 -12.71
N SER A 30 3.88 -8.77 -13.06
CA SER A 30 4.43 -8.43 -14.37
C SER A 30 5.36 -7.23 -14.28
N PRO A 31 6.21 -7.04 -15.31
CA PRO A 31 7.16 -5.94 -15.37
C PRO A 31 6.47 -4.59 -15.56
N THR A 32 5.15 -4.61 -15.61
CA THR A 32 4.37 -3.39 -15.81
C THR A 32 3.24 -3.30 -14.79
N SER A 33 3.11 -4.33 -13.95
CA SER A 33 2.07 -4.36 -12.93
C SER A 33 2.58 -5.01 -11.65
N ILE A 34 1.79 -4.91 -10.59
CA ILE A 34 2.15 -5.48 -9.31
C ILE A 34 0.93 -5.98 -8.55
N THR A 35 1.03 -7.17 -7.98
CA THR A 35 -0.08 -7.76 -7.23
C THR A 35 0.20 -7.71 -5.73
N VAL A 36 -0.79 -7.25 -4.96
CA VAL A 36 -0.66 -7.15 -3.52
C VAL A 36 -1.79 -7.89 -2.81
N THR A 37 -1.43 -8.75 -1.85
CA THR A 37 -2.41 -9.51 -1.10
C THR A 37 -2.28 -9.26 0.40
N TRP A 38 -3.41 -9.03 1.05
CA TRP A 38 -3.42 -8.78 2.49
C TRP A 38 -4.60 -9.48 3.16
N GLU A 39 -4.56 -9.55 4.48
CA GLU A 39 -5.62 -10.20 5.24
C GLU A 39 -6.34 -9.20 6.15
N THR A 40 -7.50 -9.58 6.66
CA THR A 40 -8.27 -8.72 7.54
C THR A 40 -7.82 -8.87 8.99
N PRO A 41 -7.63 -7.73 9.66
CA PRO A 41 -7.18 -7.70 11.07
C PRO A 41 -8.28 -8.20 12.02
N VAL A 42 -8.00 -9.32 12.68
CA VAL A 42 -8.96 -9.90 13.62
C VAL A 42 -9.38 -8.87 14.67
N SER A 43 -8.43 -8.07 15.11
CA SER A 43 -8.71 -7.04 16.12
C SER A 43 -9.11 -5.73 15.46
N GLY A 44 -10.36 -5.34 15.67
CA GLY A 44 -10.86 -4.10 15.08
C GLY A 44 -12.21 -3.70 15.64
N ASN A 45 -12.58 -2.44 15.46
CA ASN A 45 -13.86 -1.93 15.95
C ASN A 45 -14.88 -1.85 14.82
N GLY A 46 -15.98 -2.58 14.98
CA GLY A 46 -17.03 -2.57 13.98
C GLY A 46 -16.60 -3.26 12.70
N GLU A 47 -17.23 -2.90 11.59
CA GLU A 47 -16.91 -3.50 10.29
C GLU A 47 -16.06 -2.55 9.45
N ILE A 48 -15.24 -3.13 8.57
CA ILE A 48 -14.39 -2.33 7.70
C ILE A 48 -15.17 -1.75 6.53
N GLN A 49 -15.31 -0.43 6.52
CA GLN A 49 -16.04 0.25 5.45
C GLN A 49 -15.39 0.00 4.10
N ASN A 50 -14.10 0.27 4.01
CA ASN A 50 -13.35 0.07 2.77
C ASN A 50 -11.86 -0.08 3.04
N TYR A 51 -11.13 -0.56 2.04
CA TYR A 51 -9.69 -0.75 2.17
C TYR A 51 -8.92 0.21 1.27
N LYS A 52 -8.01 0.97 1.86
CA LYS A 52 -7.20 1.92 1.11
C LYS A 52 -5.83 1.34 0.79
N LEU A 53 -5.50 1.30 -0.50
CA LEU A 53 -4.21 0.78 -0.93
C LEU A 53 -3.35 1.88 -1.56
N TYR A 54 -2.24 2.21 -0.91
CA TYR A 54 -1.35 3.25 -1.39
C TYR A 54 -0.26 2.65 -2.28
N TYR A 55 0.34 3.49 -3.12
CA TYR A 55 1.39 3.04 -4.02
C TYR A 55 2.21 4.21 -4.53
N MET A 56 3.52 4.05 -4.56
CA MET A 56 4.42 5.11 -5.04
C MET A 56 5.74 4.52 -5.52
N GLU A 57 6.48 5.30 -6.30
CA GLU A 57 7.76 4.85 -6.84
C GLU A 57 8.91 5.31 -5.93
N LYS A 58 9.53 4.34 -5.26
CA LYS A 58 10.65 4.63 -4.37
C LYS A 58 11.48 5.80 -4.89
N GLY A 59 11.31 6.96 -4.26
CA GLY A 59 12.05 8.14 -4.67
C GLY A 59 11.16 9.34 -4.91
N THR A 60 9.99 9.09 -5.48
CA THR A 60 9.04 10.16 -5.76
C THR A 60 8.72 10.95 -4.50
N ASP A 61 8.78 10.28 -3.35
CA ASP A 61 8.50 10.92 -2.07
C ASP A 61 7.05 11.37 -2.00
N LYS A 62 6.19 10.70 -2.77
CA LYS A 62 4.77 11.04 -2.80
C LYS A 62 3.93 9.81 -3.14
N GLU A 63 3.07 9.41 -2.20
CA GLU A 63 2.21 8.25 -2.41
C GLU A 63 0.78 8.68 -2.72
N GLN A 64 0.03 7.79 -3.37
CA GLN A 64 -1.35 8.08 -3.73
C GLN A 64 -2.31 7.16 -2.99
N ASP A 65 -3.59 7.26 -3.32
CA ASP A 65 -4.62 6.45 -2.67
C ASP A 65 -5.64 5.96 -3.69
N VAL A 66 -5.91 4.65 -3.67
CA VAL A 66 -6.87 4.06 -4.60
C VAL A 66 -7.90 3.22 -3.85
N ASP A 67 -9.16 3.33 -4.27
CA ASP A 67 -10.24 2.58 -3.64
C ASP A 67 -10.18 1.11 -4.03
N VAL A 68 -10.11 0.24 -3.02
CA VAL A 68 -10.05 -1.20 -3.24
C VAL A 68 -11.08 -1.93 -2.40
N SER A 69 -11.93 -2.71 -3.06
CA SER A 69 -12.96 -3.47 -2.36
C SER A 69 -12.67 -4.97 -2.42
N SER A 70 -11.40 -5.32 -2.34
CA SER A 70 -10.98 -6.72 -2.39
C SER A 70 -9.68 -6.92 -1.62
N HIS A 71 -9.55 -8.10 -1.00
CA HIS A 71 -8.36 -8.43 -0.23
C HIS A 71 -7.11 -8.28 -1.08
N SER A 72 -7.23 -8.55 -2.38
CA SER A 72 -6.11 -8.46 -3.30
C SER A 72 -6.40 -7.45 -4.41
N TYR A 73 -5.35 -6.81 -4.90
CA TYR A 73 -5.48 -5.82 -5.97
C TYR A 73 -4.33 -5.92 -6.96
N THR A 74 -4.56 -5.43 -8.17
CA THR A 74 -3.55 -5.47 -9.23
C THR A 74 -3.35 -4.09 -9.85
N ILE A 75 -2.17 -3.53 -9.64
CA ILE A 75 -1.85 -2.21 -10.19
C ILE A 75 -1.14 -2.33 -11.53
N ASN A 76 -1.72 -1.71 -12.57
CA ASN A 76 -1.14 -1.75 -13.89
C ASN A 76 -0.68 -0.36 -14.33
N GLY A 77 0.25 -0.32 -15.28
CA GLY A 77 0.77 0.94 -15.75
C GLY A 77 1.97 1.43 -14.95
N LEU A 78 3.00 0.59 -14.86
CA LEU A 78 4.20 0.94 -14.11
C LEU A 78 5.45 0.72 -14.96
N LYS A 79 6.58 1.22 -14.48
CA LYS A 79 7.85 1.08 -15.19
C LYS A 79 8.48 -0.28 -14.90
N LYS A 80 9.48 -0.65 -15.71
CA LYS A 80 10.17 -1.91 -15.54
C LYS A 80 11.42 -1.75 -14.67
N TYR A 81 11.74 -2.79 -13.90
CA TYR A 81 12.89 -2.76 -13.02
C TYR A 81 12.87 -1.52 -12.13
N THR A 82 11.70 -1.23 -11.56
CA THR A 82 11.55 -0.08 -10.68
C THR A 82 10.88 -0.47 -9.37
N GLU A 83 11.42 0.04 -8.26
CA GLU A 83 10.88 -0.26 -6.95
C GLU A 83 9.61 0.54 -6.68
N TYR A 84 8.68 -0.06 -5.96
CA TYR A 84 7.42 0.59 -5.63
C TYR A 84 6.97 0.26 -4.22
N SER A 85 6.58 1.28 -3.47
CA SER A 85 6.13 1.10 -2.09
C SER A 85 4.63 0.81 -2.04
N PHE A 86 4.21 0.07 -1.02
CA PHE A 86 2.81 -0.27 -0.85
C PHE A 86 2.44 -0.37 0.64
N ARG A 87 1.26 0.13 0.97
CA ARG A 87 0.80 0.10 2.35
C ARG A 87 -0.73 0.03 2.41
N VAL A 88 -1.25 -0.78 3.32
CA VAL A 88 -2.70 -0.95 3.48
C VAL A 88 -3.18 -0.28 4.76
N VAL A 89 -4.33 0.38 4.67
CA VAL A 89 -4.91 1.04 5.83
C VAL A 89 -6.41 0.77 5.94
N ALA A 90 -6.89 0.64 7.18
CA ALA A 90 -8.31 0.37 7.41
C ALA A 90 -9.07 1.66 7.71
N TYR A 91 -10.09 1.93 6.91
CA TYR A 91 -10.89 3.14 7.08
C TYR A 91 -12.28 2.79 7.62
N ASN A 92 -12.55 3.20 8.85
CA ASN A 92 -13.84 2.94 9.49
C ASN A 92 -14.49 4.23 9.95
N LYS A 93 -15.80 4.18 10.19
CA LYS A 93 -16.55 5.34 10.64
C LYS A 93 -15.70 6.19 11.59
N HIS A 94 -14.97 5.53 12.47
CA HIS A 94 -14.13 6.23 13.44
C HIS A 94 -13.03 7.02 12.72
N GLY A 95 -12.11 6.29 12.09
CA GLY A 95 -11.02 6.94 11.39
C GLY A 95 -10.00 5.95 10.86
N PRO A 96 -9.05 6.44 10.06
CA PRO A 96 -7.99 5.61 9.47
C PRO A 96 -7.00 5.13 10.51
N GLY A 97 -7.30 3.99 11.13
CA GLY A 97 -6.42 3.43 12.14
C GLY A 97 -4.99 3.31 11.66
N VAL A 98 -4.14 2.70 12.47
CA VAL A 98 -2.74 2.52 12.12
C VAL A 98 -2.58 2.09 10.67
N SER A 99 -1.36 2.16 10.16
CA SER A 99 -1.08 1.77 8.79
C SER A 99 0.06 0.76 8.73
N THR A 100 -0.11 -0.26 7.89
CA THR A 100 0.91 -1.31 7.74
C THR A 100 2.24 -0.71 7.28
N PRO A 101 3.34 -1.44 7.53
CA PRO A 101 4.68 -1.01 7.14
C PRO A 101 4.88 -1.04 5.63
N ASP A 102 5.40 0.05 5.08
CA ASP A 102 5.65 0.15 3.65
C ASP A 102 6.21 -1.16 3.10
N VAL A 103 5.74 -1.55 1.93
CA VAL A 103 6.20 -2.79 1.30
C VAL A 103 6.80 -2.51 -0.07
N ALA A 104 8.06 -2.07 -0.08
CA ALA A 104 8.75 -1.77 -1.34
C ALA A 104 9.05 -3.05 -2.11
N VAL A 105 8.83 -3.00 -3.42
CA VAL A 105 9.08 -4.16 -4.28
C VAL A 105 9.53 -3.72 -5.66
N ARG A 106 10.40 -4.51 -6.27
CA ARG A 106 10.91 -4.21 -7.61
C ARG A 106 10.22 -5.05 -8.67
N THR A 107 9.75 -4.39 -9.72
CA THR A 107 9.06 -5.08 -10.80
C THR A 107 10.02 -5.91 -11.63
N LEU A 108 9.48 -6.71 -12.55
CA LEU A 108 10.29 -7.57 -13.40
C LEU A 108 10.98 -6.74 -14.49
N SER A 109 12.20 -7.12 -14.84
CA SER A 109 12.96 -6.42 -15.86
C SER A 109 12.65 -6.98 -17.25
N ASP A 110 12.25 -6.09 -18.15
CA ASP A 110 11.92 -6.50 -19.51
C ASP A 110 13.18 -6.54 -20.39
N SER A 111 14.23 -7.13 -19.85
CA SER A 111 15.50 -7.23 -20.57
C SER A 111 15.74 -8.66 -21.04
N GLY A 112 15.50 -9.62 -20.15
CA GLY A 112 15.70 -11.02 -20.48
C GLY A 112 14.94 -11.42 -21.74
N PRO A 113 15.64 -12.12 -22.65
CA PRO A 113 15.05 -12.58 -23.91
C PRO A 113 14.02 -13.70 -23.70
N SER A 114 13.22 -13.96 -24.73
CA SER A 114 12.20 -15.00 -24.65
C SER A 114 12.83 -16.36 -24.37
N SER A 115 13.99 -16.60 -24.97
CA SER A 115 14.69 -17.86 -24.78
C SER A 115 15.36 -17.92 -23.41
N GLY A 116 16.29 -17.01 -23.16
CA GLY A 116 16.98 -16.98 -21.89
C GLY A 116 16.14 -16.36 -20.79
N GLY A 1 -16.34 12.95 -15.55
CA GLY A 1 -16.27 13.89 -14.45
C GLY A 1 -15.20 13.54 -13.44
N SER A 2 -15.21 14.21 -12.29
CA SER A 2 -14.22 13.96 -11.25
C SER A 2 -14.79 14.28 -9.88
N SER A 3 -14.23 13.65 -8.84
CA SER A 3 -14.68 13.87 -7.48
C SER A 3 -13.65 14.62 -6.67
N GLY A 4 -13.99 14.96 -5.43
CA GLY A 4 -13.07 15.69 -4.58
C GLY A 4 -13.52 15.72 -3.13
N SER A 5 -12.76 16.41 -2.29
CA SER A 5 -13.09 16.51 -0.87
C SER A 5 -12.43 17.75 -0.26
N SER A 6 -13.03 18.26 0.81
CA SER A 6 -12.51 19.43 1.49
C SER A 6 -13.18 19.62 2.86
N GLY A 7 -12.69 20.58 3.63
CA GLY A 7 -13.25 20.85 4.94
C GLY A 7 -12.20 20.82 6.04
N ARG A 8 -11.42 21.89 6.13
CA ARG A 8 -10.37 21.99 7.14
C ARG A 8 -10.97 22.14 8.53
N VAL A 9 -11.27 21.02 9.16
CA VAL A 9 -11.85 21.02 10.51
C VAL A 9 -10.93 20.31 11.49
N GLU A 10 -10.64 20.99 12.62
CA GLU A 10 -9.78 20.42 13.64
C GLU A 10 -10.39 19.15 14.23
N THR A 11 -10.11 18.02 13.59
CA THR A 11 -10.63 16.74 14.04
C THR A 11 -9.50 15.74 14.29
N GLN A 12 -8.94 15.77 15.50
CA GLN A 12 -7.86 14.87 15.85
C GLN A 12 -8.30 13.40 15.74
N PRO A 13 -7.34 12.51 15.45
CA PRO A 13 -7.60 11.08 15.32
C PRO A 13 -7.94 10.43 16.65
N GLU A 14 -8.55 9.25 16.59
CA GLU A 14 -8.93 8.51 17.80
C GLU A 14 -7.92 7.41 18.10
N VAL A 15 -8.20 6.63 19.13
CA VAL A 15 -7.33 5.53 19.53
C VAL A 15 -8.00 4.18 19.31
N GLN A 16 -9.32 4.19 19.21
CA GLN A 16 -10.08 2.97 19.00
C GLN A 16 -10.13 2.61 17.52
N LEU A 17 -9.02 2.80 16.83
CA LEU A 17 -8.94 2.49 15.40
C LEU A 17 -8.61 1.02 15.18
N PRO A 18 -8.88 0.53 13.96
CA PRO A 18 -8.62 -0.87 13.60
C PRO A 18 -7.13 -1.16 13.49
N GLY A 19 -6.76 -2.43 13.68
CA GLY A 19 -5.37 -2.83 13.60
C GLY A 19 -4.87 -2.91 12.17
N PRO A 20 -3.54 -3.00 12.01
CA PRO A 20 -2.91 -3.10 10.69
C PRO A 20 -3.19 -4.43 10.01
N ALA A 21 -3.53 -4.37 8.73
CA ALA A 21 -3.83 -5.57 7.96
C ALA A 21 -2.64 -6.53 7.96
N PRO A 22 -2.80 -7.66 8.66
CA PRO A 22 -1.74 -8.68 8.76
C PRO A 22 -1.52 -9.41 7.45
N ASN A 23 -0.60 -10.38 7.46
CA ASN A 23 -0.29 -11.15 6.27
C ASN A 23 -0.16 -10.23 5.04
N LEU A 24 0.50 -9.11 5.23
CA LEU A 24 0.70 -8.15 4.14
C LEU A 24 1.79 -8.63 3.19
N ARG A 25 1.38 -9.15 2.04
CA ARG A 25 2.32 -9.64 1.04
C ARG A 25 2.29 -8.77 -0.21
N ALA A 26 3.33 -8.89 -1.03
CA ALA A 26 3.42 -8.11 -2.26
C ALA A 26 4.41 -8.75 -3.24
N TYR A 27 3.94 -8.97 -4.47
CA TYR A 27 4.79 -9.57 -5.49
C TYR A 27 4.49 -8.97 -6.86
N ALA A 28 5.52 -8.91 -7.71
CA ALA A 28 5.36 -8.35 -9.05
C ALA A 28 4.97 -9.45 -10.04
N ALA A 29 3.73 -9.38 -10.52
CA ALA A 29 3.22 -10.36 -11.47
C ALA A 29 3.78 -10.09 -12.87
N SER A 30 3.88 -8.81 -13.22
CA SER A 30 4.38 -8.42 -14.54
C SER A 30 5.32 -7.22 -14.42
N PRO A 31 6.19 -7.04 -15.43
CA PRO A 31 7.15 -5.94 -15.47
C PRO A 31 6.48 -4.59 -15.67
N THR A 32 5.15 -4.59 -15.70
CA THR A 32 4.38 -3.37 -15.90
C THR A 32 3.26 -3.25 -14.89
N SER A 33 3.11 -4.27 -14.05
CA SER A 33 2.07 -4.30 -13.03
C SER A 33 2.61 -4.86 -11.71
N ILE A 34 1.76 -4.86 -10.69
CA ILE A 34 2.15 -5.37 -9.38
C ILE A 34 0.93 -5.80 -8.58
N THR A 35 0.98 -7.02 -8.05
CA THR A 35 -0.12 -7.56 -7.25
C THR A 35 0.20 -7.50 -5.77
N VAL A 36 -0.80 -7.15 -4.96
CA VAL A 36 -0.62 -7.07 -3.52
C VAL A 36 -1.77 -7.77 -2.78
N THR A 37 -1.41 -8.61 -1.82
CA THR A 37 -2.40 -9.34 -1.05
C THR A 37 -2.25 -9.08 0.45
N TRP A 38 -3.34 -8.73 1.10
CA TRP A 38 -3.33 -8.45 2.53
C TRP A 38 -4.48 -9.14 3.24
N GLU A 39 -4.38 -9.25 4.57
CA GLU A 39 -5.42 -9.90 5.36
C GLU A 39 -6.10 -8.89 6.29
N THR A 40 -7.24 -9.28 6.84
CA THR A 40 -7.99 -8.41 7.74
C THR A 40 -7.49 -8.55 9.17
N PRO A 41 -7.37 -7.42 9.87
CA PRO A 41 -6.90 -7.40 11.26
C PRO A 41 -7.92 -8.00 12.23
N VAL A 42 -7.48 -8.99 12.99
CA VAL A 42 -8.37 -9.64 13.95
C VAL A 42 -8.72 -8.71 15.11
N SER A 43 -7.81 -7.79 15.40
CA SER A 43 -8.02 -6.83 16.49
C SER A 43 -8.64 -5.54 15.96
N GLY A 44 -9.13 -4.71 16.87
CA GLY A 44 -9.75 -3.45 16.48
C GLY A 44 -11.13 -3.27 17.07
N ASN A 45 -11.83 -2.24 16.62
CA ASN A 45 -13.17 -1.95 17.12
C ASN A 45 -14.16 -1.79 15.96
N GLY A 46 -15.01 -2.79 15.76
CA GLY A 46 -15.98 -2.74 14.69
C GLY A 46 -15.48 -3.38 13.42
N GLU A 47 -16.38 -3.60 12.47
CA GLU A 47 -16.02 -4.21 11.19
C GLU A 47 -15.57 -3.15 10.18
N ILE A 48 -14.78 -3.58 9.21
CA ILE A 48 -14.29 -2.67 8.18
C ILE A 48 -15.31 -2.48 7.06
N GLN A 49 -15.22 -1.37 6.35
CA GLN A 49 -16.13 -1.07 5.26
C GLN A 49 -15.38 -0.94 3.94
N ASN A 50 -14.20 -0.34 3.99
CA ASN A 50 -13.39 -0.15 2.80
C ASN A 50 -11.90 -0.30 3.12
N TYR A 51 -11.10 -0.56 2.10
CA TYR A 51 -9.66 -0.73 2.28
C TYR A 51 -8.88 0.18 1.33
N LYS A 52 -8.12 1.10 1.91
CA LYS A 52 -7.32 2.04 1.13
C LYS A 52 -5.93 1.47 0.85
N LEU A 53 -5.51 1.54 -0.40
CA LEU A 53 -4.19 1.04 -0.80
C LEU A 53 -3.35 2.15 -1.42
N TYR A 54 -2.16 2.35 -0.86
CA TYR A 54 -1.25 3.38 -1.37
C TYR A 54 -0.13 2.77 -2.20
N TYR A 55 0.33 3.51 -3.20
CA TYR A 55 1.39 3.04 -4.07
C TYR A 55 2.21 4.21 -4.62
N MET A 56 3.53 4.09 -4.56
CA MET A 56 4.42 5.13 -5.06
C MET A 56 5.79 4.56 -5.39
N GLU A 57 6.56 5.31 -6.18
CA GLU A 57 7.89 4.88 -6.58
C GLU A 57 8.91 5.19 -5.49
N LYS A 58 9.80 4.23 -5.23
CA LYS A 58 10.83 4.40 -4.21
C LYS A 58 11.73 5.59 -4.54
N GLY A 59 11.50 6.71 -3.85
CA GLY A 59 12.29 7.90 -4.09
C GLY A 59 11.56 8.93 -4.92
N THR A 60 10.28 9.13 -4.62
CA THR A 60 9.47 10.10 -5.36
C THR A 60 8.84 11.13 -4.42
N ASP A 61 8.47 10.67 -3.22
CA ASP A 61 7.87 11.55 -2.23
C ASP A 61 6.45 11.93 -2.63
N LYS A 62 5.80 11.06 -3.40
CA LYS A 62 4.44 11.30 -3.86
C LYS A 62 3.58 10.06 -3.68
N GLU A 63 3.07 9.86 -2.47
CA GLU A 63 2.22 8.70 -2.17
C GLU A 63 0.84 8.87 -2.80
N GLN A 64 0.22 7.74 -3.14
CA GLN A 64 -1.10 7.76 -3.74
C GLN A 64 -2.09 6.93 -2.91
N ASP A 65 -3.34 6.87 -3.38
CA ASP A 65 -4.38 6.12 -2.68
C ASP A 65 -5.45 5.66 -3.66
N VAL A 66 -5.79 4.38 -3.60
CA VAL A 66 -6.81 3.81 -4.47
C VAL A 66 -7.88 3.06 -3.67
N ASP A 67 -9.14 3.34 -3.99
CA ASP A 67 -10.25 2.69 -3.30
C ASP A 67 -10.46 1.27 -3.80
N VAL A 68 -10.28 0.30 -2.92
CA VAL A 68 -10.45 -1.10 -3.27
C VAL A 68 -11.48 -1.78 -2.36
N SER A 69 -12.22 -2.72 -2.93
CA SER A 69 -13.24 -3.45 -2.17
C SER A 69 -12.75 -4.85 -1.81
N SER A 70 -12.01 -5.46 -2.72
CA SER A 70 -11.49 -6.80 -2.50
C SER A 70 -10.23 -6.76 -1.63
N HIS A 71 -9.76 -7.94 -1.23
CA HIS A 71 -8.56 -8.03 -0.39
C HIS A 71 -7.30 -7.89 -1.23
N SER A 72 -7.35 -8.40 -2.47
CA SER A 72 -6.21 -8.33 -3.37
C SER A 72 -6.49 -7.39 -4.54
N TYR A 73 -5.48 -6.66 -4.98
CA TYR A 73 -5.61 -5.72 -6.08
C TYR A 73 -4.40 -5.79 -7.00
N THR A 74 -4.63 -5.51 -8.28
CA THR A 74 -3.55 -5.53 -9.27
C THR A 74 -3.34 -4.15 -9.88
N ILE A 75 -2.16 -3.58 -9.66
CA ILE A 75 -1.84 -2.27 -10.19
C ILE A 75 -1.07 -2.38 -11.51
N ASN A 76 -1.66 -1.85 -12.58
CA ASN A 76 -1.04 -1.89 -13.90
C ASN A 76 -0.49 -0.52 -14.29
N GLY A 77 0.24 -0.47 -15.39
CA GLY A 77 0.81 0.78 -15.85
C GLY A 77 2.00 1.22 -15.02
N LEU A 78 3.01 0.35 -14.95
CA LEU A 78 4.21 0.65 -14.18
C LEU A 78 5.47 0.40 -15.02
N LYS A 79 6.58 0.97 -14.58
CA LYS A 79 7.85 0.82 -15.28
C LYS A 79 8.45 -0.56 -15.03
N LYS A 80 9.51 -0.89 -15.76
CA LYS A 80 10.17 -2.18 -15.60
C LYS A 80 11.41 -2.04 -14.70
N TYR A 81 11.63 -3.06 -13.88
CA TYR A 81 12.77 -3.05 -12.96
C TYR A 81 12.77 -1.82 -12.08
N THR A 82 11.58 -1.48 -11.56
CA THR A 82 11.44 -0.32 -10.70
C THR A 82 10.76 -0.69 -9.38
N GLU A 83 11.30 -0.17 -8.28
CA GLU A 83 10.76 -0.45 -6.96
C GLU A 83 9.52 0.39 -6.69
N TYR A 84 8.56 -0.19 -5.97
CA TYR A 84 7.32 0.52 -5.66
C TYR A 84 6.87 0.20 -4.23
N SER A 85 6.57 1.25 -3.46
CA SER A 85 6.13 1.09 -2.08
C SER A 85 4.63 0.81 -2.02
N PHE A 86 4.21 0.07 -1.00
CA PHE A 86 2.81 -0.27 -0.82
C PHE A 86 2.45 -0.36 0.66
N ARG A 87 1.27 0.14 1.01
CA ARG A 87 0.81 0.11 2.39
C ARG A 87 -0.71 0.05 2.46
N VAL A 88 -1.22 -0.86 3.29
CA VAL A 88 -2.66 -1.01 3.46
C VAL A 88 -3.16 -0.33 4.72
N VAL A 89 -4.20 0.48 4.56
CA VAL A 89 -4.77 1.21 5.69
C VAL A 89 -6.23 0.81 5.92
N ALA A 90 -6.60 0.63 7.19
CA ALA A 90 -7.96 0.25 7.53
C ALA A 90 -8.85 1.48 7.68
N TYR A 91 -9.96 1.50 6.94
CA TYR A 91 -10.89 2.61 6.99
C TYR A 91 -12.28 2.15 7.41
N ASN A 92 -12.67 2.50 8.63
CA ASN A 92 -13.98 2.11 9.15
C ASN A 92 -14.83 3.35 9.46
N LYS A 93 -16.10 3.11 9.76
CA LYS A 93 -17.02 4.20 10.07
C LYS A 93 -16.36 5.24 10.97
N HIS A 94 -15.59 4.76 11.96
CA HIS A 94 -14.90 5.64 12.89
C HIS A 94 -13.89 6.52 12.16
N GLY A 95 -12.82 5.90 11.68
CA GLY A 95 -11.79 6.63 10.97
C GLY A 95 -10.62 5.76 10.57
N PRO A 96 -9.61 6.37 9.93
CA PRO A 96 -8.40 5.67 9.49
C PRO A 96 -7.53 5.22 10.65
N GLY A 97 -7.22 3.92 10.70
CA GLY A 97 -6.39 3.40 11.77
C GLY A 97 -4.92 3.36 11.39
N VAL A 98 -4.13 2.68 12.21
CA VAL A 98 -2.69 2.55 11.96
C VAL A 98 -2.42 2.28 10.49
N SER A 99 -1.15 2.41 10.10
CA SER A 99 -0.75 2.15 8.71
C SER A 99 0.37 1.13 8.64
N THR A 100 0.15 0.06 7.88
CA THR A 100 1.15 -0.99 7.74
C THR A 100 2.48 -0.43 7.26
N PRO A 101 3.56 -1.16 7.52
CA PRO A 101 4.92 -0.75 7.12
C PRO A 101 5.12 -0.82 5.61
N ASP A 102 5.65 0.25 5.04
CA ASP A 102 5.89 0.32 3.60
C ASP A 102 6.40 -1.03 3.09
N VAL A 103 5.82 -1.48 1.97
CA VAL A 103 6.22 -2.75 1.37
C VAL A 103 6.77 -2.54 -0.04
N ALA A 104 8.02 -2.09 -0.11
CA ALA A 104 8.67 -1.86 -1.40
C ALA A 104 8.95 -3.17 -2.12
N VAL A 105 8.73 -3.17 -3.44
CA VAL A 105 8.96 -4.37 -4.25
C VAL A 105 9.47 -4.00 -5.63
N ARG A 106 10.40 -4.80 -6.15
CA ARG A 106 10.97 -4.57 -7.47
C ARG A 106 10.17 -5.29 -8.55
N THR A 107 9.72 -4.54 -9.55
CA THR A 107 8.94 -5.11 -10.64
C THR A 107 9.83 -5.93 -11.57
N LEU A 108 9.23 -6.90 -12.26
CA LEU A 108 9.95 -7.75 -13.18
C LEU A 108 10.67 -6.92 -14.25
N SER A 109 11.87 -7.34 -14.62
CA SER A 109 12.66 -6.63 -15.62
C SER A 109 12.37 -7.18 -17.02
N ASP A 110 12.15 -6.28 -17.96
CA ASP A 110 11.86 -6.66 -19.34
C ASP A 110 13.15 -6.93 -20.11
N SER A 111 14.07 -7.68 -19.49
CA SER A 111 15.34 -8.00 -20.11
C SER A 111 15.30 -9.37 -20.78
N GLY A 112 15.10 -9.39 -22.09
CA GLY A 112 15.03 -10.63 -22.82
C GLY A 112 16.23 -10.83 -23.74
N PRO A 113 15.98 -11.44 -24.91
CA PRO A 113 17.03 -11.70 -25.89
C PRO A 113 17.54 -10.42 -26.55
N SER A 114 18.86 -10.31 -26.68
CA SER A 114 19.47 -9.14 -27.29
C SER A 114 20.67 -9.53 -28.14
N SER A 115 20.90 -8.80 -29.22
CA SER A 115 22.01 -9.07 -30.12
C SER A 115 23.32 -8.54 -29.55
N GLY A 116 24.02 -9.39 -28.79
CA GLY A 116 25.27 -8.98 -28.19
C GLY A 116 25.23 -7.58 -27.63
N GLY A 1 21.12 18.07 -5.60
CA GLY A 1 20.54 18.87 -4.54
C GLY A 1 20.28 18.06 -3.28
N SER A 2 20.23 18.75 -2.14
CA SER A 2 19.99 18.09 -0.86
C SER A 2 18.65 18.52 -0.26
N SER A 3 18.49 19.84 -0.08
CA SER A 3 17.27 20.39 0.48
C SER A 3 17.05 19.87 1.90
N GLY A 4 18.13 19.81 2.68
CA GLY A 4 18.03 19.34 4.05
C GLY A 4 16.78 19.84 4.75
N SER A 5 15.81 18.96 4.92
CA SER A 5 14.56 19.32 5.57
C SER A 5 13.68 18.10 5.79
N SER A 6 12.98 18.07 6.92
CA SER A 6 12.10 16.95 7.25
C SER A 6 10.81 17.01 6.43
N GLY A 7 10.01 18.04 6.68
CA GLY A 7 8.76 18.18 5.96
C GLY A 7 7.57 17.66 6.75
N ARG A 8 6.94 16.62 6.23
CA ARG A 8 5.77 16.03 6.88
C ARG A 8 5.95 16.06 8.41
N VAL A 9 4.82 16.08 9.12
CA VAL A 9 4.84 16.11 10.57
C VAL A 9 4.15 14.88 11.16
N GLU A 10 4.19 14.75 12.48
CA GLU A 10 3.58 13.62 13.17
C GLU A 10 2.21 14.00 13.71
N THR A 11 1.43 12.99 14.09
CA THR A 11 0.10 13.21 14.64
C THR A 11 -0.33 12.07 15.55
N GLN A 12 -1.18 12.37 16.51
CA GLN A 12 -1.67 11.37 17.46
C GLN A 12 -3.06 10.89 17.07
N PRO A 13 -3.16 9.62 16.63
CA PRO A 13 -4.43 9.02 16.23
C PRO A 13 -5.36 8.78 17.40
N GLU A 14 -6.52 8.18 17.13
CA GLU A 14 -7.50 7.90 18.17
C GLU A 14 -7.27 6.52 18.78
N VAL A 15 -8.17 6.11 19.66
CA VAL A 15 -8.07 4.82 20.32
C VAL A 15 -9.05 3.81 19.72
N GLN A 16 -10.22 4.31 19.32
CA GLN A 16 -11.25 3.46 18.73
C GLN A 16 -11.03 3.31 17.24
N LEU A 17 -9.89 2.72 16.86
CA LEU A 17 -9.55 2.52 15.46
C LEU A 17 -9.20 1.06 15.19
N PRO A 18 -9.26 0.66 13.91
CA PRO A 18 -8.94 -0.70 13.50
C PRO A 18 -7.46 -1.02 13.63
N GLY A 19 -7.08 -2.25 13.26
CA GLY A 19 -5.68 -2.65 13.35
C GLY A 19 -5.05 -2.82 11.98
N PRO A 20 -3.72 -2.97 11.97
CA PRO A 20 -2.95 -3.14 10.73
C PRO A 20 -3.20 -4.49 10.08
N ALA A 21 -3.45 -4.48 8.77
CA ALA A 21 -3.70 -5.70 8.03
C ALA A 21 -2.50 -6.64 8.09
N PRO A 22 -2.67 -7.78 8.78
CA PRO A 22 -1.61 -8.78 8.92
C PRO A 22 -1.31 -9.50 7.60
N ASN A 23 -0.44 -10.50 7.67
CA ASN A 23 -0.06 -11.28 6.49
C ASN A 23 -0.04 -10.39 5.25
N LEU A 24 0.67 -9.27 5.35
CA LEU A 24 0.78 -8.33 4.23
C LEU A 24 1.84 -8.79 3.25
N ARG A 25 1.40 -9.29 2.10
CA ARG A 25 2.33 -9.75 1.07
C ARG A 25 2.27 -8.85 -0.17
N ALA A 26 3.29 -8.94 -1.01
CA ALA A 26 3.36 -8.13 -2.22
C ALA A 26 4.34 -8.73 -3.21
N TYR A 27 3.87 -8.94 -4.44
CA TYR A 27 4.71 -9.52 -5.49
C TYR A 27 4.37 -8.91 -6.85
N ALA A 28 5.38 -8.75 -7.70
CA ALA A 28 5.18 -8.19 -9.02
C ALA A 28 4.82 -9.28 -10.03
N ALA A 29 3.56 -9.29 -10.46
CA ALA A 29 3.09 -10.27 -11.41
C ALA A 29 3.65 -9.99 -12.80
N SER A 30 3.80 -8.71 -13.13
CA SER A 30 4.32 -8.31 -14.44
C SER A 30 5.30 -7.16 -14.29
N PRO A 31 6.13 -6.96 -15.33
CA PRO A 31 7.14 -5.89 -15.34
C PRO A 31 6.52 -4.51 -15.46
N THR A 32 5.19 -4.47 -15.57
CA THR A 32 4.47 -3.22 -15.69
C THR A 32 3.37 -3.11 -14.64
N SER A 33 3.02 -4.24 -14.05
CA SER A 33 1.98 -4.27 -13.01
C SER A 33 2.46 -5.01 -11.78
N ILE A 34 1.69 -4.92 -10.70
CA ILE A 34 2.04 -5.59 -9.46
C ILE A 34 0.79 -6.11 -8.73
N THR A 35 0.94 -7.20 -8.02
CA THR A 35 -0.17 -7.80 -7.28
C THR A 35 0.09 -7.80 -5.78
N VAL A 36 -0.73 -7.08 -5.04
CA VAL A 36 -0.58 -7.00 -3.58
C VAL A 36 -1.74 -7.70 -2.87
N THR A 37 -1.41 -8.49 -1.86
CA THR A 37 -2.42 -9.22 -1.10
C THR A 37 -2.21 -9.06 0.40
N TRP A 38 -3.27 -8.70 1.11
CA TRP A 38 -3.19 -8.50 2.55
C TRP A 38 -4.30 -9.28 3.26
N GLU A 39 -4.20 -9.37 4.59
CA GLU A 39 -5.19 -10.08 5.38
C GLU A 39 -5.93 -9.13 6.31
N THR A 40 -7.06 -9.58 6.85
CA THR A 40 -7.86 -8.76 7.76
C THR A 40 -7.36 -8.90 9.19
N PRO A 41 -7.17 -7.75 9.87
CA PRO A 41 -6.69 -7.72 11.26
C PRO A 41 -7.74 -8.23 12.23
N VAL A 42 -7.51 -9.41 12.78
CA VAL A 42 -8.43 -10.00 13.74
C VAL A 42 -8.82 -9.01 14.83
N SER A 43 -7.98 -7.98 15.02
CA SER A 43 -8.24 -6.97 16.02
C SER A 43 -9.07 -5.82 15.44
N GLY A 44 -9.74 -5.08 16.32
CA GLY A 44 -10.56 -3.97 15.89
C GLY A 44 -11.85 -3.86 16.68
N ASN A 45 -12.44 -2.68 16.67
CA ASN A 45 -13.69 -2.44 17.39
C ASN A 45 -14.87 -2.38 16.43
N GLY A 46 -14.70 -1.67 15.32
CA GLY A 46 -15.77 -1.55 14.34
C GLY A 46 -15.55 -2.46 13.14
N GLU A 47 -16.46 -2.38 12.17
CA GLU A 47 -16.37 -3.20 10.97
C GLU A 47 -15.68 -2.44 9.85
N ILE A 48 -14.79 -3.12 9.13
CA ILE A 48 -14.07 -2.50 8.02
C ILE A 48 -15.01 -2.18 6.87
N GLN A 49 -15.21 -0.89 6.60
CA GLN A 49 -16.08 -0.45 5.53
C GLN A 49 -15.38 -0.56 4.17
N ASN A 50 -14.20 0.07 4.08
CA ASN A 50 -13.42 0.04 2.85
C ASN A 50 -11.93 -0.07 3.14
N TYR A 51 -11.18 -0.61 2.19
CA TYR A 51 -9.75 -0.78 2.36
C TYR A 51 -8.98 0.20 1.47
N LYS A 52 -7.92 0.79 2.03
CA LYS A 52 -7.10 1.75 1.29
C LYS A 52 -5.75 1.15 0.93
N LEU A 53 -5.33 1.35 -0.30
CA LEU A 53 -4.04 0.83 -0.77
C LEU A 53 -3.24 1.91 -1.49
N TYR A 54 -2.10 2.27 -0.92
CA TYR A 54 -1.24 3.29 -1.50
C TYR A 54 -0.14 2.66 -2.35
N TYR A 55 0.42 3.45 -3.27
CA TYR A 55 1.47 2.96 -4.14
C TYR A 55 2.26 4.13 -4.73
N MET A 56 3.60 4.02 -4.67
CA MET A 56 4.46 5.06 -5.20
C MET A 56 5.85 4.51 -5.51
N GLU A 57 6.61 5.24 -6.32
CA GLU A 57 7.96 4.82 -6.69
C GLU A 57 8.96 5.20 -5.60
N LYS A 58 9.83 4.25 -5.24
CA LYS A 58 10.83 4.48 -4.22
C LYS A 58 11.77 5.61 -4.62
N GLY A 59 11.52 6.80 -4.09
CA GLY A 59 12.36 7.95 -4.41
C GLY A 59 11.60 9.00 -5.20
N THR A 60 10.36 9.28 -4.79
CA THR A 60 9.54 10.27 -5.47
C THR A 60 8.90 11.23 -4.47
N ASP A 61 8.59 10.73 -3.28
CA ASP A 61 7.98 11.53 -2.25
C ASP A 61 6.57 11.93 -2.63
N LYS A 62 5.93 11.12 -3.47
CA LYS A 62 4.57 11.38 -3.92
C LYS A 62 3.69 10.15 -3.75
N GLU A 63 3.30 9.86 -2.52
CA GLU A 63 2.46 8.71 -2.22
C GLU A 63 1.08 8.87 -2.87
N GLN A 64 0.47 7.74 -3.24
CA GLN A 64 -0.84 7.75 -3.86
C GLN A 64 -1.84 6.93 -3.04
N ASP A 65 -3.09 6.96 -3.47
CA ASP A 65 -4.15 6.22 -2.78
C ASP A 65 -5.22 5.76 -3.76
N VAL A 66 -5.58 4.49 -3.68
CA VAL A 66 -6.60 3.93 -4.56
C VAL A 66 -7.67 3.19 -3.77
N ASP A 67 -8.92 3.33 -4.19
CA ASP A 67 -10.04 2.69 -3.52
C ASP A 67 -10.21 1.25 -4.01
N VAL A 68 -10.03 0.29 -3.10
CA VAL A 68 -10.16 -1.12 -3.44
C VAL A 68 -11.29 -1.77 -2.65
N SER A 69 -11.89 -2.81 -3.23
CA SER A 69 -12.98 -3.52 -2.57
C SER A 69 -12.53 -4.89 -2.09
N SER A 70 -11.67 -5.53 -2.86
CA SER A 70 -11.16 -6.85 -2.51
C SER A 70 -9.81 -6.74 -1.80
N HIS A 71 -9.49 -7.75 -1.00
CA HIS A 71 -8.23 -7.77 -0.27
C HIS A 71 -7.04 -7.74 -1.24
N SER A 72 -7.17 -8.46 -2.35
CA SER A 72 -6.11 -8.53 -3.34
C SER A 72 -6.43 -7.64 -4.55
N TYR A 73 -5.54 -6.71 -4.85
CA TYR A 73 -5.73 -5.80 -5.97
C TYR A 73 -4.57 -5.88 -6.95
N THR A 74 -4.80 -5.43 -8.18
CA THR A 74 -3.77 -5.46 -9.20
C THR A 74 -3.53 -4.06 -9.77
N ILE A 75 -2.32 -3.55 -9.55
CA ILE A 75 -1.96 -2.21 -10.03
C ILE A 75 -1.23 -2.31 -11.36
N ASN A 76 -1.85 -1.77 -12.41
CA ASN A 76 -1.27 -1.78 -13.74
C ASN A 76 -0.81 -0.39 -14.15
N GLY A 77 0.22 -0.32 -14.99
CA GLY A 77 0.74 0.94 -15.44
C GLY A 77 1.88 1.45 -14.58
N LEU A 78 2.92 0.64 -14.44
CA LEU A 78 4.08 1.01 -13.63
C LEU A 78 5.36 0.94 -14.45
N LYS A 79 6.46 1.37 -13.85
CA LYS A 79 7.76 1.35 -14.53
C LYS A 79 8.38 -0.04 -14.48
N LYS A 80 9.24 -0.34 -15.45
CA LYS A 80 9.90 -1.63 -15.50
C LYS A 80 11.13 -1.65 -14.59
N TYR A 81 11.40 -2.80 -13.99
CA TYR A 81 12.54 -2.95 -13.10
C TYR A 81 12.69 -1.74 -12.19
N THR A 82 11.57 -1.30 -11.62
CA THR A 82 11.58 -0.15 -10.73
C THR A 82 10.91 -0.47 -9.40
N GLU A 83 11.52 -0.03 -8.31
CA GLU A 83 10.98 -0.27 -6.97
C GLU A 83 9.71 0.54 -6.74
N TYR A 84 8.81 -0.01 -5.93
CA TYR A 84 7.54 0.66 -5.64
C TYR A 84 7.06 0.30 -4.24
N SER A 85 6.72 1.32 -3.45
CA SER A 85 6.24 1.11 -2.09
C SER A 85 4.75 0.77 -2.08
N PHE A 86 4.31 0.09 -1.04
CA PHE A 86 2.90 -0.30 -0.91
C PHE A 86 2.50 -0.40 0.56
N ARG A 87 1.27 0.03 0.86
CA ARG A 87 0.76 -0.01 2.22
C ARG A 87 -0.75 -0.18 2.23
N VAL A 88 -1.28 -0.61 3.37
CA VAL A 88 -2.73 -0.81 3.51
C VAL A 88 -3.25 -0.15 4.78
N VAL A 89 -4.34 0.59 4.65
CA VAL A 89 -4.95 1.27 5.78
C VAL A 89 -6.41 0.85 5.96
N ALA A 90 -6.80 0.60 7.22
CA ALA A 90 -8.16 0.19 7.52
C ALA A 90 -9.06 1.41 7.74
N TYR A 91 -10.16 1.46 7.01
CA TYR A 91 -11.10 2.56 7.11
C TYR A 91 -12.46 2.09 7.61
N ASN A 92 -12.77 2.39 8.86
CA ASN A 92 -14.04 1.99 9.47
C ASN A 92 -14.86 3.22 9.88
N LYS A 93 -16.06 2.97 10.38
CA LYS A 93 -16.94 4.05 10.82
C LYS A 93 -16.17 5.07 11.65
N HIS A 94 -15.43 4.59 12.64
CA HIS A 94 -14.65 5.46 13.50
C HIS A 94 -13.71 6.34 12.69
N GLY A 95 -12.75 5.71 12.01
CA GLY A 95 -11.80 6.46 11.21
C GLY A 95 -10.61 5.62 10.78
N PRO A 96 -9.68 6.24 10.04
CA PRO A 96 -8.47 5.56 9.56
C PRO A 96 -7.50 5.24 10.68
N GLY A 97 -7.36 3.96 11.01
CA GLY A 97 -6.46 3.56 12.07
C GLY A 97 -5.02 3.49 11.61
N VAL A 98 -4.18 2.82 12.39
CA VAL A 98 -2.76 2.69 12.05
C VAL A 98 -2.58 2.30 10.59
N SER A 99 -1.34 2.37 10.12
CA SER A 99 -1.03 2.03 8.74
C SER A 99 0.09 0.99 8.67
N THR A 100 -0.12 -0.06 7.89
CA THR A 100 0.87 -1.12 7.74
C THR A 100 2.19 -0.56 7.23
N PRO A 101 3.28 -1.31 7.49
CA PRO A 101 4.63 -0.91 7.05
C PRO A 101 4.80 -0.98 5.55
N ASP A 102 5.34 0.08 4.96
CA ASP A 102 5.56 0.14 3.52
C ASP A 102 6.17 -1.16 3.02
N VAL A 103 5.79 -1.55 1.79
CA VAL A 103 6.31 -2.78 1.19
C VAL A 103 6.93 -2.50 -0.18
N ALA A 104 8.16 -1.98 -0.17
CA ALA A 104 8.85 -1.68 -1.42
C ALA A 104 9.22 -2.95 -2.16
N VAL A 105 8.81 -3.03 -3.43
CA VAL A 105 9.10 -4.20 -4.26
C VAL A 105 9.54 -3.78 -5.66
N ARG A 106 10.43 -4.56 -6.26
CA ARG A 106 10.93 -4.27 -7.59
C ARG A 106 10.24 -5.16 -8.63
N THR A 107 9.61 -4.52 -9.62
CA THR A 107 8.91 -5.24 -10.67
C THR A 107 9.88 -6.10 -11.48
N LEU A 108 9.33 -6.88 -12.40
CA LEU A 108 10.13 -7.75 -13.25
C LEU A 108 10.86 -6.95 -14.32
N SER A 109 12.02 -7.45 -14.75
CA SER A 109 12.81 -6.77 -15.77
C SER A 109 12.43 -7.27 -17.16
N ASP A 110 12.27 -6.34 -18.10
CA ASP A 110 11.90 -6.68 -19.46
C ASP A 110 13.10 -6.53 -20.40
N SER A 111 13.69 -5.33 -20.40
CA SER A 111 14.84 -5.06 -21.25
C SER A 111 16.14 -5.46 -20.56
N GLY A 112 16.99 -6.18 -21.29
CA GLY A 112 18.26 -6.61 -20.73
C GLY A 112 18.86 -5.60 -19.79
N PRO A 113 19.56 -6.08 -18.75
CA PRO A 113 20.21 -5.21 -17.75
C PRO A 113 21.41 -4.47 -18.33
N SER A 114 21.38 -3.14 -18.20
CA SER A 114 22.46 -2.30 -18.71
C SER A 114 23.04 -2.89 -20.00
N SER A 115 22.16 -3.35 -20.87
CA SER A 115 22.58 -3.94 -22.15
C SER A 115 23.53 -3.00 -22.89
N GLY A 116 24.68 -3.53 -23.27
CA GLY A 116 25.66 -2.73 -23.99
C GLY A 116 26.49 -1.86 -23.06
N GLY A 1 -1.47 23.59 -8.97
CA GLY A 1 -0.48 23.87 -7.95
C GLY A 1 -0.76 23.18 -6.64
N SER A 2 0.21 23.20 -5.73
CA SER A 2 0.06 22.55 -4.43
C SER A 2 1.23 22.91 -3.52
N SER A 3 1.00 22.79 -2.21
CA SER A 3 2.03 23.11 -1.23
C SER A 3 2.14 22.00 -0.19
N GLY A 4 1.00 21.61 0.38
CA GLY A 4 0.98 20.57 1.38
C GLY A 4 0.78 21.10 2.78
N SER A 5 1.03 20.26 3.79
CA SER A 5 0.86 20.67 5.18
C SER A 5 1.83 19.91 6.08
N SER A 6 1.81 20.24 7.36
CA SER A 6 2.69 19.58 8.32
C SER A 6 2.30 19.96 9.76
N GLY A 7 2.80 19.19 10.72
CA GLY A 7 2.50 19.45 12.11
C GLY A 7 1.72 18.31 12.76
N ARG A 8 2.23 17.09 12.62
CA ARG A 8 1.58 15.92 13.19
C ARG A 8 2.42 15.34 14.34
N VAL A 9 2.97 16.23 15.16
CA VAL A 9 3.78 15.81 16.30
C VAL A 9 3.03 15.98 17.61
N GLU A 10 1.75 15.65 17.59
CA GLU A 10 0.91 15.76 18.79
C GLU A 10 1.00 14.50 19.64
N THR A 11 0.70 14.64 20.93
CA THR A 11 0.76 13.51 21.84
C THR A 11 -0.65 13.11 22.30
N GLN A 12 -1.09 11.93 21.87
CA GLN A 12 -2.41 11.43 22.23
C GLN A 12 -2.36 9.95 22.57
N PRO A 13 -3.19 9.52 23.53
CA PRO A 13 -3.26 8.13 23.96
C PRO A 13 -3.86 7.21 22.90
N GLU A 14 -4.06 5.95 23.25
CA GLU A 14 -4.63 4.98 22.33
C GLU A 14 -6.06 5.34 21.97
N VAL A 15 -6.41 5.21 20.69
CA VAL A 15 -7.74 5.52 20.22
C VAL A 15 -8.41 4.31 19.58
N GLN A 16 -9.72 4.38 19.38
CA GLN A 16 -10.47 3.30 18.79
C GLN A 16 -10.24 3.24 17.27
N LEU A 17 -9.38 2.33 16.84
CA LEU A 17 -9.08 2.18 15.42
C LEU A 17 -8.68 0.74 15.10
N PRO A 18 -8.87 0.35 13.82
CA PRO A 18 -8.54 -1.00 13.36
C PRO A 18 -7.03 -1.25 13.32
N GLY A 19 -6.66 -2.51 13.19
CA GLY A 19 -5.25 -2.87 13.15
C GLY A 19 -4.74 -3.02 11.73
N PRO A 20 -3.40 -3.13 11.58
CA PRO A 20 -2.76 -3.28 10.28
C PRO A 20 -3.03 -4.64 9.65
N ALA A 21 -3.80 -4.65 8.57
CA ALA A 21 -4.13 -5.89 7.88
C ALA A 21 -2.97 -6.87 7.92
N PRO A 22 -3.18 -8.01 8.60
CA PRO A 22 -2.16 -9.05 8.74
C PRO A 22 -1.89 -9.78 7.43
N ASN A 23 -0.89 -10.65 7.43
CA ASN A 23 -0.52 -11.40 6.23
C ASN A 23 -0.44 -10.48 5.01
N LEU A 24 0.29 -9.38 5.16
CA LEU A 24 0.44 -8.42 4.07
C LEU A 24 1.57 -8.83 3.14
N ARG A 25 1.22 -9.37 1.98
CA ARG A 25 2.20 -9.80 1.00
C ARG A 25 2.15 -8.94 -0.26
N ALA A 26 3.24 -8.93 -1.01
CA ALA A 26 3.31 -8.14 -2.24
C ALA A 26 4.31 -8.74 -3.22
N TYR A 27 3.87 -8.93 -4.46
CA TYR A 27 4.73 -9.50 -5.49
C TYR A 27 4.43 -8.88 -6.86
N ALA A 28 5.47 -8.73 -7.67
CA ALA A 28 5.32 -8.15 -9.00
C ALA A 28 4.90 -9.21 -10.01
N ALA A 29 3.61 -9.23 -10.33
CA ALA A 29 3.07 -10.18 -11.29
C ALA A 29 3.66 -9.96 -12.68
N SER A 30 3.68 -8.70 -13.10
CA SER A 30 4.21 -8.34 -14.42
C SER A 30 5.22 -7.21 -14.32
N PRO A 31 6.03 -7.03 -15.36
CA PRO A 31 7.05 -5.98 -15.42
C PRO A 31 6.44 -4.59 -15.54
N THR A 32 5.11 -4.53 -15.66
CA THR A 32 4.41 -3.26 -15.78
C THR A 32 3.24 -3.19 -14.79
N SER A 33 3.17 -4.15 -13.89
CA SER A 33 2.11 -4.19 -12.90
C SER A 33 2.60 -4.81 -11.59
N ILE A 34 1.77 -4.75 -10.56
CA ILE A 34 2.12 -5.31 -9.26
C ILE A 34 0.87 -5.74 -8.49
N THR A 35 0.86 -7.01 -8.08
CA THR A 35 -0.26 -7.55 -7.33
C THR A 35 0.02 -7.58 -5.84
N VAL A 36 -0.88 -7.02 -5.05
CA VAL A 36 -0.72 -6.98 -3.60
C VAL A 36 -1.85 -7.73 -2.90
N THR A 37 -1.50 -8.66 -2.02
CA THR A 37 -2.48 -9.44 -1.29
C THR A 37 -2.33 -9.26 0.21
N TRP A 38 -3.45 -9.23 0.92
CA TRP A 38 -3.44 -9.06 2.37
C TRP A 38 -4.56 -9.85 3.02
N GLU A 39 -4.67 -9.75 4.34
CA GLU A 39 -5.71 -10.46 5.08
C GLU A 39 -6.57 -9.48 5.88
N THR A 40 -7.71 -9.97 6.36
CA THR A 40 -8.61 -9.13 7.14
C THR A 40 -8.21 -9.09 8.61
N PRO A 41 -8.21 -7.89 9.19
CA PRO A 41 -7.85 -7.68 10.59
C PRO A 41 -8.89 -8.26 11.55
N VAL A 42 -8.42 -8.77 12.69
CA VAL A 42 -9.31 -9.35 13.69
C VAL A 42 -10.04 -8.27 14.47
N SER A 43 -10.74 -7.40 13.74
CA SER A 43 -11.49 -6.31 14.36
C SER A 43 -10.63 -5.58 15.38
N GLY A 44 -9.47 -5.11 14.95
CA GLY A 44 -8.57 -4.39 15.83
C GLY A 44 -9.32 -3.57 16.86
N ASN A 45 -10.35 -2.86 16.43
CA ASN A 45 -11.14 -2.03 17.33
C ASN A 45 -12.63 -2.34 17.18
N GLY A 46 -13.13 -2.25 15.95
CA GLY A 46 -14.53 -2.52 15.70
C GLY A 46 -14.76 -3.24 14.39
N GLU A 47 -15.38 -2.56 13.43
CA GLU A 47 -15.66 -3.15 12.13
C GLU A 47 -14.96 -2.36 11.02
N ILE A 48 -14.60 -3.06 9.94
CA ILE A 48 -13.93 -2.43 8.82
C ILE A 48 -14.94 -1.94 7.79
N GLN A 49 -14.69 -0.74 7.25
CA GLN A 49 -15.58 -0.16 6.25
C GLN A 49 -15.04 -0.38 4.85
N ASN A 50 -13.82 0.09 4.60
CA ASN A 50 -13.19 -0.06 3.29
C ASN A 50 -11.68 -0.29 3.44
N TYR A 51 -11.03 -0.59 2.32
CA TYR A 51 -9.59 -0.84 2.33
C TYR A 51 -8.87 0.12 1.38
N LYS A 52 -7.98 0.93 1.93
CA LYS A 52 -7.23 1.89 1.13
C LYS A 52 -5.86 1.32 0.74
N LEU A 53 -5.54 1.40 -0.55
CA LEU A 53 -4.27 0.89 -1.04
C LEU A 53 -3.40 2.03 -1.58
N TYR A 54 -2.20 2.15 -1.04
CA TYR A 54 -1.27 3.19 -1.47
C TYR A 54 -0.17 2.62 -2.35
N TYR A 55 0.40 3.46 -3.21
CA TYR A 55 1.47 3.04 -4.10
C TYR A 55 2.26 4.24 -4.61
N MET A 56 3.58 4.16 -4.51
CA MET A 56 4.46 5.23 -4.96
C MET A 56 5.85 4.71 -5.29
N GLU A 57 6.56 5.41 -6.17
CA GLU A 57 7.90 5.01 -6.56
C GLU A 57 8.93 5.47 -5.53
N LYS A 58 9.79 4.55 -5.12
CA LYS A 58 10.83 4.85 -4.14
C LYS A 58 11.70 6.01 -4.61
N GLY A 59 11.38 7.21 -4.14
CA GLY A 59 12.15 8.39 -4.52
C GLY A 59 11.29 9.43 -5.21
N THR A 60 10.06 9.61 -4.74
CA THR A 60 9.14 10.57 -5.31
C THR A 60 8.57 11.50 -4.25
N ASP A 61 8.49 11.01 -3.03
CA ASP A 61 7.97 11.81 -1.91
C ASP A 61 6.50 12.15 -2.14
N LYS A 62 5.81 11.31 -2.90
CA LYS A 62 4.40 11.53 -3.20
C LYS A 62 3.66 10.20 -3.36
N GLU A 63 2.80 9.89 -2.41
CA GLU A 63 2.03 8.65 -2.45
C GLU A 63 0.57 8.92 -2.82
N GLN A 64 -0.06 7.94 -3.46
CA GLN A 64 -1.44 8.07 -3.87
C GLN A 64 -2.33 7.04 -3.17
N ASP A 65 -3.64 7.20 -3.30
CA ASP A 65 -4.58 6.28 -2.68
C ASP A 65 -5.63 5.80 -3.70
N VAL A 66 -5.80 4.49 -3.78
CA VAL A 66 -6.77 3.90 -4.70
C VAL A 66 -7.82 3.09 -3.96
N ASP A 67 -9.08 3.27 -4.36
CA ASP A 67 -10.18 2.55 -3.73
C ASP A 67 -10.15 1.06 -4.11
N VAL A 68 -10.05 0.20 -3.10
CA VAL A 68 -10.02 -1.24 -3.33
C VAL A 68 -11.06 -1.95 -2.48
N SER A 69 -11.88 -2.78 -3.13
CA SER A 69 -12.92 -3.52 -2.44
C SER A 69 -12.68 -5.02 -2.54
N SER A 70 -11.46 -5.43 -2.21
CA SER A 70 -11.09 -6.85 -2.27
C SER A 70 -9.81 -7.12 -1.47
N HIS A 71 -9.53 -8.39 -1.22
CA HIS A 71 -8.33 -8.77 -0.48
C HIS A 71 -7.09 -8.73 -1.36
N SER A 72 -7.31 -8.84 -2.67
CA SER A 72 -6.21 -8.81 -3.63
C SER A 72 -6.50 -7.84 -4.77
N TYR A 73 -5.56 -6.93 -5.01
CA TYR A 73 -5.71 -5.94 -6.07
C TYR A 73 -4.47 -5.89 -6.96
N THR A 74 -4.68 -5.67 -8.25
CA THR A 74 -3.58 -5.59 -9.20
C THR A 74 -3.44 -4.18 -9.77
N ILE A 75 -2.23 -3.64 -9.69
CA ILE A 75 -1.97 -2.30 -10.20
C ILE A 75 -1.14 -2.35 -11.47
N ASN A 76 -1.75 -1.98 -12.59
CA ASN A 76 -1.08 -1.98 -13.88
C ASN A 76 -0.62 -0.58 -14.26
N GLY A 77 0.40 -0.50 -15.09
CA GLY A 77 0.92 0.79 -15.52
C GLY A 77 2.11 1.25 -14.69
N LEU A 78 3.06 0.35 -14.50
CA LEU A 78 4.26 0.66 -13.72
C LEU A 78 5.52 0.47 -14.55
N LYS A 79 6.59 1.12 -14.15
CA LYS A 79 7.87 1.02 -14.84
C LYS A 79 8.51 -0.34 -14.62
N LYS A 80 9.38 -0.74 -15.53
CA LYS A 80 10.06 -2.03 -15.43
C LYS A 80 11.29 -1.92 -14.54
N TYR A 81 11.58 -2.99 -13.79
CA TYR A 81 12.73 -3.01 -12.90
C TYR A 81 12.76 -1.76 -12.02
N THR A 82 11.61 -1.39 -11.49
CA THR A 82 11.49 -0.22 -10.63
C THR A 82 10.81 -0.56 -9.32
N GLU A 83 11.43 -0.19 -8.21
CA GLU A 83 10.88 -0.44 -6.89
C GLU A 83 9.65 0.42 -6.63
N TYR A 84 8.70 -0.11 -5.87
CA TYR A 84 7.48 0.60 -5.55
C TYR A 84 6.99 0.26 -4.15
N SER A 85 6.68 1.29 -3.37
CA SER A 85 6.21 1.09 -2.00
C SER A 85 4.70 0.80 -1.99
N PHE A 86 4.25 0.13 -0.94
CA PHE A 86 2.83 -0.20 -0.80
C PHE A 86 2.43 -0.27 0.67
N ARG A 87 1.26 0.29 0.98
CA ARG A 87 0.77 0.30 2.35
C ARG A 87 -0.76 0.33 2.37
N VAL A 88 -1.35 -0.51 3.21
CA VAL A 88 -2.80 -0.59 3.33
C VAL A 88 -3.28 0.07 4.61
N VAL A 89 -4.34 0.86 4.49
CA VAL A 89 -4.91 1.56 5.64
C VAL A 89 -6.34 1.10 5.92
N ALA A 90 -6.61 0.75 7.17
CA ALA A 90 -7.94 0.29 7.56
C ALA A 90 -8.82 1.46 7.96
N TYR A 91 -9.87 1.71 7.17
CA TYR A 91 -10.80 2.80 7.44
C TYR A 91 -12.05 2.30 8.14
N ASN A 92 -12.16 2.62 9.43
CA ASN A 92 -13.31 2.21 10.21
C ASN A 92 -14.23 3.39 10.51
N LYS A 93 -15.49 3.09 10.83
CA LYS A 93 -16.47 4.13 11.13
C LYS A 93 -15.84 5.25 11.96
N HIS A 94 -14.87 4.88 12.81
CA HIS A 94 -14.19 5.85 13.65
C HIS A 94 -13.19 6.66 12.84
N GLY A 95 -12.18 5.99 12.30
CA GLY A 95 -11.17 6.67 11.51
C GLY A 95 -10.15 5.72 10.93
N PRO A 96 -9.26 6.24 10.06
CA PRO A 96 -8.22 5.44 9.42
C PRO A 96 -7.14 5.00 10.40
N GLY A 97 -7.37 3.87 11.07
CA GLY A 97 -6.41 3.36 12.02
C GLY A 97 -5.00 3.29 11.46
N VAL A 98 -4.06 2.82 12.27
CA VAL A 98 -2.67 2.72 11.84
C VAL A 98 -2.58 2.17 10.42
N SER A 99 -1.41 2.34 9.81
CA SER A 99 -1.18 1.86 8.45
C SER A 99 0.02 0.92 8.39
N THR A 100 -0.14 -0.17 7.66
CA THR A 100 0.93 -1.16 7.51
C THR A 100 2.23 -0.49 7.08
N PRO A 101 3.36 -1.13 7.44
CA PRO A 101 4.69 -0.61 7.10
C PRO A 101 4.99 -0.72 5.61
N ASP A 102 5.47 0.38 5.03
CA ASP A 102 5.80 0.41 3.62
C ASP A 102 6.33 -0.95 3.15
N VAL A 103 5.81 -1.42 2.02
CA VAL A 103 6.23 -2.70 1.47
C VAL A 103 6.80 -2.53 0.07
N ALA A 104 8.03 -2.02 0.00
CA ALA A 104 8.70 -1.81 -1.27
C ALA A 104 8.95 -3.14 -1.99
N VAL A 105 8.81 -3.12 -3.31
CA VAL A 105 9.03 -4.33 -4.11
C VAL A 105 9.53 -3.97 -5.51
N ARG A 106 10.41 -4.82 -6.04
CA ARG A 106 10.97 -4.60 -7.37
C ARG A 106 10.19 -5.37 -8.43
N THR A 107 9.82 -4.69 -9.50
CA THR A 107 9.08 -5.32 -10.59
C THR A 107 10.00 -6.11 -11.51
N LEU A 108 9.42 -6.97 -12.34
CA LEU A 108 10.18 -7.78 -13.27
C LEU A 108 10.81 -6.92 -14.37
N SER A 109 12.04 -7.23 -14.72
CA SER A 109 12.76 -6.49 -15.76
C SER A 109 12.57 -7.15 -17.12
N ASP A 110 11.98 -6.40 -18.05
CA ASP A 110 11.74 -6.91 -19.39
C ASP A 110 13.06 -7.23 -20.10
N SER A 111 13.35 -8.52 -20.24
CA SER A 111 14.58 -8.96 -20.88
C SER A 111 14.43 -8.98 -22.40
N GLY A 112 13.32 -9.57 -22.86
CA GLY A 112 13.08 -9.65 -24.29
C GLY A 112 12.04 -10.70 -24.64
N PRO A 113 12.49 -11.97 -24.70
CA PRO A 113 11.61 -13.09 -25.03
C PRO A 113 10.61 -13.39 -23.92
N SER A 114 9.37 -12.94 -24.11
CA SER A 114 8.33 -13.15 -23.13
C SER A 114 7.79 -14.58 -23.20
N SER A 115 7.40 -15.13 -22.06
CA SER A 115 6.88 -16.49 -21.99
C SER A 115 7.59 -17.39 -23.00
N GLY A 116 8.91 -17.24 -23.09
CA GLY A 116 9.68 -18.05 -24.03
C GLY A 116 10.65 -18.97 -23.32
N GLY A 1 -2.11 26.02 -3.65
CA GLY A 1 -1.07 25.03 -3.42
C GLY A 1 0.32 25.63 -3.45
N SER A 2 0.98 25.54 -4.61
CA SER A 2 2.32 26.08 -4.76
C SER A 2 3.21 25.69 -3.58
N SER A 3 3.10 24.44 -3.15
CA SER A 3 3.87 23.94 -2.03
C SER A 3 3.77 24.88 -0.83
N GLY A 4 2.55 25.37 -0.58
CA GLY A 4 2.34 26.28 0.54
C GLY A 4 1.67 25.60 1.71
N SER A 5 2.40 25.47 2.82
CA SER A 5 1.86 24.83 4.01
C SER A 5 2.25 25.62 5.26
N SER A 6 1.39 25.54 6.28
CA SER A 6 1.65 26.25 7.54
C SER A 6 0.77 25.69 8.65
N GLY A 7 1.40 24.92 9.54
CA GLY A 7 0.67 24.33 10.66
C GLY A 7 0.13 22.96 10.33
N ARG A 8 1.01 21.97 10.29
CA ARG A 8 0.60 20.60 9.98
C ARG A 8 0.01 19.92 11.21
N VAL A 9 -1.31 19.90 11.28
CA VAL A 9 -2.01 19.28 12.41
C VAL A 9 -2.44 17.85 12.06
N GLU A 10 -2.24 16.93 13.02
CA GLU A 10 -2.61 15.54 12.81
C GLU A 10 -3.98 15.25 13.40
N THR A 11 -4.51 16.21 14.16
CA THR A 11 -5.82 16.05 14.79
C THR A 11 -6.06 14.60 15.18
N GLN A 12 -5.01 13.91 15.59
CA GLN A 12 -5.11 12.51 16.00
C GLN A 12 -6.40 12.27 16.79
N PRO A 13 -7.36 11.59 16.15
CA PRO A 13 -8.65 11.28 16.77
C PRO A 13 -8.52 10.24 17.89
N GLU A 14 -9.63 9.99 18.58
CA GLU A 14 -9.64 9.02 19.67
C GLU A 14 -9.03 7.69 19.24
N VAL A 15 -8.84 6.79 20.20
CA VAL A 15 -8.28 5.48 19.91
C VAL A 15 -9.37 4.47 19.57
N GLN A 16 -10.09 4.73 18.48
CA GLN A 16 -11.16 3.85 18.05
C GLN A 16 -11.01 3.49 16.56
N LEU A 17 -9.78 3.19 16.16
CA LEU A 17 -9.50 2.84 14.77
C LEU A 17 -9.14 1.36 14.66
N PRO A 18 -9.24 0.83 13.43
CA PRO A 18 -8.92 -0.58 13.14
C PRO A 18 -7.42 -0.86 13.25
N GLY A 19 -7.06 -2.15 13.21
CA GLY A 19 -5.67 -2.53 13.31
C GLY A 19 -5.02 -2.72 11.95
N PRO A 20 -3.69 -2.89 11.94
CA PRO A 20 -2.93 -3.08 10.70
C PRO A 20 -3.21 -4.43 10.05
N ALA A 21 -3.63 -4.39 8.79
CA ALA A 21 -3.93 -5.62 8.05
C ALA A 21 -2.74 -6.57 8.04
N PRO A 22 -2.88 -7.69 8.76
CA PRO A 22 -1.82 -8.70 8.85
C PRO A 22 -1.61 -9.45 7.53
N ASN A 23 -0.69 -10.40 7.54
CA ASN A 23 -0.40 -11.19 6.35
C ASN A 23 -0.30 -10.29 5.12
N LEU A 24 0.44 -9.20 5.24
CA LEU A 24 0.62 -8.26 4.14
C LEU A 24 1.68 -8.75 3.17
N ARG A 25 1.24 -9.27 2.03
CA ARG A 25 2.16 -9.78 1.01
C ARG A 25 2.13 -8.90 -0.23
N ALA A 26 3.20 -8.97 -1.02
CA ALA A 26 3.30 -8.18 -2.24
C ALA A 26 4.22 -8.85 -3.26
N TYR A 27 3.71 -9.04 -4.47
CA TYR A 27 4.48 -9.67 -5.53
C TYR A 27 4.19 -9.03 -6.88
N ALA A 28 5.23 -8.88 -7.70
CA ALA A 28 5.08 -8.28 -9.01
C ALA A 28 4.52 -9.29 -10.01
N ALA A 29 3.24 -9.13 -10.35
CA ALA A 29 2.58 -10.02 -11.29
C ALA A 29 3.05 -9.76 -12.72
N SER A 30 3.42 -8.51 -12.99
CA SER A 30 3.89 -8.12 -14.32
C SER A 30 4.87 -6.96 -14.22
N PRO A 31 5.68 -6.79 -15.28
CA PRO A 31 6.69 -5.73 -15.35
C PRO A 31 6.04 -4.35 -15.50
N THR A 32 4.72 -4.31 -15.47
CA THR A 32 3.99 -3.05 -15.60
C THR A 32 2.96 -2.90 -14.49
N SER A 33 2.77 -3.96 -13.71
CA SER A 33 1.81 -3.94 -12.62
C SER A 33 2.37 -4.65 -11.39
N ILE A 34 1.60 -4.65 -10.31
CA ILE A 34 2.02 -5.29 -9.07
C ILE A 34 0.82 -5.77 -8.27
N THR A 35 0.78 -7.07 -7.98
CA THR A 35 -0.31 -7.65 -7.21
C THR A 35 0.00 -7.66 -5.72
N VAL A 36 -0.90 -7.09 -4.93
CA VAL A 36 -0.71 -7.02 -3.49
C VAL A 36 -1.88 -7.68 -2.76
N THR A 37 -1.57 -8.52 -1.78
CA THR A 37 -2.59 -9.22 -1.01
C THR A 37 -2.39 -9.00 0.49
N TRP A 38 -3.47 -8.61 1.17
CA TRP A 38 -3.42 -8.36 2.61
C TRP A 38 -4.56 -9.06 3.31
N GLU A 39 -4.47 -9.15 4.64
CA GLU A 39 -5.50 -9.80 5.44
C GLU A 39 -6.19 -8.80 6.37
N THR A 40 -7.33 -9.19 6.92
CA THR A 40 -8.08 -8.33 7.83
C THR A 40 -7.58 -8.46 9.26
N PRO A 41 -7.44 -7.33 9.94
CA PRO A 41 -6.96 -7.30 11.33
C PRO A 41 -7.99 -7.87 12.31
N VAL A 42 -7.61 -8.95 12.98
CA VAL A 42 -8.50 -9.60 13.94
C VAL A 42 -9.05 -8.59 14.94
N SER A 43 -8.21 -7.64 15.35
CA SER A 43 -8.62 -6.62 16.30
C SER A 43 -9.20 -5.41 15.59
N GLY A 44 -10.35 -4.94 16.06
CA GLY A 44 -10.99 -3.79 15.45
C GLY A 44 -12.26 -3.38 16.19
N ASN A 45 -12.40 -2.08 16.43
CA ASN A 45 -13.57 -1.56 17.14
C ASN A 45 -14.86 -1.97 16.42
N GLY A 46 -14.84 -1.88 15.09
CA GLY A 46 -16.00 -2.24 14.31
C GLY A 46 -15.64 -2.84 12.97
N GLU A 47 -16.65 -3.34 12.25
CA GLU A 47 -16.43 -3.95 10.95
C GLU A 47 -15.81 -2.95 9.97
N ILE A 48 -14.79 -3.40 9.24
CA ILE A 48 -14.12 -2.54 8.28
C ILE A 48 -15.05 -2.14 7.14
N GLN A 49 -15.01 -0.86 6.77
CA GLN A 49 -15.86 -0.36 5.70
C GLN A 49 -15.20 -0.57 4.34
N ASN A 50 -13.98 -0.06 4.20
CA ASN A 50 -13.23 -0.19 2.95
C ASN A 50 -11.73 -0.32 3.22
N TYR A 51 -11.00 -0.77 2.21
CA TYR A 51 -9.56 -0.94 2.33
C TYR A 51 -8.81 0.04 1.44
N LYS A 52 -7.76 0.65 1.98
CA LYS A 52 -6.96 1.61 1.23
C LYS A 52 -5.59 1.04 0.90
N LEU A 53 -5.21 1.12 -0.37
CA LEU A 53 -3.91 0.61 -0.82
C LEU A 53 -3.10 1.70 -1.52
N TYR A 54 -2.08 2.21 -0.84
CA TYR A 54 -1.24 3.26 -1.40
C TYR A 54 -0.11 2.65 -2.23
N TYR A 55 0.45 3.46 -3.13
CA TYR A 55 1.54 3.01 -3.99
C TYR A 55 2.35 4.20 -4.51
N MET A 56 3.67 4.07 -4.49
CA MET A 56 4.56 5.12 -4.96
C MET A 56 5.91 4.56 -5.36
N GLU A 57 6.65 5.33 -6.15
CA GLU A 57 7.97 4.90 -6.61
C GLU A 57 9.04 5.23 -5.58
N LYS A 58 9.93 4.27 -5.33
CA LYS A 58 11.00 4.46 -4.36
C LYS A 58 11.88 5.65 -4.74
N GLY A 59 11.69 6.76 -4.04
CA GLY A 59 12.48 7.96 -4.32
C GLY A 59 11.64 9.06 -4.94
N THR A 60 10.41 9.21 -4.47
CA THR A 60 9.52 10.24 -4.99
C THR A 60 8.94 11.08 -3.85
N ASP A 61 8.60 10.43 -2.75
CA ASP A 61 8.03 11.11 -1.60
C ASP A 61 6.59 11.54 -1.87
N LYS A 62 5.91 10.80 -2.73
CA LYS A 62 4.54 11.10 -3.08
C LYS A 62 3.77 9.83 -3.43
N GLU A 63 2.86 9.42 -2.55
CA GLU A 63 2.06 8.22 -2.78
C GLU A 63 0.61 8.58 -3.05
N GLN A 64 -0.13 7.64 -3.64
CA GLN A 64 -1.53 7.86 -3.96
C GLN A 64 -2.42 6.89 -3.17
N ASP A 65 -3.73 6.95 -3.44
CA ASP A 65 -4.68 6.08 -2.76
C ASP A 65 -5.67 5.50 -3.76
N VAL A 66 -5.87 4.18 -3.69
CA VAL A 66 -6.80 3.50 -4.58
C VAL A 66 -7.83 2.70 -3.79
N ASP A 67 -9.10 3.09 -3.94
CA ASP A 67 -10.19 2.41 -3.23
C ASP A 67 -10.41 1.02 -3.79
N VAL A 68 -10.23 0.01 -2.95
CA VAL A 68 -10.41 -1.38 -3.35
C VAL A 68 -11.49 -2.07 -2.51
N SER A 69 -12.21 -2.99 -3.13
CA SER A 69 -13.27 -3.73 -2.44
C SER A 69 -12.79 -5.10 -2.01
N SER A 70 -12.01 -5.75 -2.88
CA SER A 70 -11.49 -7.07 -2.61
C SER A 70 -10.23 -6.99 -1.75
N HIS A 71 -9.88 -8.12 -1.13
CA HIS A 71 -8.69 -8.17 -0.28
C HIS A 71 -7.42 -7.94 -1.09
N SER A 72 -7.40 -8.46 -2.31
CA SER A 72 -6.24 -8.31 -3.19
C SER A 72 -6.57 -7.37 -4.36
N TYR A 73 -5.55 -6.71 -4.87
CA TYR A 73 -5.71 -5.78 -5.98
C TYR A 73 -4.46 -5.70 -6.83
N THR A 74 -4.61 -5.31 -8.09
CA THR A 74 -3.48 -5.19 -9.01
C THR A 74 -3.33 -3.76 -9.51
N ILE A 75 -2.14 -3.18 -9.27
CA ILE A 75 -1.87 -1.82 -9.70
C ILE A 75 -1.04 -1.80 -10.98
N ASN A 76 -1.71 -1.50 -12.09
CA ASN A 76 -1.04 -1.45 -13.39
C ASN A 76 -0.61 -0.03 -13.73
N GLY A 77 0.14 0.12 -14.81
CA GLY A 77 0.60 1.44 -15.23
C GLY A 77 1.83 1.89 -14.46
N LEU A 78 2.83 1.03 -14.40
CA LEU A 78 4.07 1.35 -13.69
C LEU A 78 5.28 1.18 -14.61
N LYS A 79 6.46 1.52 -14.09
CA LYS A 79 7.70 1.40 -14.86
C LYS A 79 8.24 -0.03 -14.81
N LYS A 80 9.11 -0.34 -15.75
CA LYS A 80 9.71 -1.67 -15.82
C LYS A 80 10.97 -1.76 -14.96
N TYR A 81 11.11 -2.86 -14.23
CA TYR A 81 12.27 -3.06 -13.37
C TYR A 81 12.47 -1.87 -12.44
N THR A 82 11.37 -1.42 -11.83
CA THR A 82 11.42 -0.29 -10.92
C THR A 82 10.80 -0.63 -9.57
N GLU A 83 11.38 -0.10 -8.49
CA GLU A 83 10.88 -0.36 -7.15
C GLU A 83 9.62 0.47 -6.87
N TYR A 84 8.76 -0.06 -6.01
CA TYR A 84 7.53 0.63 -5.64
C TYR A 84 7.06 0.23 -4.25
N SER A 85 6.72 1.22 -3.44
CA SER A 85 6.27 0.98 -2.08
C SER A 85 4.77 0.72 -2.05
N PHE A 86 4.30 0.08 -0.98
CA PHE A 86 2.89 -0.23 -0.83
C PHE A 86 2.51 -0.34 0.65
N ARG A 87 1.34 0.18 0.99
CA ARG A 87 0.86 0.15 2.37
C ARG A 87 -0.66 0.06 2.42
N VAL A 88 -1.16 -0.86 3.23
CA VAL A 88 -2.61 -1.05 3.37
C VAL A 88 -3.14 -0.37 4.61
N VAL A 89 -4.16 0.47 4.44
CA VAL A 89 -4.76 1.20 5.55
C VAL A 89 -6.24 0.88 5.67
N ALA A 90 -6.68 0.53 6.88
CA ALA A 90 -8.07 0.20 7.13
C ALA A 90 -8.87 1.45 7.46
N TYR A 91 -9.97 1.65 6.73
CA TYR A 91 -10.83 2.81 6.95
C TYR A 91 -12.19 2.39 7.50
N ASN A 92 -12.39 2.68 8.79
CA ASN A 92 -13.65 2.33 9.45
C ASN A 92 -14.56 3.55 9.55
N LYS A 93 -15.84 3.31 9.84
CA LYS A 93 -16.82 4.38 9.98
C LYS A 93 -16.21 5.57 10.71
N HIS A 94 -15.25 5.30 11.60
CA HIS A 94 -14.60 6.36 12.36
C HIS A 94 -13.60 7.11 11.50
N GLY A 95 -12.71 6.36 10.84
CA GLY A 95 -11.71 6.98 9.99
C GLY A 95 -10.54 6.06 9.71
N PRO A 96 -9.44 6.63 9.19
CA PRO A 96 -8.24 5.86 8.86
C PRO A 96 -7.50 5.39 10.11
N GLY A 97 -7.26 4.08 10.18
CA GLY A 97 -6.57 3.52 11.34
C GLY A 97 -5.08 3.38 11.10
N VAL A 98 -4.42 2.57 11.92
CA VAL A 98 -2.99 2.35 11.79
C VAL A 98 -2.58 2.20 10.33
N SER A 99 -1.27 2.30 10.08
CA SER A 99 -0.76 2.19 8.72
C SER A 99 0.30 1.09 8.64
N THR A 100 0.04 0.08 7.81
CA THR A 100 0.96 -1.04 7.64
C THR A 100 2.33 -0.54 7.21
N PRO A 101 3.36 -1.36 7.47
CA PRO A 101 4.74 -1.03 7.10
C PRO A 101 4.97 -1.07 5.60
N ASP A 102 5.58 -0.01 5.07
CA ASP A 102 5.86 0.09 3.65
C ASP A 102 6.33 -1.25 3.09
N VAL A 103 5.96 -1.54 1.84
CA VAL A 103 6.33 -2.79 1.21
C VAL A 103 6.93 -2.53 -0.18
N ALA A 104 8.19 -2.13 -0.22
CA ALA A 104 8.87 -1.86 -1.47
C ALA A 104 9.17 -3.15 -2.22
N VAL A 105 8.97 -3.12 -3.54
CA VAL A 105 9.23 -4.30 -4.37
C VAL A 105 9.63 -3.89 -5.79
N ARG A 106 10.49 -4.69 -6.40
CA ARG A 106 10.96 -4.41 -7.75
C ARG A 106 10.13 -5.17 -8.79
N THR A 107 9.66 -4.46 -9.80
CA THR A 107 8.86 -5.05 -10.86
C THR A 107 9.70 -5.94 -11.76
N LEU A 108 9.05 -6.60 -12.71
CA LEU A 108 9.74 -7.49 -13.65
C LEU A 108 10.33 -6.70 -14.81
N SER A 109 11.36 -7.25 -15.44
CA SER A 109 12.01 -6.60 -16.57
C SER A 109 11.64 -7.29 -17.88
N ASP A 110 11.51 -6.50 -18.94
CA ASP A 110 11.16 -7.02 -20.25
C ASP A 110 12.40 -7.16 -21.13
N SER A 111 13.22 -6.12 -21.14
CA SER A 111 14.44 -6.12 -21.94
C SER A 111 15.67 -5.93 -21.06
N GLY A 112 15.70 -4.83 -20.31
CA GLY A 112 16.82 -4.56 -19.44
C GLY A 112 18.12 -4.38 -20.19
N PRO A 113 19.20 -4.05 -19.46
CA PRO A 113 20.52 -3.85 -20.06
C PRO A 113 21.14 -5.15 -20.56
N SER A 114 20.40 -6.24 -20.43
CA SER A 114 20.87 -7.55 -20.87
C SER A 114 21.57 -7.44 -22.21
N SER A 115 22.38 -8.45 -22.54
CA SER A 115 23.12 -8.47 -23.80
C SER A 115 22.51 -9.48 -24.76
N GLY A 116 22.15 -10.64 -24.23
CA GLY A 116 21.57 -11.69 -25.06
C GLY A 116 21.23 -12.94 -24.26
N GLY A 1 -4.64 21.03 -2.09
CA GLY A 1 -5.01 22.10 -1.16
C GLY A 1 -4.84 21.69 0.29
N SER A 2 -3.73 22.06 0.89
CA SER A 2 -3.46 21.72 2.28
C SER A 2 -2.33 22.59 2.84
N SER A 3 -2.68 23.50 3.75
CA SER A 3 -1.70 24.39 4.36
C SER A 3 -0.45 23.63 4.75
N GLY A 4 -0.63 22.39 5.22
CA GLY A 4 0.49 21.58 5.63
C GLY A 4 1.54 22.37 6.39
N SER A 5 2.81 22.13 6.07
CA SER A 5 3.91 22.83 6.74
C SER A 5 3.64 22.96 8.23
N SER A 6 3.21 21.87 8.85
CA SER A 6 2.92 21.87 10.28
C SER A 6 4.04 21.18 11.06
N GLY A 7 4.30 21.70 12.26
CA GLY A 7 5.34 21.13 13.09
C GLY A 7 4.97 21.09 14.56
N ARG A 8 3.72 20.72 14.83
CA ARG A 8 3.22 20.64 16.21
C ARG A 8 2.58 19.29 16.48
N VAL A 9 2.63 18.85 17.74
CA VAL A 9 2.05 17.57 18.13
C VAL A 9 0.56 17.71 18.38
N GLU A 10 -0.24 17.01 17.57
CA GLU A 10 -1.69 17.05 17.70
C GLU A 10 -2.30 15.70 17.37
N THR A 11 -2.85 15.04 18.38
CA THR A 11 -3.47 13.73 18.21
C THR A 11 -4.49 13.45 19.30
N GLN A 12 -5.63 12.87 18.92
CA GLN A 12 -6.67 12.54 19.88
C GLN A 12 -6.27 11.35 20.74
N PRO A 13 -6.56 11.43 22.05
CA PRO A 13 -6.24 10.35 23.00
C PRO A 13 -7.11 9.12 22.79
N GLU A 14 -7.94 9.16 21.75
CA GLU A 14 -8.83 8.04 21.45
C GLU A 14 -8.15 7.05 20.51
N VAL A 15 -8.09 5.79 20.93
CA VAL A 15 -7.46 4.74 20.13
C VAL A 15 -8.47 3.67 19.75
N GLN A 16 -9.60 4.11 19.20
CA GLN A 16 -10.66 3.18 18.78
C GLN A 16 -10.58 2.91 17.28
N LEU A 17 -9.37 2.71 16.78
CA LEU A 17 -9.16 2.44 15.36
C LEU A 17 -8.78 0.99 15.13
N PRO A 18 -9.02 0.50 13.90
CA PRO A 18 -8.71 -0.88 13.53
C PRO A 18 -7.20 -1.13 13.45
N GLY A 19 -6.81 -2.39 13.60
CA GLY A 19 -5.40 -2.74 13.54
C GLY A 19 -4.91 -2.94 12.12
N PRO A 20 -3.59 -3.11 11.97
CA PRO A 20 -2.96 -3.32 10.65
C PRO A 20 -3.32 -4.67 10.04
N ALA A 21 -3.48 -4.69 8.72
CA ALA A 21 -3.82 -5.92 8.02
C ALA A 21 -2.64 -6.89 8.00
N PRO A 22 -2.82 -8.04 8.64
CA PRO A 22 -1.77 -9.07 8.72
C PRO A 22 -1.53 -9.75 7.37
N ASN A 23 -0.66 -10.75 7.37
CA ASN A 23 -0.34 -11.48 6.14
C ASN A 23 -0.26 -10.53 4.95
N LEU A 24 0.51 -9.46 5.10
CA LEU A 24 0.67 -8.48 4.04
C LEU A 24 1.78 -8.88 3.08
N ARG A 25 1.39 -9.43 1.93
CA ARG A 25 2.36 -9.86 0.93
C ARG A 25 2.32 -8.96 -0.29
N ALA A 26 3.36 -9.04 -1.11
CA ALA A 26 3.44 -8.22 -2.32
C ALA A 26 4.42 -8.83 -3.33
N TYR A 27 3.97 -8.97 -4.57
CA TYR A 27 4.79 -9.54 -5.62
C TYR A 27 4.41 -8.97 -6.98
N ALA A 28 5.41 -8.75 -7.82
CA ALA A 28 5.18 -8.21 -9.15
C ALA A 28 4.81 -9.31 -10.14
N ALA A 29 3.57 -9.28 -10.61
CA ALA A 29 3.08 -10.28 -11.55
C ALA A 29 3.54 -9.95 -12.97
N SER A 30 3.75 -8.66 -13.24
CA SER A 30 4.17 -8.21 -14.56
C SER A 30 5.19 -7.07 -14.44
N PRO A 31 6.00 -6.90 -15.51
CA PRO A 31 7.02 -5.85 -15.55
C PRO A 31 6.41 -4.44 -15.65
N THR A 32 5.09 -4.38 -15.70
CA THR A 32 4.38 -3.11 -15.79
C THR A 32 3.29 -3.00 -14.74
N SER A 33 3.06 -4.10 -14.02
CA SER A 33 2.04 -4.13 -12.98
C SER A 33 2.55 -4.87 -11.75
N ILE A 34 1.76 -4.83 -10.68
CA ILE A 34 2.12 -5.50 -9.43
C ILE A 34 0.88 -6.00 -8.70
N THR A 35 1.01 -7.18 -8.09
CA THR A 35 -0.11 -7.77 -7.35
C THR A 35 0.17 -7.78 -5.85
N VAL A 36 -0.75 -7.22 -5.08
CA VAL A 36 -0.61 -7.16 -3.62
C VAL A 36 -1.75 -7.88 -2.93
N THR A 37 -1.41 -8.70 -1.94
CA THR A 37 -2.41 -9.45 -1.19
C THR A 37 -2.21 -9.30 0.31
N TRP A 38 -3.31 -9.16 1.04
CA TRP A 38 -3.26 -9.01 2.49
C TRP A 38 -4.40 -9.75 3.16
N GLU A 39 -4.45 -9.69 4.49
CA GLU A 39 -5.48 -10.36 5.25
C GLU A 39 -6.21 -9.39 6.17
N THR A 40 -7.35 -9.80 6.70
CA THR A 40 -8.15 -8.97 7.59
C THR A 40 -7.66 -9.11 9.04
N PRO A 41 -7.51 -7.97 9.72
CA PRO A 41 -7.07 -7.95 11.12
C PRO A 41 -8.11 -8.50 12.07
N VAL A 42 -7.78 -9.58 12.77
CA VAL A 42 -8.69 -10.20 13.73
C VAL A 42 -9.07 -9.22 14.83
N SER A 43 -8.08 -8.52 15.37
CA SER A 43 -8.31 -7.57 16.44
C SER A 43 -8.51 -6.17 15.87
N GLY A 44 -9.57 -5.50 16.33
CA GLY A 44 -9.85 -4.15 15.85
C GLY A 44 -11.00 -3.50 16.61
N ASN A 45 -11.60 -2.49 16.01
CA ASN A 45 -12.72 -1.78 16.63
C ASN A 45 -13.91 -1.69 15.69
N GLY A 46 -14.87 -2.59 15.86
CA GLY A 46 -16.05 -2.60 15.02
C GLY A 46 -15.83 -3.33 13.71
N GLU A 47 -16.64 -3.03 12.72
CA GLU A 47 -16.53 -3.67 11.41
C GLU A 47 -15.82 -2.75 10.42
N ILE A 48 -15.07 -3.35 9.50
CA ILE A 48 -14.34 -2.59 8.49
C ILE A 48 -15.26 -2.21 7.33
N GLN A 49 -15.19 -0.93 6.94
CA GLN A 49 -16.01 -0.44 5.84
C GLN A 49 -15.33 -0.66 4.50
N ASN A 50 -14.20 0.01 4.29
CA ASN A 50 -13.44 -0.10 3.06
C ASN A 50 -11.94 -0.20 3.34
N TYR A 51 -11.19 -0.69 2.36
CA TYR A 51 -9.75 -0.83 2.50
C TYR A 51 -9.01 0.09 1.52
N LYS A 52 -8.14 0.94 2.07
CA LYS A 52 -7.38 1.88 1.26
C LYS A 52 -6.00 1.31 0.94
N LEU A 53 -5.52 1.55 -0.27
CA LEU A 53 -4.21 1.06 -0.69
C LEU A 53 -3.43 2.16 -1.41
N TYR A 54 -2.19 2.35 -1.00
CA TYR A 54 -1.33 3.37 -1.61
C TYR A 54 -0.20 2.73 -2.41
N TYR A 55 0.43 3.51 -3.28
CA TYR A 55 1.52 3.02 -4.10
C TYR A 55 2.36 4.17 -4.64
N MET A 56 3.68 4.06 -4.50
CA MET A 56 4.59 5.09 -4.97
C MET A 56 5.94 4.50 -5.35
N GLU A 57 6.72 5.25 -6.13
CA GLU A 57 8.04 4.79 -6.55
C GLU A 57 9.11 5.23 -5.55
N LYS A 58 9.95 4.29 -5.15
CA LYS A 58 11.03 4.58 -4.21
C LYS A 58 11.90 5.72 -4.71
N GLY A 59 11.64 6.92 -4.19
CA GLY A 59 12.43 8.08 -4.60
C GLY A 59 11.58 9.14 -5.27
N THR A 60 10.33 9.26 -4.83
CA THR A 60 9.41 10.23 -5.39
C THR A 60 8.86 11.16 -4.31
N ASP A 61 8.80 10.64 -3.08
CA ASP A 61 8.29 11.42 -1.95
C ASP A 61 6.84 11.84 -2.18
N LYS A 62 6.11 11.01 -2.91
CA LYS A 62 4.71 11.29 -3.20
C LYS A 62 3.96 10.00 -3.54
N GLU A 63 3.04 9.61 -2.67
CA GLU A 63 2.24 8.40 -2.88
C GLU A 63 0.80 8.74 -3.24
N GLN A 64 0.12 7.80 -3.89
CA GLN A 64 -1.27 8.00 -4.29
C GLN A 64 -2.20 7.13 -3.46
N ASP A 65 -3.49 7.20 -3.77
CA ASP A 65 -4.50 6.42 -3.06
C ASP A 65 -5.52 5.84 -4.02
N VAL A 66 -5.80 4.54 -3.87
CA VAL A 66 -6.76 3.86 -4.73
C VAL A 66 -7.79 3.10 -3.90
N ASP A 67 -9.04 3.13 -4.34
CA ASP A 67 -10.12 2.45 -3.65
C ASP A 67 -10.02 0.94 -3.85
N VAL A 68 -10.15 0.18 -2.76
CA VAL A 68 -10.07 -1.27 -2.82
C VAL A 68 -11.12 -1.91 -1.91
N SER A 69 -11.89 -2.84 -2.47
CA SER A 69 -12.93 -3.52 -1.71
C SER A 69 -12.70 -5.04 -1.71
N SER A 70 -11.45 -5.43 -1.50
CA SER A 70 -11.09 -6.85 -1.48
C SER A 70 -9.72 -7.05 -0.83
N HIS A 71 -9.42 -8.31 -0.49
CA HIS A 71 -8.15 -8.63 0.14
C HIS A 71 -7.06 -8.83 -0.92
N SER A 72 -7.38 -8.47 -2.15
CA SER A 72 -6.43 -8.61 -3.26
C SER A 72 -6.64 -7.51 -4.29
N TYR A 73 -5.55 -6.86 -4.70
CA TYR A 73 -5.62 -5.80 -5.68
C TYR A 73 -4.42 -5.86 -6.64
N THR A 74 -4.59 -5.29 -7.83
CA THR A 74 -3.54 -5.29 -8.83
C THR A 74 -3.35 -3.90 -9.42
N ILE A 75 -2.14 -3.37 -9.29
CA ILE A 75 -1.83 -2.05 -9.81
C ILE A 75 -1.09 -2.13 -11.14
N ASN A 76 -1.68 -1.54 -12.17
CA ASN A 76 -1.07 -1.55 -13.50
C ASN A 76 -0.62 -0.16 -13.91
N GLY A 77 0.30 -0.09 -14.87
CA GLY A 77 0.80 1.18 -15.33
C GLY A 77 2.03 1.64 -14.56
N LEU A 78 3.01 0.76 -14.46
CA LEU A 78 4.25 1.08 -13.74
C LEU A 78 5.46 0.94 -14.66
N LYS A 79 6.62 1.34 -14.15
CA LYS A 79 7.86 1.25 -14.92
C LYS A 79 8.46 -0.14 -14.84
N LYS A 80 9.42 -0.43 -15.72
CA LYS A 80 10.07 -1.73 -15.73
C LYS A 80 11.31 -1.73 -14.84
N TYR A 81 11.54 -2.85 -14.16
CA TYR A 81 12.68 -2.98 -13.26
C TYR A 81 12.78 -1.78 -12.33
N THR A 82 11.66 -1.44 -11.70
CA THR A 82 11.63 -0.31 -10.78
C THR A 82 10.96 -0.70 -9.46
N GLU A 83 11.43 -0.11 -8.37
CA GLU A 83 10.87 -0.40 -7.05
C GLU A 83 9.62 0.41 -6.79
N TYR A 84 8.73 -0.11 -5.96
CA TYR A 84 7.49 0.58 -5.63
C TYR A 84 7.01 0.20 -4.22
N SER A 85 6.70 1.21 -3.42
CA SER A 85 6.23 0.99 -2.06
C SER A 85 4.74 0.74 -2.03
N PHE A 86 4.28 0.03 -1.01
CA PHE A 86 2.86 -0.29 -0.86
C PHE A 86 2.47 -0.36 0.61
N ARG A 87 1.29 0.20 0.92
CA ARG A 87 0.80 0.22 2.29
C ARG A 87 -0.72 0.16 2.31
N VAL A 88 -1.26 -0.61 3.26
CA VAL A 88 -2.72 -0.76 3.39
C VAL A 88 -3.22 -0.03 4.63
N VAL A 89 -4.39 0.59 4.50
CA VAL A 89 -4.99 1.31 5.62
C VAL A 89 -6.47 0.96 5.77
N ALA A 90 -6.88 0.65 6.99
CA ALA A 90 -8.25 0.29 7.28
C ALA A 90 -9.10 1.54 7.57
N TYR A 91 -10.24 1.65 6.90
CA TYR A 91 -11.13 2.79 7.09
C TYR A 91 -12.48 2.34 7.61
N ASN A 92 -12.86 2.85 8.79
CA ASN A 92 -14.13 2.50 9.40
C ASN A 92 -14.91 3.77 9.76
N LYS A 93 -16.19 3.58 10.10
CA LYS A 93 -17.05 4.70 10.47
C LYS A 93 -16.29 5.72 11.32
N HIS A 94 -15.53 5.22 12.28
CA HIS A 94 -14.75 6.08 13.17
C HIS A 94 -13.72 6.88 12.37
N GLY A 95 -12.82 6.17 11.71
CA GLY A 95 -11.80 6.83 10.92
C GLY A 95 -10.66 5.90 10.54
N PRO A 96 -9.62 6.45 9.88
CA PRO A 96 -8.46 5.68 9.46
C PRO A 96 -7.60 5.22 10.63
N GLY A 97 -7.28 3.93 10.67
CA GLY A 97 -6.47 3.39 11.74
C GLY A 97 -4.99 3.44 11.42
N VAL A 98 -4.24 2.49 11.99
CA VAL A 98 -2.80 2.43 11.76
C VAL A 98 -2.48 2.22 10.28
N SER A 99 -1.20 2.15 9.96
CA SER A 99 -0.77 1.96 8.58
C SER A 99 0.35 0.93 8.49
N THR A 100 0.06 -0.19 7.84
CA THR A 100 1.03 -1.27 7.68
C THR A 100 2.38 -0.73 7.23
N PRO A 101 3.43 -1.53 7.45
CA PRO A 101 4.80 -1.16 7.07
C PRO A 101 5.00 -1.13 5.56
N ASP A 102 5.64 -0.07 5.08
CA ASP A 102 5.89 0.07 3.64
C ASP A 102 6.39 -1.23 3.04
N VAL A 103 5.82 -1.62 1.91
CA VAL A 103 6.21 -2.86 1.23
C VAL A 103 6.80 -2.57 -0.14
N ALA A 104 8.09 -2.25 -0.17
CA ALA A 104 8.78 -1.96 -1.42
C ALA A 104 9.12 -3.24 -2.18
N VAL A 105 8.90 -3.22 -3.48
CA VAL A 105 9.19 -4.38 -4.33
C VAL A 105 9.59 -3.96 -5.73
N ARG A 106 10.50 -4.71 -6.34
CA ARG A 106 10.97 -4.42 -7.69
C ARG A 106 10.18 -5.22 -8.73
N THR A 107 9.74 -4.54 -9.78
CA THR A 107 8.98 -5.18 -10.84
C THR A 107 9.89 -5.99 -11.76
N LEU A 108 9.28 -6.76 -12.66
CA LEU A 108 10.03 -7.58 -13.60
C LEU A 108 10.66 -6.72 -14.69
N SER A 109 11.76 -7.20 -15.26
CA SER A 109 12.45 -6.47 -16.32
C SER A 109 12.20 -7.13 -17.67
N ASP A 110 11.61 -6.38 -18.59
CA ASP A 110 11.31 -6.88 -19.93
C ASP A 110 12.52 -6.73 -20.84
N SER A 111 13.27 -7.81 -20.99
CA SER A 111 14.47 -7.81 -21.84
C SER A 111 14.33 -8.79 -22.99
N GLY A 112 13.14 -8.80 -23.61
CA GLY A 112 12.91 -9.70 -24.72
C GLY A 112 12.91 -11.16 -24.30
N PRO A 113 13.15 -12.06 -25.26
CA PRO A 113 13.19 -13.51 -25.01
C PRO A 113 14.41 -13.92 -24.19
N SER A 114 14.24 -13.97 -22.87
CA SER A 114 15.32 -14.35 -21.97
C SER A 114 15.14 -15.77 -21.47
N SER A 115 16.00 -16.67 -21.94
CA SER A 115 15.93 -18.08 -21.53
C SER A 115 17.33 -18.66 -21.36
N GLY A 116 17.59 -19.24 -20.20
CA GLY A 116 18.89 -19.83 -19.93
C GLY A 116 18.90 -20.65 -18.65
#